data_2WX3
# 
_entry.id   2WX3 
# 
_audit_conform.dict_name       mmcif_pdbx.dic 
_audit_conform.dict_version    5.391 
_audit_conform.dict_location   http://mmcif.pdb.org/dictionaries/ascii/mmcif_pdbx.dic 
# 
loop_
_database_2.database_id 
_database_2.database_code 
_database_2.pdbx_database_accession 
_database_2.pdbx_DOI 
PDB   2WX3         pdb_00002wx3 10.2210/pdb2wx3/pdb 
PDBE  EBI-41597    ?            ?                   
WWPDB D_1290041597 ?            ?                   
# 
loop_
_pdbx_audit_revision_history.ordinal 
_pdbx_audit_revision_history.data_content_type 
_pdbx_audit_revision_history.major_revision 
_pdbx_audit_revision_history.minor_revision 
_pdbx_audit_revision_history.revision_date 
1 'Structure model' 1 0 2009-12-01 
2 'Structure model' 1 1 2011-05-08 
3 'Structure model' 1 2 2011-07-13 
4 'Structure model' 1 3 2024-05-08 
# 
_pdbx_audit_revision_details.ordinal             1 
_pdbx_audit_revision_details.revision_ordinal    1 
_pdbx_audit_revision_details.data_content_type   'Structure model' 
_pdbx_audit_revision_details.provider            repository 
_pdbx_audit_revision_details.type                'Initial release' 
_pdbx_audit_revision_details.description         ? 
_pdbx_audit_revision_details.details             ? 
# 
loop_
_pdbx_audit_revision_group.ordinal 
_pdbx_audit_revision_group.revision_ordinal 
_pdbx_audit_revision_group.data_content_type 
_pdbx_audit_revision_group.group 
1 2 'Structure model' 'Version format compliance' 
2 3 'Structure model' 'Version format compliance' 
3 4 'Structure model' 'Data collection'           
4 4 'Structure model' 'Database references'       
5 4 'Structure model' Other                       
# 
loop_
_pdbx_audit_revision_category.ordinal 
_pdbx_audit_revision_category.revision_ordinal 
_pdbx_audit_revision_category.data_content_type 
_pdbx_audit_revision_category.category 
1 4 'Structure model' chem_comp_atom       
2 4 'Structure model' chem_comp_bond       
3 4 'Structure model' database_2           
4 4 'Structure model' pdbx_database_status 
# 
loop_
_pdbx_audit_revision_item.ordinal 
_pdbx_audit_revision_item.revision_ordinal 
_pdbx_audit_revision_item.data_content_type 
_pdbx_audit_revision_item.item 
1 4 'Structure model' '_database_2.pdbx_DOI'                 
2 4 'Structure model' '_database_2.pdbx_database_accession'  
3 4 'Structure model' '_pdbx_database_status.status_code_sf' 
# 
_pdbx_database_status.status_code                     REL 
_pdbx_database_status.entry_id                        2WX3 
_pdbx_database_status.deposit_site                    PDBE 
_pdbx_database_status.process_site                    PDBE 
_pdbx_database_status.SG_entry                        . 
_pdbx_database_status.recvd_initial_deposition_date   2009-11-01 
_pdbx_database_status.pdb_format_compatible           Y 
_pdbx_database_status.status_code_sf                  REL 
_pdbx_database_status.status_code_mr                  ? 
_pdbx_database_status.status_code_cs                  ? 
_pdbx_database_status.methods_development_category    ? 
_pdbx_database_status.status_code_nmr_data            ? 
# 
_pdbx_database_related.db_name        PDB 
_pdbx_database_related.db_id          2WX4 
_pdbx_database_related.content_type   unspecified 
_pdbx_database_related.details        'ASYMMETRIC TRIMER OF THE DROSOPHILA MELANOGASTER DCP1 C-TERMINAL DOMAIN' 
# 
loop_
_audit_author.name 
_audit_author.pdbx_ordinal 
'Tritschler, F.'    1 
'Motz, C.'          2 
'Weichenrieder, O.' 3 
# 
_citation.id                        primary 
_citation.title                     'Dcp1 Forms Asymmetric Trimers to Assemble Into Active Mrna Decapping Complexes in Metazoa.' 
_citation.journal_abbrev            Proc.Natl.Acad.Sci.USA 
_citation.journal_volume            106 
_citation.page_first                21591 
_citation.page_last                 ? 
_citation.year                      2009 
_citation.journal_id_ASTM           PNASA6 
_citation.country                   US 
_citation.journal_id_ISSN           0027-8424 
_citation.journal_id_CSD            0040 
_citation.book_publisher            ? 
_citation.pdbx_database_id_PubMed   19966221 
_citation.pdbx_database_id_DOI      10.1073/PNAS.0909871106 
# 
loop_
_citation_author.citation_id 
_citation_author.name 
_citation_author.ordinal 
_citation_author.identifier_ORCID 
primary 'Tritschler, F.'    1 ? 
primary 'Braun, J.E.'       2 ? 
primary 'Motz, C.'          3 ? 
primary 'Igreja, C.'        4 ? 
primary 'Haas, G.'          5 ? 
primary 'Truffault, V.'     6 ? 
primary 'Izaurralde, E.'    7 ? 
primary 'Weichenrieder, O.' 8 ? 
# 
loop_
_entity.id 
_entity.type 
_entity.src_method 
_entity.pdbx_description 
_entity.formula_weight 
_entity.pdbx_number_of_molecules 
_entity.pdbx_ec 
_entity.pdbx_mutation 
_entity.pdbx_fragment 
_entity.details 
1 polymer man 'MRNA-DECAPPING ENZYME 1A' 5792.622 3  ? ? 'TRIMERIZATION DOMAIN, RESIDUES 539-582' 
'EC3.-.-.- IN UNIPROT DISPUTED BY DEPOSITOR' 
2 water   nat water                      18.015   54 ? ? ?                                        ? 
# 
_entity_poly.entity_id                      1 
_entity_poly.type                           'polypeptide(L)' 
_entity_poly.nstd_linkage                   no 
_entity_poly.nstd_monomer                   no 
_entity_poly.pdbx_seq_one_letter_code       GPHMADLSIILSKSQLQDTLIHLIKNDSSFLSTLHEVYLQVLTKNKDNHNL 
_entity_poly.pdbx_seq_one_letter_code_can   GPHMADLSIILSKSQLQDTLIHLIKNDSSFLSTLHEVYLQVLTKNKDNHNL 
_entity_poly.pdbx_strand_id                 A,B,C 
_entity_poly.pdbx_target_identifier         ? 
# 
_pdbx_entity_nonpoly.entity_id   2 
_pdbx_entity_nonpoly.name        water 
_pdbx_entity_nonpoly.comp_id     HOH 
# 
loop_
_entity_poly_seq.entity_id 
_entity_poly_seq.num 
_entity_poly_seq.mon_id 
_entity_poly_seq.hetero 
1 1  GLY n 
1 2  PRO n 
1 3  HIS n 
1 4  MET n 
1 5  ALA n 
1 6  ASP n 
1 7  LEU n 
1 8  SER n 
1 9  ILE n 
1 10 ILE n 
1 11 LEU n 
1 12 SER n 
1 13 LYS n 
1 14 SER n 
1 15 GLN n 
1 16 LEU n 
1 17 GLN n 
1 18 ASP n 
1 19 THR n 
1 20 LEU n 
1 21 ILE n 
1 22 HIS n 
1 23 LEU n 
1 24 ILE n 
1 25 LYS n 
1 26 ASN n 
1 27 ASP n 
1 28 SER n 
1 29 SER n 
1 30 PHE n 
1 31 LEU n 
1 32 SER n 
1 33 THR n 
1 34 LEU n 
1 35 HIS n 
1 36 GLU n 
1 37 VAL n 
1 38 TYR n 
1 39 LEU n 
1 40 GLN n 
1 41 VAL n 
1 42 LEU n 
1 43 THR n 
1 44 LYS n 
1 45 ASN n 
1 46 LYS n 
1 47 ASP n 
1 48 ASN n 
1 49 HIS n 
1 50 ASN n 
1 51 LEU n 
# 
_entity_src_gen.entity_id                          1 
_entity_src_gen.pdbx_src_id                        1 
_entity_src_gen.pdbx_alt_source_flag               sample 
_entity_src_gen.pdbx_seq_type                      ? 
_entity_src_gen.pdbx_beg_seq_num                   ? 
_entity_src_gen.pdbx_end_seq_num                   ? 
_entity_src_gen.gene_src_common_name               HUMAN 
_entity_src_gen.gene_src_genus                     ? 
_entity_src_gen.pdbx_gene_src_gene                 ? 
_entity_src_gen.gene_src_species                   ? 
_entity_src_gen.gene_src_strain                    ? 
_entity_src_gen.gene_src_tissue                    ? 
_entity_src_gen.gene_src_tissue_fraction           ? 
_entity_src_gen.gene_src_details                   ? 
_entity_src_gen.pdbx_gene_src_fragment             ? 
_entity_src_gen.pdbx_gene_src_scientific_name      'HOMO SAPIENS' 
_entity_src_gen.pdbx_gene_src_ncbi_taxonomy_id     9606 
_entity_src_gen.pdbx_gene_src_variant              ? 
_entity_src_gen.pdbx_gene_src_cell_line            ? 
_entity_src_gen.pdbx_gene_src_atcc                 ? 
_entity_src_gen.pdbx_gene_src_organ                ? 
_entity_src_gen.pdbx_gene_src_organelle            ? 
_entity_src_gen.pdbx_gene_src_cell                 ? 
_entity_src_gen.pdbx_gene_src_cellular_location    ? 
_entity_src_gen.host_org_common_name               ? 
_entity_src_gen.pdbx_host_org_scientific_name      'ESCHERICHIA COLI' 
_entity_src_gen.pdbx_host_org_ncbi_taxonomy_id     83333 
_entity_src_gen.host_org_genus                     ? 
_entity_src_gen.pdbx_host_org_gene                 ? 
_entity_src_gen.pdbx_host_org_organ                ? 
_entity_src_gen.host_org_species                   ? 
_entity_src_gen.pdbx_host_org_tissue               ? 
_entity_src_gen.pdbx_host_org_tissue_fraction      ? 
_entity_src_gen.pdbx_host_org_strain               K-12 
_entity_src_gen.pdbx_host_org_variant              ? 
_entity_src_gen.pdbx_host_org_cell_line            ? 
_entity_src_gen.pdbx_host_org_atcc                 ? 
_entity_src_gen.pdbx_host_org_culture_collection   ? 
_entity_src_gen.pdbx_host_org_cell                 ? 
_entity_src_gen.pdbx_host_org_organelle            ? 
_entity_src_gen.pdbx_host_org_cellular_location    ? 
_entity_src_gen.pdbx_host_org_vector_type          ? 
_entity_src_gen.pdbx_host_org_vector               ? 
_entity_src_gen.host_org_details                   ? 
_entity_src_gen.expression_system_id               ? 
_entity_src_gen.plasmid_name                       PRSFDUET-1 
_entity_src_gen.plasmid_details                    ? 
_entity_src_gen.pdbx_description                   ? 
# 
loop_
_chem_comp.id 
_chem_comp.type 
_chem_comp.mon_nstd_flag 
_chem_comp.name 
_chem_comp.pdbx_synonyms 
_chem_comp.formula 
_chem_comp.formula_weight 
ALA 'L-peptide linking' y ALANINE         ? 'C3 H7 N O2'     89.093  
ASN 'L-peptide linking' y ASPARAGINE      ? 'C4 H8 N2 O3'    132.118 
ASP 'L-peptide linking' y 'ASPARTIC ACID' ? 'C4 H7 N O4'     133.103 
GLN 'L-peptide linking' y GLUTAMINE       ? 'C5 H10 N2 O3'   146.144 
GLU 'L-peptide linking' y 'GLUTAMIC ACID' ? 'C5 H9 N O4'     147.129 
GLY 'peptide linking'   y GLYCINE         ? 'C2 H5 N O2'     75.067  
HIS 'L-peptide linking' y HISTIDINE       ? 'C6 H10 N3 O2 1' 156.162 
HOH non-polymer         . WATER           ? 'H2 O'           18.015  
ILE 'L-peptide linking' y ISOLEUCINE      ? 'C6 H13 N O2'    131.173 
LEU 'L-peptide linking' y LEUCINE         ? 'C6 H13 N O2'    131.173 
LYS 'L-peptide linking' y LYSINE          ? 'C6 H15 N2 O2 1' 147.195 
MET 'L-peptide linking' y METHIONINE      ? 'C5 H11 N O2 S'  149.211 
PHE 'L-peptide linking' y PHENYLALANINE   ? 'C9 H11 N O2'    165.189 
PRO 'L-peptide linking' y PROLINE         ? 'C5 H9 N O2'     115.130 
SER 'L-peptide linking' y SERINE          ? 'C3 H7 N O3'     105.093 
THR 'L-peptide linking' y THREONINE       ? 'C4 H9 N O3'     119.119 
TYR 'L-peptide linking' y TYROSINE        ? 'C9 H11 N O3'    181.189 
VAL 'L-peptide linking' y VALINE          ? 'C5 H11 N O2'    117.146 
# 
loop_
_pdbx_poly_seq_scheme.asym_id 
_pdbx_poly_seq_scheme.entity_id 
_pdbx_poly_seq_scheme.seq_id 
_pdbx_poly_seq_scheme.mon_id 
_pdbx_poly_seq_scheme.ndb_seq_num 
_pdbx_poly_seq_scheme.pdb_seq_num 
_pdbx_poly_seq_scheme.auth_seq_num 
_pdbx_poly_seq_scheme.pdb_mon_id 
_pdbx_poly_seq_scheme.auth_mon_id 
_pdbx_poly_seq_scheme.pdb_strand_id 
_pdbx_poly_seq_scheme.pdb_ins_code 
_pdbx_poly_seq_scheme.hetero 
A 1 1  GLY 1  532 532 GLY GLY A . n 
A 1 2  PRO 2  533 533 PRO PRO A . n 
A 1 3  HIS 3  534 534 HIS HIS A . n 
A 1 4  MET 4  535 535 MET MET A . n 
A 1 5  ALA 5  536 536 ALA ALA A . n 
A 1 6  ASP 6  537 537 ASP ASP A . n 
A 1 7  LEU 7  538 538 LEU LEU A . n 
A 1 8  SER 8  539 539 SER SER A . n 
A 1 9  ILE 9  540 540 ILE ILE A . n 
A 1 10 ILE 10 541 541 ILE ILE A . n 
A 1 11 LEU 11 542 542 LEU LEU A . n 
A 1 12 SER 12 543 543 SER SER A . n 
A 1 13 LYS 13 544 544 LYS LYS A . n 
A 1 14 SER 14 545 545 SER SER A . n 
A 1 15 GLN 15 546 546 GLN GLN A . n 
A 1 16 LEU 16 547 547 LEU LEU A . n 
A 1 17 GLN 17 548 548 GLN GLN A . n 
A 1 18 ASP 18 549 549 ASP ASP A . n 
A 1 19 THR 19 550 550 THR THR A . n 
A 1 20 LEU 20 551 551 LEU LEU A . n 
A 1 21 ILE 21 552 552 ILE ILE A . n 
A 1 22 HIS 22 553 553 HIS HIS A . n 
A 1 23 LEU 23 554 554 LEU LEU A . n 
A 1 24 ILE 24 555 555 ILE ILE A . n 
A 1 25 LYS 25 556 556 LYS LYS A . n 
A 1 26 ASN 26 557 557 ASN ASN A . n 
A 1 27 ASP 27 558 558 ASP ASP A . n 
A 1 28 SER 28 559 559 SER SER A . n 
A 1 29 SER 29 560 560 SER SER A . n 
A 1 30 PHE 30 561 561 PHE PHE A . n 
A 1 31 LEU 31 562 562 LEU LEU A . n 
A 1 32 SER 32 563 563 SER SER A . n 
A 1 33 THR 33 564 564 THR THR A . n 
A 1 34 LEU 34 565 565 LEU LEU A . n 
A 1 35 HIS 35 566 566 HIS HIS A . n 
A 1 36 GLU 36 567 567 GLU GLU A . n 
A 1 37 VAL 37 568 568 VAL VAL A . n 
A 1 38 TYR 38 569 569 TYR TYR A . n 
A 1 39 LEU 39 570 570 LEU LEU A . n 
A 1 40 GLN 40 571 571 GLN GLN A . n 
A 1 41 VAL 41 572 572 VAL VAL A . n 
A 1 42 LEU 42 573 573 LEU LEU A . n 
A 1 43 THR 43 574 574 THR THR A . n 
A 1 44 LYS 44 575 ?   ?   ?   A . n 
A 1 45 ASN 45 576 ?   ?   ?   A . n 
A 1 46 LYS 46 577 ?   ?   ?   A . n 
A 1 47 ASP 47 578 ?   ?   ?   A . n 
A 1 48 ASN 48 579 ?   ?   ?   A . n 
A 1 49 HIS 49 580 ?   ?   ?   A . n 
A 1 50 ASN 50 581 ?   ?   ?   A . n 
A 1 51 LEU 51 582 ?   ?   ?   A . n 
B 1 1  GLY 1  532 ?   ?   ?   B . n 
B 1 2  PRO 2  533 ?   ?   ?   B . n 
B 1 3  HIS 3  534 ?   ?   ?   B . n 
B 1 4  MET 4  535 535 MET MET B . n 
B 1 5  ALA 5  536 536 ALA ALA B . n 
B 1 6  ASP 6  537 537 ASP ASP B . n 
B 1 7  LEU 7  538 538 LEU LEU B . n 
B 1 8  SER 8  539 539 SER SER B . n 
B 1 9  ILE 9  540 540 ILE ILE B . n 
B 1 10 ILE 10 541 541 ILE ILE B . n 
B 1 11 LEU 11 542 542 LEU LEU B . n 
B 1 12 SER 12 543 543 SER SER B . n 
B 1 13 LYS 13 544 544 LYS LYS B . n 
B 1 14 SER 14 545 545 SER SER B . n 
B 1 15 GLN 15 546 546 GLN GLN B . n 
B 1 16 LEU 16 547 547 LEU LEU B . n 
B 1 17 GLN 17 548 548 GLN GLN B . n 
B 1 18 ASP 18 549 549 ASP ASP B . n 
B 1 19 THR 19 550 550 THR THR B . n 
B 1 20 LEU 20 551 551 LEU LEU B . n 
B 1 21 ILE 21 552 552 ILE ILE B . n 
B 1 22 HIS 22 553 553 HIS HIS B . n 
B 1 23 LEU 23 554 554 LEU LEU B . n 
B 1 24 ILE 24 555 555 ILE ILE B . n 
B 1 25 LYS 25 556 556 LYS LYS B . n 
B 1 26 ASN 26 557 557 ASN ASN B . n 
B 1 27 ASP 27 558 558 ASP ASP B . n 
B 1 28 SER 28 559 559 SER SER B . n 
B 1 29 SER 29 560 560 SER SER B . n 
B 1 30 PHE 30 561 561 PHE PHE B . n 
B 1 31 LEU 31 562 562 LEU LEU B . n 
B 1 32 SER 32 563 563 SER SER B . n 
B 1 33 THR 33 564 564 THR THR B . n 
B 1 34 LEU 34 565 565 LEU LEU B . n 
B 1 35 HIS 35 566 566 HIS HIS B . n 
B 1 36 GLU 36 567 567 GLU GLU B . n 
B 1 37 VAL 37 568 568 VAL VAL B . n 
B 1 38 TYR 38 569 569 TYR TYR B . n 
B 1 39 LEU 39 570 570 LEU LEU B . n 
B 1 40 GLN 40 571 571 GLN GLN B . n 
B 1 41 VAL 41 572 572 VAL VAL B . n 
B 1 42 LEU 42 573 573 LEU LEU B . n 
B 1 43 THR 43 574 574 THR THR B . n 
B 1 44 LYS 44 575 575 LYS LYS B . n 
B 1 45 ASN 45 576 576 ASN ASN B . n 
B 1 46 LYS 46 577 ?   ?   ?   B . n 
B 1 47 ASP 47 578 ?   ?   ?   B . n 
B 1 48 ASN 48 579 ?   ?   ?   B . n 
B 1 49 HIS 49 580 ?   ?   ?   B . n 
B 1 50 ASN 50 581 ?   ?   ?   B . n 
B 1 51 LEU 51 582 ?   ?   ?   B . n 
C 1 1  GLY 1  532 ?   ?   ?   C . n 
C 1 2  PRO 2  533 ?   ?   ?   C . n 
C 1 3  HIS 3  534 ?   ?   ?   C . n 
C 1 4  MET 4  535 ?   ?   ?   C . n 
C 1 5  ALA 5  536 536 ALA ALA C . n 
C 1 6  ASP 6  537 537 ASP ASP C . n 
C 1 7  LEU 7  538 538 LEU LEU C . n 
C 1 8  SER 8  539 539 SER SER C . n 
C 1 9  ILE 9  540 540 ILE ILE C . n 
C 1 10 ILE 10 541 541 ILE ILE C . n 
C 1 11 LEU 11 542 542 LEU LEU C . n 
C 1 12 SER 12 543 543 SER SER C . n 
C 1 13 LYS 13 544 544 LYS LYS C . n 
C 1 14 SER 14 545 545 SER SER C . n 
C 1 15 GLN 15 546 546 GLN GLN C . n 
C 1 16 LEU 16 547 547 LEU LEU C . n 
C 1 17 GLN 17 548 548 GLN GLN C . n 
C 1 18 ASP 18 549 549 ASP ASP C . n 
C 1 19 THR 19 550 550 THR THR C . n 
C 1 20 LEU 20 551 551 LEU LEU C . n 
C 1 21 ILE 21 552 552 ILE ILE C . n 
C 1 22 HIS 22 553 553 HIS HIS C . n 
C 1 23 LEU 23 554 554 LEU LEU C . n 
C 1 24 ILE 24 555 555 ILE ILE C . n 
C 1 25 LYS 25 556 556 LYS LYS C . n 
C 1 26 ASN 26 557 557 ASN ASN C . n 
C 1 27 ASP 27 558 558 ASP ASP C . n 
C 1 28 SER 28 559 559 SER SER C . n 
C 1 29 SER 29 560 560 SER SER C . n 
C 1 30 PHE 30 561 561 PHE PHE C . n 
C 1 31 LEU 31 562 562 LEU LEU C . n 
C 1 32 SER 32 563 563 SER SER C . n 
C 1 33 THR 33 564 564 THR THR C . n 
C 1 34 LEU 34 565 565 LEU LEU C . n 
C 1 35 HIS 35 566 566 HIS HIS C . n 
C 1 36 GLU 36 567 567 GLU GLU C . n 
C 1 37 VAL 37 568 568 VAL VAL C . n 
C 1 38 TYR 38 569 569 TYR TYR C . n 
C 1 39 LEU 39 570 570 LEU LEU C . n 
C 1 40 GLN 40 571 571 GLN GLN C . n 
C 1 41 VAL 41 572 572 VAL VAL C . n 
C 1 42 LEU 42 573 573 LEU LEU C . n 
C 1 43 THR 43 574 574 THR THR C . n 
C 1 44 LYS 44 575 575 LYS LYS C . n 
C 1 45 ASN 45 576 576 ASN ASN C . n 
C 1 46 LYS 46 577 577 LYS LYS C . n 
C 1 47 ASP 47 578 578 ASP ASP C . n 
C 1 48 ASN 48 579 579 ASN ASN C . n 
C 1 49 HIS 49 580 580 HIS HIS C . n 
C 1 50 ASN 50 581 581 ASN ASN C . n 
C 1 51 LEU 51 582 582 LEU LEU C . n 
# 
loop_
_pdbx_nonpoly_scheme.asym_id 
_pdbx_nonpoly_scheme.entity_id 
_pdbx_nonpoly_scheme.mon_id 
_pdbx_nonpoly_scheme.ndb_seq_num 
_pdbx_nonpoly_scheme.pdb_seq_num 
_pdbx_nonpoly_scheme.auth_seq_num 
_pdbx_nonpoly_scheme.pdb_mon_id 
_pdbx_nonpoly_scheme.auth_mon_id 
_pdbx_nonpoly_scheme.pdb_strand_id 
_pdbx_nonpoly_scheme.pdb_ins_code 
D 2 HOH 1  2001 2001 HOH HOH A . 
D 2 HOH 2  2002 2002 HOH HOH A . 
D 2 HOH 3  2003 2003 HOH HOH A . 
D 2 HOH 4  2004 2004 HOH HOH A . 
D 2 HOH 5  2005 2005 HOH HOH A . 
D 2 HOH 6  2006 2006 HOH HOH A . 
D 2 HOH 7  2007 2007 HOH HOH A . 
D 2 HOH 8  2008 2008 HOH HOH A . 
D 2 HOH 9  2009 2009 HOH HOH A . 
D 2 HOH 10 2010 2010 HOH HOH A . 
D 2 HOH 11 2011 2011 HOH HOH A . 
E 2 HOH 1  2001 2001 HOH HOH B . 
E 2 HOH 2  2002 2002 HOH HOH B . 
E 2 HOH 3  2003 2003 HOH HOH B . 
E 2 HOH 4  2004 2004 HOH HOH B . 
E 2 HOH 5  2005 2005 HOH HOH B . 
E 2 HOH 6  2006 2006 HOH HOH B . 
E 2 HOH 7  2007 2007 HOH HOH B . 
E 2 HOH 8  2008 2008 HOH HOH B . 
E 2 HOH 9  2009 2009 HOH HOH B . 
E 2 HOH 10 2010 2010 HOH HOH B . 
E 2 HOH 11 2011 2011 HOH HOH B . 
E 2 HOH 12 2012 2012 HOH HOH B . 
E 2 HOH 13 2013 2013 HOH HOH B . 
E 2 HOH 14 2014 2014 HOH HOH B . 
E 2 HOH 15 2015 2015 HOH HOH B . 
E 2 HOH 16 2016 2016 HOH HOH B . 
E 2 HOH 17 2017 2017 HOH HOH B . 
E 2 HOH 18 2018 2018 HOH HOH B . 
E 2 HOH 19 2019 2019 HOH HOH B . 
E 2 HOH 20 2020 2020 HOH HOH B . 
F 2 HOH 1  2001 2001 HOH HOH C . 
F 2 HOH 2  2002 2002 HOH HOH C . 
F 2 HOH 3  2003 2003 HOH HOH C . 
F 2 HOH 4  2004 2004 HOH HOH C . 
F 2 HOH 5  2005 2005 HOH HOH C . 
F 2 HOH 6  2006 2006 HOH HOH C . 
F 2 HOH 7  2007 2007 HOH HOH C . 
F 2 HOH 8  2008 2008 HOH HOH C . 
F 2 HOH 9  2009 2009 HOH HOH C . 
F 2 HOH 10 2010 2010 HOH HOH C . 
F 2 HOH 11 2011 2011 HOH HOH C . 
F 2 HOH 12 2012 2012 HOH HOH C . 
F 2 HOH 13 2013 2013 HOH HOH C . 
F 2 HOH 14 2014 2014 HOH HOH C . 
F 2 HOH 15 2015 2015 HOH HOH C . 
F 2 HOH 16 2016 2016 HOH HOH C . 
F 2 HOH 17 2017 2017 HOH HOH C . 
F 2 HOH 18 2018 2018 HOH HOH C . 
F 2 HOH 19 2019 2019 HOH HOH C . 
F 2 HOH 20 2020 2020 HOH HOH C . 
F 2 HOH 21 2021 2021 HOH HOH C . 
F 2 HOH 22 2022 2022 HOH HOH C . 
F 2 HOH 23 2023 2023 HOH HOH C . 
# 
loop_
_software.name 
_software.classification 
_software.version 
_software.citation_id 
_software.pdbx_ordinal 
REFMAC    refinement       5.5.0072 ? 1 
XDS       'data reduction' .        ? 2 
XSCALE    'data scaling'   .        ? 3 
autoSHARP phasing          .        ? 4 
# 
_cell.entry_id           2WX3 
_cell.length_a           64.750 
_cell.length_b           64.750 
_cell.length_c           103.030 
_cell.angle_alpha        90.00 
_cell.angle_beta         90.00 
_cell.angle_gamma        120.00 
_cell.Z_PDB              18 
_cell.pdbx_unique_axis   ? 
# 
_symmetry.entry_id                         2WX3 
_symmetry.space_group_name_H-M             'P 32 2 1' 
_symmetry.pdbx_full_space_group_name_H-M   ? 
_symmetry.cell_setting                     ? 
_symmetry.Int_Tables_number                154 
# 
_exptl.entry_id          2WX3 
_exptl.method            'X-RAY DIFFRACTION' 
_exptl.crystals_number   1 
# 
_exptl_crystal.id                    1 
_exptl_crystal.density_meas          ? 
_exptl_crystal.density_Matthews      3.6 
_exptl_crystal.density_percent_sol   66 
_exptl_crystal.description           NONE 
# 
_exptl_crystal_grow.crystal_id      1 
_exptl_crystal_grow.method          ? 
_exptl_crystal_grow.temp            ? 
_exptl_crystal_grow.temp_details    ? 
_exptl_crystal_grow.pH              6.0 
_exptl_crystal_grow.pdbx_pH_range   ? 
_exptl_crystal_grow.pdbx_details    '50MM MES (PH 6.0), 1.2M NA-MALONATE' 
# 
_diffrn.id                     1 
_diffrn.ambient_temp           100 
_diffrn.ambient_temp_details   ? 
_diffrn.crystal_id             1 
# 
_diffrn_detector.diffrn_id              1 
_diffrn_detector.detector               CCD 
_diffrn_detector.type                   MARRESEARCH 
_diffrn_detector.pdbx_collection_date   2008-12-08 
_diffrn_detector.details                MIRRORS 
# 
_diffrn_radiation.diffrn_id                        1 
_diffrn_radiation.wavelength_id                    1 
_diffrn_radiation.pdbx_monochromatic_or_laue_m_l   M 
_diffrn_radiation.monochromator                    'SI(111)MONOCHROMATOR' 
_diffrn_radiation.pdbx_diffrn_protocol             'SINGLE WAVELENGTH' 
_diffrn_radiation.pdbx_scattering_type             x-ray 
# 
loop_
_diffrn_radiation_wavelength.id 
_diffrn_radiation_wavelength.wavelength 
_diffrn_radiation_wavelength.wt 
1 1.0688 1.0 
2 0.9792 1.0 
# 
_diffrn_source.diffrn_id                   1 
_diffrn_source.source                      SYNCHROTRON 
_diffrn_source.type                        'SLS BEAMLINE X10SA' 
_diffrn_source.pdbx_synchrotron_site       SLS 
_diffrn_source.pdbx_synchrotron_beamline   X10SA 
_diffrn_source.pdbx_wavelength             ? 
_diffrn_source.pdbx_wavelength_list        '1.0688, 0.9792' 
# 
_reflns.pdbx_diffrn_id               1 
_reflns.pdbx_ordinal                 1 
_reflns.entry_id                     2WX3 
_reflns.observed_criterion_sigma_I   0.0 
_reflns.observed_criterion_sigma_F   ? 
_reflns.d_resolution_low             80.00 
_reflns.d_resolution_high            2.30 
_reflns.number_obs                   11317 
_reflns.number_all                   ? 
_reflns.percent_possible_obs         98.9 
_reflns.pdbx_Rmerge_I_obs            ? 
_reflns.pdbx_Rsym_value              0.08 
_reflns.pdbx_netI_over_sigmaI        11.90 
_reflns.B_iso_Wilson_estimate        44.1 
_reflns.pdbx_redundancy              3.5 
# 
_reflns_shell.pdbx_diffrn_id         1 
_reflns_shell.pdbx_ordinal           1 
_reflns_shell.d_res_high             2.31 
_reflns_shell.d_res_low              2.37 
_reflns_shell.percent_possible_all   95.7 
_reflns_shell.Rmerge_I_obs           ? 
_reflns_shell.pdbx_Rsym_value        0.56 
_reflns_shell.meanI_over_sigI_obs    2.50 
_reflns_shell.pdbx_redundancy        3.5 
# 
_refine.pdbx_refine_id                           'X-RAY DIFFRACTION' 
_refine.entry_id                                 2WX3 
_refine.pdbx_diffrn_id                           1 
_refine.pdbx_TLS_residual_ADP_flag               ? 
_refine.ls_number_reflns_obs                     10707 
_refine.ls_number_reflns_all                     ? 
_refine.pdbx_ls_sigma_I                          ? 
_refine.pdbx_ls_sigma_F                          . 
_refine.pdbx_data_cutoff_high_absF               ? 
_refine.pdbx_data_cutoff_low_absF                ? 
_refine.pdbx_data_cutoff_high_rms_absF           ? 
_refine.ls_d_res_low                             56.08 
_refine.ls_d_res_high                            2.31 
_refine.ls_percent_reflns_obs                    98.92 
_refine.ls_R_factor_obs                          0.21007 
_refine.ls_R_factor_all                          ? 
_refine.ls_R_factor_R_work                       0.20793 
_refine.ls_R_factor_R_free                       0.25232 
_refine.ls_R_factor_R_free_error                 ? 
_refine.ls_R_factor_R_free_error_details         ? 
_refine.ls_percent_reflns_R_free                 5.4 
_refine.ls_number_reflns_R_free                  608 
_refine.ls_number_parameters                     ? 
_refine.ls_number_restraints                     ? 
_refine.occupancy_min                            ? 
_refine.occupancy_max                            ? 
_refine.correlation_coeff_Fo_to_Fc               0.933 
_refine.correlation_coeff_Fo_to_Fc_free          0.882 
_refine.B_iso_mean                               33.402 
_refine.aniso_B[1][1]                            0.11 
_refine.aniso_B[2][2]                            0.11 
_refine.aniso_B[3][3]                            -0.16 
_refine.aniso_B[1][2]                            0.05 
_refine.aniso_B[1][3]                            -0.00 
_refine.aniso_B[2][3]                            -0.00 
_refine.solvent_model_details                    MASK 
_refine.solvent_model_param_ksol                 ? 
_refine.solvent_model_param_bsol                 ? 
_refine.pdbx_solvent_vdw_probe_radii             1.40 
_refine.pdbx_solvent_ion_probe_radii             0.80 
_refine.pdbx_solvent_shrinkage_radii             0.80 
_refine.pdbx_ls_cross_valid_method               THROUGHOUT 
_refine.details                                  
;HYDROGENS HAVE BEEN ADDED IN THE RIDING POSITIONS. U VALUES REFINED INDIVIDUALLY. RESIDUES A575-A582, B532-B534, B577-B582, C532-C535 ARE DISORDERED.
;
_refine.pdbx_starting_model                      NONE 
_refine.pdbx_method_to_determine_struct          SAD 
_refine.pdbx_isotropic_thermal_model             ? 
_refine.pdbx_stereochemistry_target_values       'MAXIMUM LIKELIHOOD' 
_refine.pdbx_stereochem_target_val_spec_case     ? 
_refine.pdbx_R_Free_selection_details            RANDOM 
_refine.pdbx_overall_ESU_R                       0.206 
_refine.pdbx_overall_ESU_R_Free                  0.191 
_refine.overall_SU_ML                            0.140 
_refine.pdbx_overall_phase_error                 ? 
_refine.overall_SU_B                             5.699 
_refine.overall_SU_R_Cruickshank_DPI             ? 
_refine.pdbx_overall_SU_R_free_Cruickshank_DPI   ? 
_refine.pdbx_overall_SU_R_Blow_DPI               ? 
_refine.pdbx_overall_SU_R_free_Blow_DPI          ? 
# 
_refine_hist.pdbx_refine_id                   'X-RAY DIFFRACTION' 
_refine_hist.cycle_id                         LAST 
_refine_hist.pdbx_number_atoms_protein        1050 
_refine_hist.pdbx_number_atoms_nucleic_acid   0 
_refine_hist.pdbx_number_atoms_ligand         0 
_refine_hist.number_atoms_solvent             54 
_refine_hist.number_atoms_total               1104 
_refine_hist.d_res_high                       2.31 
_refine_hist.d_res_low                        56.08 
# 
loop_
_refine_ls_restr.type 
_refine_ls_restr.dev_ideal 
_refine_ls_restr.dev_ideal_target 
_refine_ls_restr.weight 
_refine_ls_restr.number 
_refine_ls_restr.pdbx_refine_id 
_refine_ls_restr.pdbx_restraint_function 
r_bond_refined_d             0.018  0.021  ? 1062 'X-RAY DIFFRACTION' ? 
r_bond_other_d               ?      ?      ? ?    'X-RAY DIFFRACTION' ? 
r_angle_refined_deg          1.648  1.980  ? 1437 'X-RAY DIFFRACTION' ? 
r_angle_other_deg            ?      ?      ? ?    'X-RAY DIFFRACTION' ? 
r_dihedral_angle_1_deg       6.195  5.000  ? 129  'X-RAY DIFFRACTION' ? 
r_dihedral_angle_2_deg       39.487 26.744 ? 43   'X-RAY DIFFRACTION' ? 
r_dihedral_angle_3_deg       14.470 15.000 ? 210  'X-RAY DIFFRACTION' ? 
r_dihedral_angle_4_deg       ?      ?      ? ?    'X-RAY DIFFRACTION' ? 
r_chiral_restr               0.104  0.200  ? 186  'X-RAY DIFFRACTION' ? 
r_gen_planes_refined         0.007  0.020  ? 733  'X-RAY DIFFRACTION' ? 
r_gen_planes_other           ?      ?      ? ?    'X-RAY DIFFRACTION' ? 
r_nbd_refined                ?      ?      ? ?    'X-RAY DIFFRACTION' ? 
r_nbd_other                  ?      ?      ? ?    'X-RAY DIFFRACTION' ? 
r_nbtor_refined              ?      ?      ? ?    'X-RAY DIFFRACTION' ? 
r_nbtor_other                ?      ?      ? ?    'X-RAY DIFFRACTION' ? 
r_xyhbond_nbd_refined        ?      ?      ? ?    'X-RAY DIFFRACTION' ? 
r_xyhbond_nbd_other          ?      ?      ? ?    'X-RAY DIFFRACTION' ? 
r_metal_ion_refined          ?      ?      ? ?    'X-RAY DIFFRACTION' ? 
r_metal_ion_other            ?      ?      ? ?    'X-RAY DIFFRACTION' ? 
r_symmetry_vdw_refined       ?      ?      ? ?    'X-RAY DIFFRACTION' ? 
r_symmetry_vdw_other         ?      ?      ? ?    'X-RAY DIFFRACTION' ? 
r_symmetry_hbond_refined     ?      ?      ? ?    'X-RAY DIFFRACTION' ? 
r_symmetry_hbond_other       ?      ?      ? ?    'X-RAY DIFFRACTION' ? 
r_symmetry_metal_ion_refined ?      ?      ? ?    'X-RAY DIFFRACTION' ? 
r_symmetry_metal_ion_other   ?      ?      ? ?    'X-RAY DIFFRACTION' ? 
r_mcbond_it                  1.119  1.500  ? 658  'X-RAY DIFFRACTION' ? 
r_mcbond_other               ?      ?      ? ?    'X-RAY DIFFRACTION' ? 
r_mcangle_it                 2.169  2.000  ? 1073 'X-RAY DIFFRACTION' ? 
r_mcangle_other              ?      ?      ? ?    'X-RAY DIFFRACTION' ? 
r_scbond_it                  3.518  3.000  ? 404  'X-RAY DIFFRACTION' ? 
r_scbond_other               ?      ?      ? ?    'X-RAY DIFFRACTION' ? 
r_scangle_it                 5.879  4.500  ? 364  'X-RAY DIFFRACTION' ? 
r_scangle_other              ?      ?      ? ?    'X-RAY DIFFRACTION' ? 
r_long_range_B_refined       ?      ?      ? ?    'X-RAY DIFFRACTION' ? 
r_long_range_B_other         ?      ?      ? ?    'X-RAY DIFFRACTION' ? 
r_rigid_bond_restr           ?      ?      ? ?    'X-RAY DIFFRACTION' ? 
r_sphericity_free            ?      ?      ? ?    'X-RAY DIFFRACTION' ? 
r_sphericity_bonded          ?      ?      ? ?    'X-RAY DIFFRACTION' ? 
# 
_refine_ls_shell.pdbx_refine_id                   'X-RAY DIFFRACTION' 
_refine_ls_shell.pdbx_total_number_of_bins_used   20 
_refine_ls_shell.d_res_high                       2.310 
_refine_ls_shell.d_res_low                        2.369 
_refine_ls_shell.number_reflns_R_work             698 
_refine_ls_shell.R_factor_R_work                  0.247 
_refine_ls_shell.percent_reflns_obs               95.66 
_refine_ls_shell.R_factor_R_free                  0.331 
_refine_ls_shell.R_factor_R_free_error            ? 
_refine_ls_shell.percent_reflns_R_free            ? 
_refine_ls_shell.number_reflns_R_free             74 
_refine_ls_shell.number_reflns_all                ? 
_refine_ls_shell.R_factor_all                     ? 
# 
_struct.entry_id                  2WX3 
_struct.title                     'Asymmetric trimer of the human DCP1a C-terminal domain' 
_struct.pdbx_model_details        ? 
_struct.pdbx_CASP_flag            ? 
_struct.pdbx_model_type_details   ? 
# 
_struct_keywords.entry_id        2WX3 
_struct_keywords.pdbx_keywords   'STRUCTURAL PROTEIN' 
_struct_keywords.text            'STRUCTURAL PROTEIN, TRIMERIZATION MODULE, MRNA DECAPPING, P-BODY COMPONENT, ASYMMETRIC ASSEMBLY' 
# 
loop_
_struct_asym.id 
_struct_asym.pdbx_blank_PDB_chainid_flag 
_struct_asym.pdbx_modified 
_struct_asym.entity_id 
_struct_asym.details 
A N N 1 ? 
B N N 1 ? 
C N N 1 ? 
D N N 2 ? 
E N N 2 ? 
F N N 2 ? 
# 
loop_
_struct_ref.id 
_struct_ref.db_name 
_struct_ref.db_code 
_struct_ref.entity_id 
_struct_ref.pdbx_seq_one_letter_code 
_struct_ref.pdbx_align_begin 
_struct_ref.pdbx_db_accession 
_struct_ref.pdbx_db_isoform 
1 PDB 2WX3        1 ? ? 2WX3   ? 
2 UNP DCP1A_HUMAN 1 ? ? Q9NPI6 ? 
# 
loop_
_struct_ref_seq.align_id 
_struct_ref_seq.ref_id 
_struct_ref_seq.pdbx_PDB_id_code 
_struct_ref_seq.pdbx_strand_id 
_struct_ref_seq.seq_align_beg 
_struct_ref_seq.pdbx_seq_align_beg_ins_code 
_struct_ref_seq.seq_align_end 
_struct_ref_seq.pdbx_seq_align_end_ins_code 
_struct_ref_seq.pdbx_db_accession 
_struct_ref_seq.db_align_beg 
_struct_ref_seq.pdbx_db_align_beg_ins_code 
_struct_ref_seq.db_align_end 
_struct_ref_seq.pdbx_db_align_end_ins_code 
_struct_ref_seq.pdbx_auth_seq_align_beg 
_struct_ref_seq.pdbx_auth_seq_align_end 
1 1 2WX3 A 1 ? 7  ? 2WX3   532 ? 538 ? 532 538 
2 2 2WX3 A 8 ? 51 ? Q9NPI6 539 ? 582 ? 539 582 
3 1 2WX3 B 1 ? 7  ? 2WX3   532 ? 538 ? 532 538 
4 2 2WX3 B 8 ? 51 ? Q9NPI6 539 ? 582 ? 539 582 
5 1 2WX3 C 1 ? 7  ? 2WX3   532 ? 538 ? 532 538 
6 2 2WX3 C 8 ? 51 ? Q9NPI6 539 ? 582 ? 539 582 
# 
_pdbx_struct_assembly.id                   1 
_pdbx_struct_assembly.details              software_defined_assembly 
_pdbx_struct_assembly.method_details       PISA 
_pdbx_struct_assembly.oligomeric_details   trimeric 
_pdbx_struct_assembly.oligomeric_count     3 
# 
loop_
_pdbx_struct_assembly_prop.biol_id 
_pdbx_struct_assembly_prop.type 
_pdbx_struct_assembly_prop.value 
_pdbx_struct_assembly_prop.details 
1 'ABSA (A^2)' 5470   ? 
1 MORE         -57.39 ? 
1 'SSA (A^2)'  8010   ? 
# 
_pdbx_struct_assembly_gen.assembly_id       1 
_pdbx_struct_assembly_gen.oper_expression   1 
_pdbx_struct_assembly_gen.asym_id_list      A,B,C,D,E,F 
# 
_pdbx_struct_oper_list.id                   1 
_pdbx_struct_oper_list.type                 'identity operation' 
_pdbx_struct_oper_list.name                 1_555 
_pdbx_struct_oper_list.symmetry_operation   x,y,z 
_pdbx_struct_oper_list.matrix[1][1]         1.0000000000 
_pdbx_struct_oper_list.matrix[1][2]         0.0000000000 
_pdbx_struct_oper_list.matrix[1][3]         0.0000000000 
_pdbx_struct_oper_list.vector[1]            0.0000000000 
_pdbx_struct_oper_list.matrix[2][1]         0.0000000000 
_pdbx_struct_oper_list.matrix[2][2]         1.0000000000 
_pdbx_struct_oper_list.matrix[2][3]         0.0000000000 
_pdbx_struct_oper_list.vector[2]            0.0000000000 
_pdbx_struct_oper_list.matrix[3][1]         0.0000000000 
_pdbx_struct_oper_list.matrix[3][2]         0.0000000000 
_pdbx_struct_oper_list.matrix[3][3]         1.0000000000 
_pdbx_struct_oper_list.vector[3]            0.0000000000 
# 
_struct_biol.id   1 
# 
loop_
_struct_conf.conf_type_id 
_struct_conf.id 
_struct_conf.pdbx_PDB_helix_id 
_struct_conf.beg_label_comp_id 
_struct_conf.beg_label_asym_id 
_struct_conf.beg_label_seq_id 
_struct_conf.pdbx_beg_PDB_ins_code 
_struct_conf.end_label_comp_id 
_struct_conf.end_label_asym_id 
_struct_conf.end_label_seq_id 
_struct_conf.pdbx_end_PDB_ins_code 
_struct_conf.beg_auth_comp_id 
_struct_conf.beg_auth_asym_id 
_struct_conf.beg_auth_seq_id 
_struct_conf.end_auth_comp_id 
_struct_conf.end_auth_asym_id 
_struct_conf.end_auth_seq_id 
_struct_conf.pdbx_PDB_helix_class 
_struct_conf.details 
_struct_conf.pdbx_PDB_helix_length 
HELX_P HELX_P1 1 ASP A 6  ? ASN A 26 ? ASP A 537 ASN A 557 1 ? 21 
HELX_P HELX_P2 2 SER A 28 ? GLN A 40 ? SER A 559 GLN A 571 1 ? 13 
HELX_P HELX_P3 3 LYS B 13 ? ASN B 26 ? LYS B 544 ASN B 557 1 ? 14 
HELX_P HELX_P4 4 SER B 28 ? LEU B 42 ? SER B 559 LEU B 573 1 ? 15 
HELX_P HELX_P5 5 LYS C 13 ? ASN C 26 ? LYS C 544 ASN C 557 1 ? 14 
HELX_P HELX_P6 6 SER C 28 ? ASN C 45 ? SER C 559 ASN C 576 1 ? 18 
# 
_struct_conf_type.id          HELX_P 
_struct_conf_type.criteria    ? 
_struct_conf_type.reference   ? 
# 
_pdbx_validate_torsion.id              1 
_pdbx_validate_torsion.PDB_model_num   1 
_pdbx_validate_torsion.auth_comp_id    VAL 
_pdbx_validate_torsion.auth_asym_id    A 
_pdbx_validate_torsion.auth_seq_id     572 
_pdbx_validate_torsion.PDB_ins_code    ? 
_pdbx_validate_torsion.label_alt_id    ? 
_pdbx_validate_torsion.phi             -101.65 
_pdbx_validate_torsion.psi             -60.21 
# 
_pdbx_database_remark.id     650 
_pdbx_database_remark.text   
;
HELIX
DETERMINATION METHOD: AUTHOR PROVIDED.
;
# 
_pdbx_entry_details.entry_id                 2WX3 
_pdbx_entry_details.compound_details         ? 
_pdbx_entry_details.source_details           ? 
_pdbx_entry_details.nonpolymer_details       ? 
_pdbx_entry_details.sequence_details         'N-TERMINAL CLONING TAG - GPHMADL' 
_pdbx_entry_details.has_ligand_of_interest   ? 
# 
loop_
_pdbx_unobs_or_zero_occ_residues.id 
_pdbx_unobs_or_zero_occ_residues.PDB_model_num 
_pdbx_unobs_or_zero_occ_residues.polymer_flag 
_pdbx_unobs_or_zero_occ_residues.occupancy_flag 
_pdbx_unobs_or_zero_occ_residues.auth_asym_id 
_pdbx_unobs_or_zero_occ_residues.auth_comp_id 
_pdbx_unobs_or_zero_occ_residues.auth_seq_id 
_pdbx_unobs_or_zero_occ_residues.PDB_ins_code 
_pdbx_unobs_or_zero_occ_residues.label_asym_id 
_pdbx_unobs_or_zero_occ_residues.label_comp_id 
_pdbx_unobs_or_zero_occ_residues.label_seq_id 
1  1 Y 1 A LYS 575 ? A LYS 44 
2  1 Y 1 A ASN 576 ? A ASN 45 
3  1 Y 1 A LYS 577 ? A LYS 46 
4  1 Y 1 A ASP 578 ? A ASP 47 
5  1 Y 1 A ASN 579 ? A ASN 48 
6  1 Y 1 A HIS 580 ? A HIS 49 
7  1 Y 1 A ASN 581 ? A ASN 50 
8  1 Y 1 A LEU 582 ? A LEU 51 
9  1 Y 1 B GLY 532 ? B GLY 1  
10 1 Y 1 B PRO 533 ? B PRO 2  
11 1 Y 1 B HIS 534 ? B HIS 3  
12 1 Y 1 B LYS 577 ? B LYS 46 
13 1 Y 1 B ASP 578 ? B ASP 47 
14 1 Y 1 B ASN 579 ? B ASN 48 
15 1 Y 1 B HIS 580 ? B HIS 49 
16 1 Y 1 B ASN 581 ? B ASN 50 
17 1 Y 1 B LEU 582 ? B LEU 51 
18 1 Y 1 C GLY 532 ? C GLY 1  
19 1 Y 1 C PRO 533 ? C PRO 2  
20 1 Y 1 C HIS 534 ? C HIS 3  
21 1 Y 1 C MET 535 ? C MET 4  
# 
loop_
_chem_comp_atom.comp_id 
_chem_comp_atom.atom_id 
_chem_comp_atom.type_symbol 
_chem_comp_atom.pdbx_aromatic_flag 
_chem_comp_atom.pdbx_stereo_config 
_chem_comp_atom.pdbx_ordinal 
ALA N    N N N 1   
ALA CA   C N S 2   
ALA C    C N N 3   
ALA O    O N N 4   
ALA CB   C N N 5   
ALA OXT  O N N 6   
ALA H    H N N 7   
ALA H2   H N N 8   
ALA HA   H N N 9   
ALA HB1  H N N 10  
ALA HB2  H N N 11  
ALA HB3  H N N 12  
ALA HXT  H N N 13  
ASN N    N N N 14  
ASN CA   C N S 15  
ASN C    C N N 16  
ASN O    O N N 17  
ASN CB   C N N 18  
ASN CG   C N N 19  
ASN OD1  O N N 20  
ASN ND2  N N N 21  
ASN OXT  O N N 22  
ASN H    H N N 23  
ASN H2   H N N 24  
ASN HA   H N N 25  
ASN HB2  H N N 26  
ASN HB3  H N N 27  
ASN HD21 H N N 28  
ASN HD22 H N N 29  
ASN HXT  H N N 30  
ASP N    N N N 31  
ASP CA   C N S 32  
ASP C    C N N 33  
ASP O    O N N 34  
ASP CB   C N N 35  
ASP CG   C N N 36  
ASP OD1  O N N 37  
ASP OD2  O N N 38  
ASP OXT  O N N 39  
ASP H    H N N 40  
ASP H2   H N N 41  
ASP HA   H N N 42  
ASP HB2  H N N 43  
ASP HB3  H N N 44  
ASP HD2  H N N 45  
ASP HXT  H N N 46  
GLN N    N N N 47  
GLN CA   C N S 48  
GLN C    C N N 49  
GLN O    O N N 50  
GLN CB   C N N 51  
GLN CG   C N N 52  
GLN CD   C N N 53  
GLN OE1  O N N 54  
GLN NE2  N N N 55  
GLN OXT  O N N 56  
GLN H    H N N 57  
GLN H2   H N N 58  
GLN HA   H N N 59  
GLN HB2  H N N 60  
GLN HB3  H N N 61  
GLN HG2  H N N 62  
GLN HG3  H N N 63  
GLN HE21 H N N 64  
GLN HE22 H N N 65  
GLN HXT  H N N 66  
GLU N    N N N 67  
GLU CA   C N S 68  
GLU C    C N N 69  
GLU O    O N N 70  
GLU CB   C N N 71  
GLU CG   C N N 72  
GLU CD   C N N 73  
GLU OE1  O N N 74  
GLU OE2  O N N 75  
GLU OXT  O N N 76  
GLU H    H N N 77  
GLU H2   H N N 78  
GLU HA   H N N 79  
GLU HB2  H N N 80  
GLU HB3  H N N 81  
GLU HG2  H N N 82  
GLU HG3  H N N 83  
GLU HE2  H N N 84  
GLU HXT  H N N 85  
GLY N    N N N 86  
GLY CA   C N N 87  
GLY C    C N N 88  
GLY O    O N N 89  
GLY OXT  O N N 90  
GLY H    H N N 91  
GLY H2   H N N 92  
GLY HA2  H N N 93  
GLY HA3  H N N 94  
GLY HXT  H N N 95  
HIS N    N N N 96  
HIS CA   C N S 97  
HIS C    C N N 98  
HIS O    O N N 99  
HIS CB   C N N 100 
HIS CG   C Y N 101 
HIS ND1  N Y N 102 
HIS CD2  C Y N 103 
HIS CE1  C Y N 104 
HIS NE2  N Y N 105 
HIS OXT  O N N 106 
HIS H    H N N 107 
HIS H2   H N N 108 
HIS HA   H N N 109 
HIS HB2  H N N 110 
HIS HB3  H N N 111 
HIS HD1  H N N 112 
HIS HD2  H N N 113 
HIS HE1  H N N 114 
HIS HE2  H N N 115 
HIS HXT  H N N 116 
HOH O    O N N 117 
HOH H1   H N N 118 
HOH H2   H N N 119 
ILE N    N N N 120 
ILE CA   C N S 121 
ILE C    C N N 122 
ILE O    O N N 123 
ILE CB   C N S 124 
ILE CG1  C N N 125 
ILE CG2  C N N 126 
ILE CD1  C N N 127 
ILE OXT  O N N 128 
ILE H    H N N 129 
ILE H2   H N N 130 
ILE HA   H N N 131 
ILE HB   H N N 132 
ILE HG12 H N N 133 
ILE HG13 H N N 134 
ILE HG21 H N N 135 
ILE HG22 H N N 136 
ILE HG23 H N N 137 
ILE HD11 H N N 138 
ILE HD12 H N N 139 
ILE HD13 H N N 140 
ILE HXT  H N N 141 
LEU N    N N N 142 
LEU CA   C N S 143 
LEU C    C N N 144 
LEU O    O N N 145 
LEU CB   C N N 146 
LEU CG   C N N 147 
LEU CD1  C N N 148 
LEU CD2  C N N 149 
LEU OXT  O N N 150 
LEU H    H N N 151 
LEU H2   H N N 152 
LEU HA   H N N 153 
LEU HB2  H N N 154 
LEU HB3  H N N 155 
LEU HG   H N N 156 
LEU HD11 H N N 157 
LEU HD12 H N N 158 
LEU HD13 H N N 159 
LEU HD21 H N N 160 
LEU HD22 H N N 161 
LEU HD23 H N N 162 
LEU HXT  H N N 163 
LYS N    N N N 164 
LYS CA   C N S 165 
LYS C    C N N 166 
LYS O    O N N 167 
LYS CB   C N N 168 
LYS CG   C N N 169 
LYS CD   C N N 170 
LYS CE   C N N 171 
LYS NZ   N N N 172 
LYS OXT  O N N 173 
LYS H    H N N 174 
LYS H2   H N N 175 
LYS HA   H N N 176 
LYS HB2  H N N 177 
LYS HB3  H N N 178 
LYS HG2  H N N 179 
LYS HG3  H N N 180 
LYS HD2  H N N 181 
LYS HD3  H N N 182 
LYS HE2  H N N 183 
LYS HE3  H N N 184 
LYS HZ1  H N N 185 
LYS HZ2  H N N 186 
LYS HZ3  H N N 187 
LYS HXT  H N N 188 
MET N    N N N 189 
MET CA   C N S 190 
MET C    C N N 191 
MET O    O N N 192 
MET CB   C N N 193 
MET CG   C N N 194 
MET SD   S N N 195 
MET CE   C N N 196 
MET OXT  O N N 197 
MET H    H N N 198 
MET H2   H N N 199 
MET HA   H N N 200 
MET HB2  H N N 201 
MET HB3  H N N 202 
MET HG2  H N N 203 
MET HG3  H N N 204 
MET HE1  H N N 205 
MET HE2  H N N 206 
MET HE3  H N N 207 
MET HXT  H N N 208 
PHE N    N N N 209 
PHE CA   C N S 210 
PHE C    C N N 211 
PHE O    O N N 212 
PHE CB   C N N 213 
PHE CG   C Y N 214 
PHE CD1  C Y N 215 
PHE CD2  C Y N 216 
PHE CE1  C Y N 217 
PHE CE2  C Y N 218 
PHE CZ   C Y N 219 
PHE OXT  O N N 220 
PHE H    H N N 221 
PHE H2   H N N 222 
PHE HA   H N N 223 
PHE HB2  H N N 224 
PHE HB3  H N N 225 
PHE HD1  H N N 226 
PHE HD2  H N N 227 
PHE HE1  H N N 228 
PHE HE2  H N N 229 
PHE HZ   H N N 230 
PHE HXT  H N N 231 
PRO N    N N N 232 
PRO CA   C N S 233 
PRO C    C N N 234 
PRO O    O N N 235 
PRO CB   C N N 236 
PRO CG   C N N 237 
PRO CD   C N N 238 
PRO OXT  O N N 239 
PRO H    H N N 240 
PRO HA   H N N 241 
PRO HB2  H N N 242 
PRO HB3  H N N 243 
PRO HG2  H N N 244 
PRO HG3  H N N 245 
PRO HD2  H N N 246 
PRO HD3  H N N 247 
PRO HXT  H N N 248 
SER N    N N N 249 
SER CA   C N S 250 
SER C    C N N 251 
SER O    O N N 252 
SER CB   C N N 253 
SER OG   O N N 254 
SER OXT  O N N 255 
SER H    H N N 256 
SER H2   H N N 257 
SER HA   H N N 258 
SER HB2  H N N 259 
SER HB3  H N N 260 
SER HG   H N N 261 
SER HXT  H N N 262 
THR N    N N N 263 
THR CA   C N S 264 
THR C    C N N 265 
THR O    O N N 266 
THR CB   C N R 267 
THR OG1  O N N 268 
THR CG2  C N N 269 
THR OXT  O N N 270 
THR H    H N N 271 
THR H2   H N N 272 
THR HA   H N N 273 
THR HB   H N N 274 
THR HG1  H N N 275 
THR HG21 H N N 276 
THR HG22 H N N 277 
THR HG23 H N N 278 
THR HXT  H N N 279 
TYR N    N N N 280 
TYR CA   C N S 281 
TYR C    C N N 282 
TYR O    O N N 283 
TYR CB   C N N 284 
TYR CG   C Y N 285 
TYR CD1  C Y N 286 
TYR CD2  C Y N 287 
TYR CE1  C Y N 288 
TYR CE2  C Y N 289 
TYR CZ   C Y N 290 
TYR OH   O N N 291 
TYR OXT  O N N 292 
TYR H    H N N 293 
TYR H2   H N N 294 
TYR HA   H N N 295 
TYR HB2  H N N 296 
TYR HB3  H N N 297 
TYR HD1  H N N 298 
TYR HD2  H N N 299 
TYR HE1  H N N 300 
TYR HE2  H N N 301 
TYR HH   H N N 302 
TYR HXT  H N N 303 
VAL N    N N N 304 
VAL CA   C N S 305 
VAL C    C N N 306 
VAL O    O N N 307 
VAL CB   C N N 308 
VAL CG1  C N N 309 
VAL CG2  C N N 310 
VAL OXT  O N N 311 
VAL H    H N N 312 
VAL H2   H N N 313 
VAL HA   H N N 314 
VAL HB   H N N 315 
VAL HG11 H N N 316 
VAL HG12 H N N 317 
VAL HG13 H N N 318 
VAL HG21 H N N 319 
VAL HG22 H N N 320 
VAL HG23 H N N 321 
VAL HXT  H N N 322 
# 
loop_
_chem_comp_bond.comp_id 
_chem_comp_bond.atom_id_1 
_chem_comp_bond.atom_id_2 
_chem_comp_bond.value_order 
_chem_comp_bond.pdbx_aromatic_flag 
_chem_comp_bond.pdbx_stereo_config 
_chem_comp_bond.pdbx_ordinal 
ALA N   CA   sing N N 1   
ALA N   H    sing N N 2   
ALA N   H2   sing N N 3   
ALA CA  C    sing N N 4   
ALA CA  CB   sing N N 5   
ALA CA  HA   sing N N 6   
ALA C   O    doub N N 7   
ALA C   OXT  sing N N 8   
ALA CB  HB1  sing N N 9   
ALA CB  HB2  sing N N 10  
ALA CB  HB3  sing N N 11  
ALA OXT HXT  sing N N 12  
ASN N   CA   sing N N 13  
ASN N   H    sing N N 14  
ASN N   H2   sing N N 15  
ASN CA  C    sing N N 16  
ASN CA  CB   sing N N 17  
ASN CA  HA   sing N N 18  
ASN C   O    doub N N 19  
ASN C   OXT  sing N N 20  
ASN CB  CG   sing N N 21  
ASN CB  HB2  sing N N 22  
ASN CB  HB3  sing N N 23  
ASN CG  OD1  doub N N 24  
ASN CG  ND2  sing N N 25  
ASN ND2 HD21 sing N N 26  
ASN ND2 HD22 sing N N 27  
ASN OXT HXT  sing N N 28  
ASP N   CA   sing N N 29  
ASP N   H    sing N N 30  
ASP N   H2   sing N N 31  
ASP CA  C    sing N N 32  
ASP CA  CB   sing N N 33  
ASP CA  HA   sing N N 34  
ASP C   O    doub N N 35  
ASP C   OXT  sing N N 36  
ASP CB  CG   sing N N 37  
ASP CB  HB2  sing N N 38  
ASP CB  HB3  sing N N 39  
ASP CG  OD1  doub N N 40  
ASP CG  OD2  sing N N 41  
ASP OD2 HD2  sing N N 42  
ASP OXT HXT  sing N N 43  
GLN N   CA   sing N N 44  
GLN N   H    sing N N 45  
GLN N   H2   sing N N 46  
GLN CA  C    sing N N 47  
GLN CA  CB   sing N N 48  
GLN CA  HA   sing N N 49  
GLN C   O    doub N N 50  
GLN C   OXT  sing N N 51  
GLN CB  CG   sing N N 52  
GLN CB  HB2  sing N N 53  
GLN CB  HB3  sing N N 54  
GLN CG  CD   sing N N 55  
GLN CG  HG2  sing N N 56  
GLN CG  HG3  sing N N 57  
GLN CD  OE1  doub N N 58  
GLN CD  NE2  sing N N 59  
GLN NE2 HE21 sing N N 60  
GLN NE2 HE22 sing N N 61  
GLN OXT HXT  sing N N 62  
GLU N   CA   sing N N 63  
GLU N   H    sing N N 64  
GLU N   H2   sing N N 65  
GLU CA  C    sing N N 66  
GLU CA  CB   sing N N 67  
GLU CA  HA   sing N N 68  
GLU C   O    doub N N 69  
GLU C   OXT  sing N N 70  
GLU CB  CG   sing N N 71  
GLU CB  HB2  sing N N 72  
GLU CB  HB3  sing N N 73  
GLU CG  CD   sing N N 74  
GLU CG  HG2  sing N N 75  
GLU CG  HG3  sing N N 76  
GLU CD  OE1  doub N N 77  
GLU CD  OE2  sing N N 78  
GLU OE2 HE2  sing N N 79  
GLU OXT HXT  sing N N 80  
GLY N   CA   sing N N 81  
GLY N   H    sing N N 82  
GLY N   H2   sing N N 83  
GLY CA  C    sing N N 84  
GLY CA  HA2  sing N N 85  
GLY CA  HA3  sing N N 86  
GLY C   O    doub N N 87  
GLY C   OXT  sing N N 88  
GLY OXT HXT  sing N N 89  
HIS N   CA   sing N N 90  
HIS N   H    sing N N 91  
HIS N   H2   sing N N 92  
HIS CA  C    sing N N 93  
HIS CA  CB   sing N N 94  
HIS CA  HA   sing N N 95  
HIS C   O    doub N N 96  
HIS C   OXT  sing N N 97  
HIS CB  CG   sing N N 98  
HIS CB  HB2  sing N N 99  
HIS CB  HB3  sing N N 100 
HIS CG  ND1  sing Y N 101 
HIS CG  CD2  doub Y N 102 
HIS ND1 CE1  doub Y N 103 
HIS ND1 HD1  sing N N 104 
HIS CD2 NE2  sing Y N 105 
HIS CD2 HD2  sing N N 106 
HIS CE1 NE2  sing Y N 107 
HIS CE1 HE1  sing N N 108 
HIS NE2 HE2  sing N N 109 
HIS OXT HXT  sing N N 110 
HOH O   H1   sing N N 111 
HOH O   H2   sing N N 112 
ILE N   CA   sing N N 113 
ILE N   H    sing N N 114 
ILE N   H2   sing N N 115 
ILE CA  C    sing N N 116 
ILE CA  CB   sing N N 117 
ILE CA  HA   sing N N 118 
ILE C   O    doub N N 119 
ILE C   OXT  sing N N 120 
ILE CB  CG1  sing N N 121 
ILE CB  CG2  sing N N 122 
ILE CB  HB   sing N N 123 
ILE CG1 CD1  sing N N 124 
ILE CG1 HG12 sing N N 125 
ILE CG1 HG13 sing N N 126 
ILE CG2 HG21 sing N N 127 
ILE CG2 HG22 sing N N 128 
ILE CG2 HG23 sing N N 129 
ILE CD1 HD11 sing N N 130 
ILE CD1 HD12 sing N N 131 
ILE CD1 HD13 sing N N 132 
ILE OXT HXT  sing N N 133 
LEU N   CA   sing N N 134 
LEU N   H    sing N N 135 
LEU N   H2   sing N N 136 
LEU CA  C    sing N N 137 
LEU CA  CB   sing N N 138 
LEU CA  HA   sing N N 139 
LEU C   O    doub N N 140 
LEU C   OXT  sing N N 141 
LEU CB  CG   sing N N 142 
LEU CB  HB2  sing N N 143 
LEU CB  HB3  sing N N 144 
LEU CG  CD1  sing N N 145 
LEU CG  CD2  sing N N 146 
LEU CG  HG   sing N N 147 
LEU CD1 HD11 sing N N 148 
LEU CD1 HD12 sing N N 149 
LEU CD1 HD13 sing N N 150 
LEU CD2 HD21 sing N N 151 
LEU CD2 HD22 sing N N 152 
LEU CD2 HD23 sing N N 153 
LEU OXT HXT  sing N N 154 
LYS N   CA   sing N N 155 
LYS N   H    sing N N 156 
LYS N   H2   sing N N 157 
LYS CA  C    sing N N 158 
LYS CA  CB   sing N N 159 
LYS CA  HA   sing N N 160 
LYS C   O    doub N N 161 
LYS C   OXT  sing N N 162 
LYS CB  CG   sing N N 163 
LYS CB  HB2  sing N N 164 
LYS CB  HB3  sing N N 165 
LYS CG  CD   sing N N 166 
LYS CG  HG2  sing N N 167 
LYS CG  HG3  sing N N 168 
LYS CD  CE   sing N N 169 
LYS CD  HD2  sing N N 170 
LYS CD  HD3  sing N N 171 
LYS CE  NZ   sing N N 172 
LYS CE  HE2  sing N N 173 
LYS CE  HE3  sing N N 174 
LYS NZ  HZ1  sing N N 175 
LYS NZ  HZ2  sing N N 176 
LYS NZ  HZ3  sing N N 177 
LYS OXT HXT  sing N N 178 
MET N   CA   sing N N 179 
MET N   H    sing N N 180 
MET N   H2   sing N N 181 
MET CA  C    sing N N 182 
MET CA  CB   sing N N 183 
MET CA  HA   sing N N 184 
MET C   O    doub N N 185 
MET C   OXT  sing N N 186 
MET CB  CG   sing N N 187 
MET CB  HB2  sing N N 188 
MET CB  HB3  sing N N 189 
MET CG  SD   sing N N 190 
MET CG  HG2  sing N N 191 
MET CG  HG3  sing N N 192 
MET SD  CE   sing N N 193 
MET CE  HE1  sing N N 194 
MET CE  HE2  sing N N 195 
MET CE  HE3  sing N N 196 
MET OXT HXT  sing N N 197 
PHE N   CA   sing N N 198 
PHE N   H    sing N N 199 
PHE N   H2   sing N N 200 
PHE CA  C    sing N N 201 
PHE CA  CB   sing N N 202 
PHE CA  HA   sing N N 203 
PHE C   O    doub N N 204 
PHE C   OXT  sing N N 205 
PHE CB  CG   sing N N 206 
PHE CB  HB2  sing N N 207 
PHE CB  HB3  sing N N 208 
PHE CG  CD1  doub Y N 209 
PHE CG  CD2  sing Y N 210 
PHE CD1 CE1  sing Y N 211 
PHE CD1 HD1  sing N N 212 
PHE CD2 CE2  doub Y N 213 
PHE CD2 HD2  sing N N 214 
PHE CE1 CZ   doub Y N 215 
PHE CE1 HE1  sing N N 216 
PHE CE2 CZ   sing Y N 217 
PHE CE2 HE2  sing N N 218 
PHE CZ  HZ   sing N N 219 
PHE OXT HXT  sing N N 220 
PRO N   CA   sing N N 221 
PRO N   CD   sing N N 222 
PRO N   H    sing N N 223 
PRO CA  C    sing N N 224 
PRO CA  CB   sing N N 225 
PRO CA  HA   sing N N 226 
PRO C   O    doub N N 227 
PRO C   OXT  sing N N 228 
PRO CB  CG   sing N N 229 
PRO CB  HB2  sing N N 230 
PRO CB  HB3  sing N N 231 
PRO CG  CD   sing N N 232 
PRO CG  HG2  sing N N 233 
PRO CG  HG3  sing N N 234 
PRO CD  HD2  sing N N 235 
PRO CD  HD3  sing N N 236 
PRO OXT HXT  sing N N 237 
SER N   CA   sing N N 238 
SER N   H    sing N N 239 
SER N   H2   sing N N 240 
SER CA  C    sing N N 241 
SER CA  CB   sing N N 242 
SER CA  HA   sing N N 243 
SER C   O    doub N N 244 
SER C   OXT  sing N N 245 
SER CB  OG   sing N N 246 
SER CB  HB2  sing N N 247 
SER CB  HB3  sing N N 248 
SER OG  HG   sing N N 249 
SER OXT HXT  sing N N 250 
THR N   CA   sing N N 251 
THR N   H    sing N N 252 
THR N   H2   sing N N 253 
THR CA  C    sing N N 254 
THR CA  CB   sing N N 255 
THR CA  HA   sing N N 256 
THR C   O    doub N N 257 
THR C   OXT  sing N N 258 
THR CB  OG1  sing N N 259 
THR CB  CG2  sing N N 260 
THR CB  HB   sing N N 261 
THR OG1 HG1  sing N N 262 
THR CG2 HG21 sing N N 263 
THR CG2 HG22 sing N N 264 
THR CG2 HG23 sing N N 265 
THR OXT HXT  sing N N 266 
TYR N   CA   sing N N 267 
TYR N   H    sing N N 268 
TYR N   H2   sing N N 269 
TYR CA  C    sing N N 270 
TYR CA  CB   sing N N 271 
TYR CA  HA   sing N N 272 
TYR C   O    doub N N 273 
TYR C   OXT  sing N N 274 
TYR CB  CG   sing N N 275 
TYR CB  HB2  sing N N 276 
TYR CB  HB3  sing N N 277 
TYR CG  CD1  doub Y N 278 
TYR CG  CD2  sing Y N 279 
TYR CD1 CE1  sing Y N 280 
TYR CD1 HD1  sing N N 281 
TYR CD2 CE2  doub Y N 282 
TYR CD2 HD2  sing N N 283 
TYR CE1 CZ   doub Y N 284 
TYR CE1 HE1  sing N N 285 
TYR CE2 CZ   sing Y N 286 
TYR CE2 HE2  sing N N 287 
TYR CZ  OH   sing N N 288 
TYR OH  HH   sing N N 289 
TYR OXT HXT  sing N N 290 
VAL N   CA   sing N N 291 
VAL N   H    sing N N 292 
VAL N   H2   sing N N 293 
VAL CA  C    sing N N 294 
VAL CA  CB   sing N N 295 
VAL CA  HA   sing N N 296 
VAL C   O    doub N N 297 
VAL C   OXT  sing N N 298 
VAL CB  CG1  sing N N 299 
VAL CB  CG2  sing N N 300 
VAL CB  HB   sing N N 301 
VAL CG1 HG11 sing N N 302 
VAL CG1 HG12 sing N N 303 
VAL CG1 HG13 sing N N 304 
VAL CG2 HG21 sing N N 305 
VAL CG2 HG22 sing N N 306 
VAL CG2 HG23 sing N N 307 
VAL OXT HXT  sing N N 308 
# 
_atom_sites.entry_id                    2WX3 
_atom_sites.fract_transf_matrix[1][1]   -0.01345512 
_atom_sites.fract_transf_matrix[1][2]   -0.01168946 
_atom_sites.fract_transf_matrix[1][3]   0.00058851 
_atom_sites.fract_transf_matrix[2][1]   -0.00212267 
_atom_sites.fract_transf_matrix[2][2]   -0.01182369 
_atom_sites.fract_transf_matrix[2][3]   -0.01317993 
_atom_sites.fract_transf_matrix[3][1]   0.00567477 
_atom_sites.fract_transf_matrix[3][2]   -0.00629369 
_atom_sites.fract_transf_matrix[3][3]   0.00473212 
_atom_sites.fract_transf_vector[1]      0.761760 
_atom_sites.fract_transf_vector[2]      0.464619 
_atom_sites.fract_transf_vector[3]      0.147724 
# 
loop_
_atom_type.symbol 
C 
N 
O 
S 
# 
loop_
_atom_site.group_PDB 
_atom_site.id 
_atom_site.type_symbol 
_atom_site.label_atom_id 
_atom_site.label_alt_id 
_atom_site.label_comp_id 
_atom_site.label_asym_id 
_atom_site.label_entity_id 
_atom_site.label_seq_id 
_atom_site.pdbx_PDB_ins_code 
_atom_site.Cartn_x 
_atom_site.Cartn_y 
_atom_site.Cartn_z 
_atom_site.occupancy 
_atom_site.B_iso_or_equiv 
_atom_site.pdbx_formal_charge 
_atom_site.auth_seq_id 
_atom_site.auth_comp_id 
_atom_site.auth_asym_id 
_atom_site.auth_atom_id 
_atom_site.pdbx_PDB_model_num 
ATOM   1    N N   . GLY A 1 1  ? 0.299   -6.187  -22.251 1.00 43.97 ? 532  GLY A N   1 
ATOM   2    C CA  . GLY A 1 1  ? -0.317  -4.832  -22.150 1.00 42.51 ? 532  GLY A CA  1 
ATOM   3    C C   . GLY A 1 1  ? 0.688   -3.753  -21.793 1.00 41.47 ? 532  GLY A C   1 
ATOM   4    O O   . GLY A 1 1  ? 1.710   -4.038  -21.141 1.00 42.18 ? 532  GLY A O   1 
ATOM   5    N N   . PRO A 1 2  ? 0.386   -2.502  -22.192 1.00 40.07 ? 533  PRO A N   1 
ATOM   6    C CA  . PRO A 1 2  ? 1.269   -1.329  -22.010 1.00 38.99 ? 533  PRO A CA  1 
ATOM   7    C C   . PRO A 1 2  ? 1.458   -0.906  -20.528 1.00 37.75 ? 533  PRO A C   1 
ATOM   8    O O   . PRO A 1 2  ? 0.721   -1.349  -19.644 1.00 36.48 ? 533  PRO A O   1 
ATOM   9    C CB  . PRO A 1 2  ? 0.572   -0.228  -22.833 1.00 39.15 ? 533  PRO A CB  1 
ATOM   10   C CG  . PRO A 1 2  ? -0.899  -0.644  -22.890 1.00 40.38 ? 533  PRO A CG  1 
ATOM   11   C CD  . PRO A 1 2  ? -0.957  -2.148  -22.704 1.00 39.51 ? 533  PRO A CD  1 
ATOM   12   N N   . HIS A 1 3  ? 2.463   -0.077  -20.256 1.00 36.26 ? 534  HIS A N   1 
ATOM   13   C CA  . HIS A 1 3  ? 2.732   0.351   -18.883 1.00 35.20 ? 534  HIS A CA  1 
ATOM   14   C C   . HIS A 1 3  ? 2.735   1.862   -18.808 1.00 34.16 ? 534  HIS A C   1 
ATOM   15   O O   . HIS A 1 3  ? 2.694   2.518   -19.838 1.00 34.48 ? 534  HIS A O   1 
ATOM   16   C CB  . HIS A 1 3  ? 4.048   -0.248  -18.381 1.00 35.14 ? 534  HIS A CB  1 
ATOM   17   C CG  . HIS A 1 3  ? 4.069   -1.742  -18.420 1.00 36.90 ? 534  HIS A CG  1 
ATOM   18   N ND1 . HIS A 1 3  ? 3.355   -2.523  -17.520 1.00 40.05 ? 534  HIS A ND1 1 
ATOM   19   C CD2 . HIS A 1 3  ? 4.700   -2.601  -19.255 1.00 33.91 ? 534  HIS A CD2 1 
ATOM   20   C CE1 . HIS A 1 3  ? 3.547   -3.799  -17.806 1.00 38.38 ? 534  HIS A CE1 1 
ATOM   21   N NE2 . HIS A 1 3  ? 4.354   -3.873  -18.855 1.00 39.96 ? 534  HIS A NE2 1 
ATOM   22   N N   . MET A 1 4  ? 2.760   2.431   -17.608 1.00 32.88 ? 535  MET A N   1 
ATOM   23   C CA  . MET A 1 4  ? 2.938   3.880   -17.489 1.00 32.59 ? 535  MET A CA  1 
ATOM   24   C C   . MET A 1 4  ? 4.404   4.154   -17.759 1.00 32.31 ? 535  MET A C   1 
ATOM   25   O O   . MET A 1 4  ? 5.238   3.286   -17.463 1.00 33.77 ? 535  MET A O   1 
ATOM   26   C CB  . MET A 1 4  ? 2.519   4.412   -16.101 1.00 32.77 ? 535  MET A CB  1 
ATOM   27   C CG  . MET A 1 4  ? 1.029   4.250   -15.839 1.00 30.97 ? 535  MET A CG  1 
ATOM   28   S SD  . MET A 1 4  ? 0.071   5.139   -17.092 1.00 32.62 ? 535  MET A SD  1 
ATOM   29   C CE  . MET A 1 4  ? 0.353   6.860   -16.725 1.00 27.71 ? 535  MET A CE  1 
ATOM   30   N N   . ALA A 1 5  ? 4.697   5.303   -18.369 1.00 30.38 ? 536  ALA A N   1 
ATOM   31   C CA  . ALA A 1 5  ? 6.056   5.740   -18.650 1.00 29.26 ? 536  ALA A CA  1 
ATOM   32   C C   . ALA A 1 5  ? 6.677   6.402   -17.431 1.00 29.23 ? 536  ALA A C   1 
ATOM   33   O O   . ALA A 1 5  ? 5.952   6.879   -16.493 1.00 28.87 ? 536  ALA A O   1 
ATOM   34   C CB  . ALA A 1 5  ? 6.054   6.718   -19.839 1.00 29.50 ? 536  ALA A CB  1 
ATOM   35   N N   . ASP A 1 6  ? 8.016   6.460   -17.421 1.00 28.10 ? 537  ASP A N   1 
ATOM   36   C CA  . ASP A 1 6  ? 8.731   6.950   -16.255 1.00 26.77 ? 537  ASP A CA  1 
ATOM   37   C C   . ASP A 1 6  ? 8.270   8.333   -15.742 1.00 25.89 ? 537  ASP A C   1 
ATOM   38   O O   . ASP A 1 6  ? 8.307   8.592   -14.526 1.00 27.15 ? 537  ASP A O   1 
ATOM   39   C CB  . ASP A 1 6  ? 10.226  6.923   -16.481 1.00 27.67 ? 537  ASP A CB  1 
ATOM   40   C CG  . ASP A 1 6  ? 10.682  7.815   -17.647 1.00 32.30 ? 537  ASP A CG  1 
ATOM   41   O OD1 . ASP A 1 6  ? 9.870   8.222   -18.536 1.00 31.16 ? 537  ASP A OD1 1 
ATOM   42   O OD2 . ASP A 1 6  ? 11.915  8.082   -17.680 1.00 40.02 ? 537  ASP A OD2 1 
ATOM   43   N N   . LEU A 1 7  ? 7.856   9.225   -16.629 1.00 23.84 ? 538  LEU A N   1 
ATOM   44   C CA  . LEU A 1 7  ? 7.492   10.569  -16.193 1.00 23.95 ? 538  LEU A CA  1 
ATOM   45   C C   . LEU A 1 7  ? 6.271   10.554  -15.219 1.00 24.10 ? 538  LEU A C   1 
ATOM   46   O O   . LEU A 1 7  ? 6.273   11.228  -14.176 1.00 23.58 ? 538  LEU A O   1 
ATOM   47   C CB  . LEU A 1 7  ? 7.200   11.466  -17.382 1.00 22.97 ? 538  LEU A CB  1 
ATOM   48   C CG  . LEU A 1 7  ? 6.781   12.924  -17.086 1.00 23.72 ? 538  LEU A CG  1 
ATOM   49   C CD1 . LEU A 1 7  ? 7.827   13.696  -16.271 1.00 18.91 ? 538  LEU A CD1 1 
ATOM   50   C CD2 . LEU A 1 7  ? 6.459   13.632  -18.361 1.00 20.69 ? 538  LEU A CD2 1 
ATOM   51   N N   . SER A 1 8  ? 5.251   9.781   -15.567 1.00 22.94 ? 539  SER A N   1 
ATOM   52   C CA  . SER A 1 8  ? 4.072   9.648   -14.731 1.00 24.16 ? 539  SER A CA  1 
ATOM   53   C C   . SER A 1 8  ? 4.413   9.009   -13.406 1.00 23.87 ? 539  SER A C   1 
ATOM   54   O O   . SER A 1 8  ? 3.922   9.421   -12.371 1.00 25.22 ? 539  SER A O   1 
ATOM   55   C CB  . SER A 1 8  ? 2.993   8.809   -15.442 1.00 24.33 ? 539  SER A CB  1 
ATOM   56   O OG  . SER A 1 8  ? 2.395   9.600   -16.448 1.00 25.49 ? 539  SER A OG  1 
ATOM   57   N N   . ILE A 1 9  ? 5.236   7.984   -13.449 1.00 23.33 ? 540  ILE A N   1 
ATOM   58   C CA  . ILE A 1 9  ? 5.640   7.284   -12.264 1.00 21.93 ? 540  ILE A CA  1 
ATOM   59   C C   . ILE A 1 9  ? 6.354   8.258   -11.369 1.00 22.69 ? 540  ILE A C   1 
ATOM   60   O O   . ILE A 1 9  ? 6.042   8.342   -10.151 1.00 22.30 ? 540  ILE A O   1 
ATOM   61   C CB  . ILE A 1 9  ? 6.564   6.094   -12.608 1.00 22.81 ? 540  ILE A CB  1 
ATOM   62   C CG1 . ILE A 1 9  ? 5.750   5.022   -13.356 1.00 21.59 ? 540  ILE A CG1 1 
ATOM   63   C CG2 . ILE A 1 9  ? 7.217   5.499   -11.343 1.00 20.67 ? 540  ILE A CG2 1 
ATOM   64   C CD1 . ILE A 1 9  ? 6.556   3.917   -13.889 1.00 22.68 ? 540  ILE A CD1 1 
ATOM   65   N N   . ILE A 1 10 ? 7.324   8.990   -11.933 1.00 21.99 ? 541  ILE A N   1 
ATOM   66   C CA  . ILE A 1 10 ? 8.080   9.910   -11.112 1.00 22.29 ? 541  ILE A CA  1 
ATOM   67   C C   . ILE A 1 10 ? 7.207   11.013  -10.473 1.00 22.26 ? 541  ILE A C   1 
ATOM   68   O O   . ILE A 1 10 ? 7.439   11.390  -9.341  1.00 22.10 ? 541  ILE A O   1 
ATOM   69   C CB  . ILE A 1 10 ? 9.242   10.552  -11.888 1.00 23.17 ? 541  ILE A CB  1 
ATOM   70   C CG1 . ILE A 1 10 ? 10.276  9.464   -12.292 1.00 23.96 ? 541  ILE A CG1 1 
ATOM   71   C CG2 . ILE A 1 10 ? 9.887   11.618  -11.029 1.00 22.53 ? 541  ILE A CG2 1 
ATOM   72   C CD1 . ILE A 1 10 ? 11.144  9.871   -13.413 1.00 22.26 ? 541  ILE A CD1 1 
ATOM   73   N N   . LEU A 1 11 ? 6.206   11.527  -11.196 1.00 22.17 ? 542  LEU A N   1 
ATOM   74   C CA  . LEU A 1 11 ? 5.379   12.602  -10.656 1.00 22.26 ? 542  LEU A CA  1 
ATOM   75   C C   . LEU A 1 11 ? 4.309   12.078  -9.663  1.00 23.48 ? 542  LEU A C   1 
ATOM   76   O O   . LEU A 1 11 ? 3.854   12.807  -8.793  1.00 21.85 ? 542  LEU A O   1 
ATOM   77   C CB  . LEU A 1 11 ? 4.690   13.339  -11.790 1.00 21.07 ? 542  LEU A CB  1 
ATOM   78   C CG  . LEU A 1 11 ? 5.590   14.098  -12.773 1.00 20.63 ? 542  LEU A CG  1 
ATOM   79   C CD1 . LEU A 1 11 ? 4.676   14.574  -13.887 1.00 16.15 ? 542  LEU A CD1 1 
ATOM   80   C CD2 . LEU A 1 11 ? 6.384   15.272  -12.110 1.00 18.41 ? 542  LEU A CD2 1 
ATOM   81   N N   . SER A 1 12 ? 3.909   10.833  -9.836  1.00 24.27 ? 543  SER A N   1 
ATOM   82   C CA  . SER A 1 12 ? 2.958   10.170  -8.932  1.00 27.57 ? 543  SER A CA  1 
ATOM   83   C C   . SER A 1 12 ? 3.545   9.617   -7.637  1.00 27.26 ? 543  SER A C   1 
ATOM   84   O O   . SER A 1 12 ? 2.847   9.495   -6.653  1.00 28.82 ? 543  SER A O   1 
ATOM   85   C CB  . SER A 1 12 ? 2.321   9.004   -9.682  1.00 26.40 ? 543  SER A CB  1 
ATOM   86   O OG  . SER A 1 12 ? 1.448   9.578   -10.598 1.00 31.99 ? 543  SER A OG  1 
ATOM   87   N N   . LYS A 1 13 ? 4.807   9.229   -7.665  1.00 28.44 ? 544  LYS A N   1 
ATOM   88   C CA  . LYS A 1 13 ? 5.432   8.470   -6.569  1.00 29.75 ? 544  LYS A CA  1 
ATOM   89   C C   . LYS A 1 13 ? 5.027   8.960   -5.166  1.00 29.38 ? 544  LYS A C   1 
ATOM   90   O O   . LYS A 1 13 ? 4.629   8.180   -4.323  1.00 28.97 ? 544  LYS A O   1 
ATOM   91   C CB  . LYS A 1 13 ? 6.970   8.473   -6.723  1.00 30.66 ? 544  LYS A CB  1 
ATOM   92   C CG  . LYS A 1 13 ? 7.755   7.430   -5.866  1.00 36.35 ? 544  LYS A CG  1 
ATOM   93   C CD  . LYS A 1 13 ? 9.303   7.591   -5.996  1.00 41.76 ? 544  LYS A CD  1 
ATOM   94   C CE  . LYS A 1 13 ? 10.125  6.897   -4.862  1.00 47.41 ? 544  LYS A CE  1 
ATOM   95   N NZ  . LYS A 1 13 ? 9.523   7.076   -3.446  1.00 55.43 ? 544  LYS A NZ  1 
ATOM   96   N N   . SER A 1 14 ? 5.131   10.242  -4.889  1.00 28.80 ? 545  SER A N   1 
ATOM   97   C CA  . SER A 1 14 ? 4.998   10.621  -3.491  1.00 29.77 ? 545  SER A CA  1 
ATOM   98   C C   . SER A 1 14 ? 3.530   10.617  -3.007  1.00 29.28 ? 545  SER A C   1 
ATOM   99   O O   . SER A 1 14 ? 3.254   10.368  -1.848  1.00 30.02 ? 545  SER A O   1 
ATOM   100  C CB  . SER A 1 14 ? 5.711   11.932  -3.232  1.00 29.34 ? 545  SER A CB  1 
ATOM   101  O OG  . SER A 1 14 ? 4.972   12.935  -3.850  1.00 33.91 ? 545  SER A OG  1 
ATOM   102  N N   . GLN A 1 15 ? 2.584   10.801  -3.911  1.00 29.79 ? 546  GLN A N   1 
ATOM   103  C CA  . GLN A 1 15 ? 1.173   10.648  -3.549  1.00 29.38 ? 546  GLN A CA  1 
ATOM   104  C C   . GLN A 1 15 ? 0.783   9.215   -3.317  1.00 28.66 ? 546  GLN A C   1 
ATOM   105  O O   . GLN A 1 15 ? -0.146  8.933   -2.555  1.00 28.63 ? 546  GLN A O   1 
ATOM   106  C CB  . GLN A 1 15 ? 0.267   11.247  -4.611  1.00 29.35 ? 546  GLN A CB  1 
ATOM   107  C CG  . GLN A 1 15 ? 0.063   12.755  -4.413  1.00 34.24 ? 546  GLN A CG  1 
ATOM   108  C CD  . GLN A 1 15 ? 0.731   13.633  -5.462  1.00 41.92 ? 546  GLN A CD  1 
ATOM   109  O OE1 . GLN A 1 15 ? 1.540   13.167  -6.296  1.00 43.06 ? 546  GLN A OE1 1 
ATOM   110  N NE2 . GLN A 1 15 ? 0.419   14.935  -5.408  1.00 43.18 ? 546  GLN A NE2 1 
ATOM   111  N N   . LEU A 1 16 ? 1.450   8.314   -4.028  1.00 27.61 ? 547  LEU A N   1 
ATOM   112  C CA  . LEU A 1 16 ? 1.186   6.899   -3.944  1.00 25.99 ? 547  LEU A CA  1 
ATOM   113  C C   . LEU A 1 16 ? 1.769   6.408   -2.631  1.00 26.14 ? 547  LEU A C   1 
ATOM   114  O O   . LEU A 1 16 ? 1.165   5.602   -1.937  1.00 24.20 ? 547  LEU A O   1 
ATOM   115  C CB  . LEU A 1 16 ? 1.823   6.188   -5.134  1.00 25.08 ? 547  LEU A CB  1 
ATOM   116  C CG  . LEU A 1 16 ? 0.833   6.036   -6.315  1.00 27.30 ? 547  LEU A CG  1 
ATOM   117  C CD1 . LEU A 1 16 ? 0.092   7.313   -6.587  1.00 26.70 ? 547  LEU A CD1 1 
ATOM   118  C CD2 . LEU A 1 16 ? 1.540   5.629   -7.618  1.00 20.24 ? 547  LEU A CD2 1 
ATOM   119  N N   . GLN A 1 17 ? 2.941   6.924   -2.292  1.00 26.86 ? 548  GLN A N   1 
ATOM   120  C CA  . GLN A 1 17 ? 3.607   6.608   -1.042  1.00 28.84 ? 548  GLN A CA  1 
ATOM   121  C C   . GLN A 1 17 ? 2.697   7.040   0.129   1.00 28.97 ? 548  GLN A C   1 
ATOM   122  O O   . GLN A 1 17 ? 2.274   6.183   0.927   1.00 29.02 ? 548  GLN A O   1 
ATOM   123  C CB  . GLN A 1 17 ? 4.961   7.319   -1.007  1.00 29.72 ? 548  GLN A CB  1 
ATOM   124  C CG  . GLN A 1 17 ? 5.801   6.998   0.212   1.00 35.06 ? 548  GLN A CG  1 
ATOM   125  C CD  . GLN A 1 17 ? 7.243   7.413   0.020   1.00 42.88 ? 548  GLN A CD  1 
ATOM   126  O OE1 . GLN A 1 17 ? 7.961   6.820   -0.799  1.00 49.09 ? 548  GLN A OE1 1 
ATOM   127  N NE2 . GLN A 1 17 ? 7.691   8.426   0.776   1.00 41.44 ? 548  GLN A NE2 1 
ATOM   128  N N   . ASP A 1 18 ? 2.333   8.326   0.165   1.00 27.92 ? 549  ASP A N   1 
ATOM   129  C CA  . ASP A 1 18 ? 1.387   8.872   1.139   1.00 28.55 ? 549  ASP A CA  1 
ATOM   130  C C   . ASP A 1 18 ? 0.030   8.140   1.215   1.00 27.95 ? 549  ASP A C   1 
ATOM   131  O O   . ASP A 1 18 ? -0.559  8.023   2.302   1.00 27.25 ? 549  ASP A O   1 
ATOM   132  C CB  . ASP A 1 18 ? 1.113   10.362  0.869   1.00 29.77 ? 549  ASP A CB  1 
ATOM   133  C CG  . ASP A 1 18 ? 2.371   11.225  0.992   1.00 34.46 ? 549  ASP A CG  1 
ATOM   134  O OD1 . ASP A 1 18 ? 3.471   10.689  1.189   1.00 39.64 ? 549  ASP A OD1 1 
ATOM   135  O OD2 . ASP A 1 18 ? 2.268   12.464  0.896   1.00 43.84 ? 549  ASP A OD2 1 
ATOM   136  N N   . THR A 1 19 ? -0.466  7.650   0.087   1.00 25.98 ? 550  THR A N   1 
ATOM   137  C CA  . THR A 1 19 ? -1.747  6.929   0.100   1.00 24.89 ? 550  THR A CA  1 
ATOM   138  C C   . THR A 1 19 ? -1.588  5.623   0.936   1.00 25.28 ? 550  THR A C   1 
ATOM   139  O O   . THR A 1 19 ? -2.353  5.363   1.839   1.00 25.79 ? 550  THR A O   1 
ATOM   140  C CB  . THR A 1 19 ? -2.188  6.589   -1.345  1.00 24.11 ? 550  THR A CB  1 
ATOM   141  O OG1 . THR A 1 19 ? -2.477  7.792   -2.077  1.00 22.57 ? 550  THR A OG1 1 
ATOM   142  C CG2 . THR A 1 19 ? -3.385  5.628   -1.384  1.00 22.30 ? 550  THR A CG2 1 
ATOM   143  N N   . LEU A 1 20 ? -0.588  4.817   0.615   1.00 25.46 ? 551  LEU A N   1 
ATOM   144  C CA  . LEU A 1 20 ? -0.295  3.576   1.326   1.00 26.10 ? 551  LEU A CA  1 
ATOM   145  C C   . LEU A 1 20 ? 0.100   3.836   2.753   1.00 26.14 ? 551  LEU A C   1 
ATOM   146  O O   . LEU A 1 20 ? -0.338  3.148   3.663   1.00 25.93 ? 551  LEU A O   1 
ATOM   147  C CB  . LEU A 1 20 ? 0.836   2.828   0.636   1.00 25.25 ? 551  LEU A CB  1 
ATOM   148  C CG  . LEU A 1 20 ? 0.398   2.207   -0.684  1.00 28.77 ? 551  LEU A CG  1 
ATOM   149  C CD1 . LEU A 1 20 ? 1.617   1.721   -1.432  1.00 31.20 ? 551  LEU A CD1 1 
ATOM   150  C CD2 . LEU A 1 20 ? -0.611  1.085   -0.492  1.00 26.23 ? 551  LEU A CD2 1 
ATOM   151  N N   . ILE A 1 21 ? 0.922   4.852   2.949   1.00 26.09 ? 552  ILE A N   1 
ATOM   152  C CA  . ILE A 1 21 ? 1.212   5.243   4.311   1.00 26.84 ? 552  ILE A CA  1 
ATOM   153  C C   . ILE A 1 21 ? -0.022  5.672   5.099   1.00 27.37 ? 552  ILE A C   1 
ATOM   154  O O   . ILE A 1 21 ? -0.135  5.363   6.277   1.00 27.71 ? 552  ILE A O   1 
ATOM   155  C CB  . ILE A 1 21 ? 2.315   6.256   4.387   1.00 26.16 ? 552  ILE A CB  1 
ATOM   156  C CG1 . ILE A 1 21 ? 3.637   5.565   4.053   1.00 24.14 ? 552  ILE A CG1 1 
ATOM   157  C CG2 . ILE A 1 21 ? 2.322   6.965   5.797   1.00 23.86 ? 552  ILE A CG2 1 
ATOM   158  C CD1 . ILE A 1 21 ? 4.794   6.595   3.913   1.00 22.59 ? 552  ILE A CD1 1 
ATOM   159  N N   . HIS A 1 22 ? -0.947  6.375   4.464   1.00 28.13 ? 553  HIS A N   1 
ATOM   160  C CA  . HIS A 1 22 ? -2.131  6.767   5.179   1.00 28.00 ? 553  HIS A CA  1 
ATOM   161  C C   . HIS A 1 22 ? -2.834  5.487   5.619   1.00 28.32 ? 553  HIS A C   1 
ATOM   162  O O   . HIS A 1 22 ? -3.205  5.345   6.788   1.00 30.07 ? 553  HIS A O   1 
ATOM   163  C CB  . HIS A 1 22 ? -3.044  7.644   4.321   1.00 28.24 ? 553  HIS A CB  1 
ATOM   164  C CG  . HIS A 1 22 ? -4.348  7.954   4.984   1.00 30.39 ? 553  HIS A CG  1 
ATOM   165  N ND1 . HIS A 1 22 ? -4.486  8.968   5.909   1.00 31.42 ? 553  HIS A ND1 1 
ATOM   166  C CD2 . HIS A 1 22 ? -5.549  7.320   4.939   1.00 33.70 ? 553  HIS A CD2 1 
ATOM   167  C CE1 . HIS A 1 22 ? -5.727  8.978   6.371   1.00 35.44 ? 553  HIS A CE1 1 
ATOM   168  N NE2 . HIS A 1 22 ? -6.394  7.989   5.801   1.00 36.57 ? 553  HIS A NE2 1 
ATOM   169  N N   . LEU A 1 23 ? -3.020  4.544   4.703   1.00 27.63 ? 554  LEU A N   1 
ATOM   170  C CA  . LEU A 1 23 ? -3.761  3.314   5.019   1.00 27.09 ? 554  LEU A CA  1 
ATOM   171  C C   . LEU A 1 23 ? -3.098  2.445   6.123   1.00 27.20 ? 554  LEU A C   1 
ATOM   172  O O   . LEU A 1 23 ? -3.766  1.841   6.951   1.00 25.29 ? 554  LEU A O   1 
ATOM   173  C CB  . LEU A 1 23 ? -3.961  2.488   3.752   1.00 25.80 ? 554  LEU A CB  1 
ATOM   174  C CG  . LEU A 1 23 ? -5.082  3.115   2.911   1.00 27.37 ? 554  LEU A CG  1 
ATOM   175  C CD1 . LEU A 1 23 ? -5.036  2.597   1.446   1.00 25.22 ? 554  LEU A CD1 1 
ATOM   176  C CD2 . LEU A 1 23 ? -6.458  2.872   3.557   1.00 24.23 ? 554  LEU A CD2 1 
ATOM   177  N N   . ILE A 1 24 ? -1.781  2.370   6.076   1.00 27.16 ? 555  ILE A N   1 
ATOM   178  C CA  . ILE A 1 24 ? -1.042  1.586   6.998   1.00 29.53 ? 555  ILE A CA  1 
ATOM   179  C C   . ILE A 1 24 ? -1.114  2.177   8.416   1.00 31.76 ? 555  ILE A C   1 
ATOM   180  O O   . ILE A 1 24 ? -1.213  1.441   9.394   1.00 31.94 ? 555  ILE A O   1 
ATOM   181  C CB  . ILE A 1 24 ? 0.391   1.498   6.557   1.00 29.24 ? 555  ILE A CB  1 
ATOM   182  C CG1 . ILE A 1 24 ? 0.557   0.525   5.367   1.00 28.14 ? 555  ILE A CG1 1 
ATOM   183  C CG2 . ILE A 1 24 ? 1.330   1.184   7.739   1.00 28.03 ? 555  ILE A CG2 1 
ATOM   184  C CD1 . ILE A 1 24 ? 1.929   0.822   4.574   1.00 27.31 ? 555  ILE A CD1 1 
ATOM   185  N N   . LYS A 1 25 ? -1.070  3.502   8.524   1.00 33.66 ? 556  LYS A N   1 
ATOM   186  C CA  . LYS A 1 25 ? -1.206  4.126   9.822   1.00 35.66 ? 556  LYS A CA  1 
ATOM   187  C C   . LYS A 1 25 ? -2.641  4.210   10.321  1.00 36.44 ? 556  LYS A C   1 
ATOM   188  O O   . LYS A 1 25 ? -2.867  4.111   11.516  1.00 36.40 ? 556  LYS A O   1 
ATOM   189  C CB  . LYS A 1 25 ? -0.582  5.521   9.847   1.00 35.41 ? 556  LYS A CB  1 
ATOM   190  C CG  . LYS A 1 25 ? 0.940   5.540   9.727   1.00 37.81 ? 556  LYS A CG  1 
ATOM   191  C CD  . LYS A 1 25 ? 1.399   6.998   9.686   1.00 41.60 ? 556  LYS A CD  1 
ATOM   192  C CE  . LYS A 1 25 ? 2.832   7.141   10.117  1.00 43.44 ? 556  LYS A CE  1 
ATOM   193  N NZ  . LYS A 1 25 ? 3.228   8.569   10.124  1.00 44.97 ? 556  LYS A NZ  1 
ATOM   194  N N   . ASN A 1 26 ? -3.611  4.417   9.440   1.00 37.97 ? 557  ASN A N   1 
ATOM   195  C CA  . ASN A 1 26 ? -4.934  4.821   9.945   1.00 39.68 ? 557  ASN A CA  1 
ATOM   196  C C   . ASN A 1 26 ? -6.069  3.821   9.731   1.00 40.56 ? 557  ASN A C   1 
ATOM   197  O O   . ASN A 1 26 ? -7.212  4.059   10.152  1.00 40.94 ? 557  ASN A O   1 
ATOM   198  C CB  . ASN A 1 26 ? -5.300  6.213   9.430   1.00 39.72 ? 557  ASN A CB  1 
ATOM   199  C CG  . ASN A 1 26 ? -4.260  7.274   9.845   1.00 42.59 ? 557  ASN A CG  1 
ATOM   200  O OD1 . ASN A 1 26 ? -3.438  7.732   9.026   1.00 44.51 ? 557  ASN A OD1 1 
ATOM   201  N ND2 . ASN A 1 26 ? -4.250  7.609   11.130  1.00 41.01 ? 557  ASN A ND2 1 
ATOM   202  N N   . ASP A 1 27 ? -5.758  2.699   9.091   1.00 40.61 ? 558  ASP A N   1 
ATOM   203  C CA  . ASP A 1 27 ? -6.785  1.726   8.820   1.00 40.99 ? 558  ASP A CA  1 
ATOM   204  C C   . ASP A 1 27 ? -6.336  0.337   9.295   1.00 40.11 ? 558  ASP A C   1 
ATOM   205  O O   . ASP A 1 27 ? -5.633  -0.393  8.573   1.00 39.40 ? 558  ASP A O   1 
ATOM   206  C CB  . ASP A 1 27 ? -7.167  1.781   7.325   1.00 41.62 ? 558  ASP A CB  1 
ATOM   207  C CG  . ASP A 1 27 ? -8.501  1.109   7.043   1.00 45.56 ? 558  ASP A CG  1 
ATOM   208  O OD1 . ASP A 1 27 ? -9.044  0.442   7.981   1.00 49.69 ? 558  ASP A OD1 1 
ATOM   209  O OD2 . ASP A 1 27 ? -8.999  1.232   5.887   1.00 46.28 ? 558  ASP A OD2 1 
ATOM   210  N N   . SER A 1 28 ? -6.737  -0.014  10.524  1.00 40.42 ? 559  SER A N   1 
ATOM   211  C CA  . SER A 1 28 ? -6.421  -1.342  11.114  1.00 40.98 ? 559  SER A CA  1 
ATOM   212  C C   . SER A 1 28 ? -6.968  -2.484  10.252  1.00 39.66 ? 559  SER A C   1 
ATOM   213  O O   . SER A 1 28 ? -6.348  -3.569  10.184  1.00 39.59 ? 559  SER A O   1 
ATOM   214  C CB  . SER A 1 28 ? -6.866  -1.467  12.598  1.00 42.22 ? 559  SER A CB  1 
ATOM   215  O OG  . SER A 1 28 ? -8.276  -1.685  12.744  1.00 46.47 ? 559  SER A OG  1 
ATOM   216  N N   . SER A 1 29 ? -8.090  -2.210  9.567   1.00 38.45 ? 560  SER A N   1 
ATOM   217  C CA  . SER A 1 29 ? -8.708  -3.145  8.629   1.00 37.17 ? 560  SER A CA  1 
ATOM   218  C C   . SER A 1 29 ? -7.886  -3.404  7.361   1.00 35.89 ? 560  SER A C   1 
ATOM   219  O O   . SER A 1 29 ? -7.993  -4.474  6.723   1.00 35.57 ? 560  SER A O   1 
ATOM   220  C CB  . SER A 1 29 ? -10.072 -2.621  8.211   1.00 38.16 ? 560  SER A CB  1 
ATOM   221  O OG  . SER A 1 29 ? -10.538 -3.350  7.080   1.00 40.23 ? 560  SER A OG  1 
ATOM   222  N N   . PHE A 1 30 ? -7.094  -2.413  6.975   1.00 33.48 ? 561  PHE A N   1 
ATOM   223  C CA  . PHE A 1 30 ? -6.242  -2.548  5.813   1.00 31.52 ? 561  PHE A CA  1 
ATOM   224  C C   . PHE A 1 30 ? -5.110  -3.557  6.134   1.00 30.76 ? 561  PHE A C   1 
ATOM   225  O O   . PHE A 1 30 ? -4.838  -4.457  5.334   1.00 30.82 ? 561  PHE A O   1 
ATOM   226  C CB  . PHE A 1 30 ? -5.683  -1.183  5.470   1.00 31.25 ? 561  PHE A CB  1 
ATOM   227  C CG  . PHE A 1 30 ? -4.650  -1.198  4.389   1.00 30.43 ? 561  PHE A CG  1 
ATOM   228  C CD1 . PHE A 1 30 ? -5.035  -1.268  3.040   1.00 27.71 ? 561  PHE A CD1 1 
ATOM   229  C CD2 . PHE A 1 30 ? -3.274  -1.112  4.718   1.00 24.05 ? 561  PHE A CD2 1 
ATOM   230  C CE1 . PHE A 1 30 ? -4.067  -1.213  2.041   1.00 26.49 ? 561  PHE A CE1 1 
ATOM   231  C CE2 . PHE A 1 30 ? -2.314  -1.077  3.744   1.00 19.77 ? 561  PHE A CE2 1 
ATOM   232  C CZ  . PHE A 1 30 ? -2.696  -1.132  2.402   1.00 27.34 ? 561  PHE A CZ  1 
ATOM   233  N N   . LEU A 1 31 ? -4.497  -3.445  7.307   1.00 28.66 ? 562  LEU A N   1 
ATOM   234  C CA  . LEU A 1 31 ? -3.462  -4.404  7.703   1.00 29.15 ? 562  LEU A CA  1 
ATOM   235  C C   . LEU A 1 31 ? -4.008  -5.798  8.003   1.00 29.56 ? 562  LEU A C   1 
ATOM   236  O O   . LEU A 1 31 ? -3.349  -6.787  7.739   1.00 30.38 ? 562  LEU A O   1 
ATOM   237  C CB  . LEU A 1 31 ? -2.627  -3.901  8.876   1.00 27.86 ? 562  LEU A CB  1 
ATOM   238  C CG  . LEU A 1 31 ? -1.924  -2.579  8.647   1.00 25.89 ? 562  LEU A CG  1 
ATOM   239  C CD1 . LEU A 1 31 ? -1.240  -2.226  9.953   1.00 22.69 ? 562  LEU A CD1 1 
ATOM   240  C CD2 . LEU A 1 31 ? -0.926  -2.689  7.480   1.00 22.49 ? 562  LEU A CD2 1 
ATOM   241  N N   . SER A 1 32 ? -5.220  -5.872  8.534   1.00 30.75 ? 563  SER A N   1 
ATOM   242  C CA  . SER A 1 32 ? -5.928  -7.137  8.721   1.00 30.79 ? 563  SER A CA  1 
ATOM   243  C C   . SER A 1 32 ? -6.003  -7.931  7.415   1.00 29.75 ? 563  SER A C   1 
ATOM   244  O O   . SER A 1 32 ? -5.796  -9.162  7.382   1.00 30.23 ? 563  SER A O   1 
ATOM   245  C CB  . SER A 1 32 ? -7.359  -6.838  9.164   1.00 31.79 ? 563  SER A CB  1 
ATOM   246  O OG  . SER A 1 32 ? -7.424  -6.632  10.559  1.00 35.51 ? 563  SER A OG  1 
ATOM   247  N N   . THR A 1 33 ? -6.348  -7.211  6.360   1.00 28.21 ? 564  THR A N   1 
ATOM   248  C CA  . THR A 1 33 ? -6.530  -7.793  5.063   1.00 27.59 ? 564  THR A CA  1 
ATOM   249  C C   . THR A 1 33 ? -5.199  -8.292  4.566   1.00 26.50 ? 564  THR A C   1 
ATOM   250  O O   . THR A 1 33 ? -5.150  -9.385  4.032   1.00 26.09 ? 564  THR A O   1 
ATOM   251  C CB  . THR A 1 33 ? -7.172  -6.775  4.078   1.00 28.77 ? 564  THR A CB  1 
ATOM   252  O OG1 . THR A 1 33 ? -8.492  -6.527  4.536   1.00 31.53 ? 564  THR A OG1 1 
ATOM   253  C CG2 . THR A 1 33 ? -7.265  -7.336  2.627   1.00 29.68 ? 564  THR A CG2 1 
ATOM   254  N N   . LEU A 1 34 ? -4.110  -7.534  4.764   1.00 24.27 ? 565  LEU A N   1 
ATOM   255  C CA  . LEU A 1 34 ? -2.821  -8.009  4.262   1.00 23.25 ? 565  LEU A CA  1 
ATOM   256  C C   . LEU A 1 34 ? -2.499  -9.303  4.976   1.00 22.43 ? 565  LEU A C   1 
ATOM   257  O O   . LEU A 1 34 ? -2.128  -10.268 4.335   1.00 21.02 ? 565  LEU A O   1 
ATOM   258  C CB  . LEU A 1 34 ? -1.662  -6.995  4.441   1.00 23.46 ? 565  LEU A CB  1 
ATOM   259  C CG  . LEU A 1 34 ? -1.968  -5.633  3.814   1.00 24.56 ? 565  LEU A CG  1 
ATOM   260  C CD1 . LEU A 1 34 ? -0.818  -4.718  4.129   1.00 28.35 ? 565  LEU A CD1 1 
ATOM   261  C CD2 . LEU A 1 34 ? -2.128  -5.826  2.350   1.00 24.31 ? 565  LEU A CD2 1 
ATOM   262  N N   . HIS A 1 35 ? -2.664  -9.305  6.297   1.00 21.38 ? 566  HIS A N   1 
ATOM   263  C CA  . HIS A 1 35 ? -2.318  -10.450 7.134   1.00 22.06 ? 566  HIS A CA  1 
ATOM   264  C C   . HIS A 1 35 ? -3.151  -11.672 6.783   1.00 23.27 ? 566  HIS A C   1 
ATOM   265  O O   . HIS A 1 35 ? -2.620  -12.746 6.658   1.00 23.22 ? 566  HIS A O   1 
ATOM   266  C CB  . HIS A 1 35 ? -2.412  -10.110 8.631   1.00 20.53 ? 566  HIS A CB  1 
ATOM   267  C CG  . HIS A 1 35 ? -1.385  -9.120  9.074   1.00 20.33 ? 566  HIS A CG  1 
ATOM   268  N ND1 . HIS A 1 35 ? -1.389  -8.553  10.340  1.00 20.92 ? 566  HIS A ND1 1 
ATOM   269  C CD2 . HIS A 1 35 ? -0.312  -8.599  8.421   1.00 15.96 ? 566  HIS A CD2 1 
ATOM   270  C CE1 . HIS A 1 35 ? -0.373  -7.699  10.427  1.00 20.67 ? 566  HIS A CE1 1 
ATOM   271  N NE2 . HIS A 1 35 ? 0.294   -7.719  9.280   1.00 19.55 ? 566  HIS A NE2 1 
ATOM   272  N N   . GLU A 1 36 ? -4.440  -11.486 6.587   1.00 26.06 ? 567  GLU A N   1 
ATOM   273  C CA  . GLU A 1 36 ? -5.328  -12.582 6.204   1.00 29.72 ? 567  GLU A CA  1 
ATOM   274  C C   . GLU A 1 36 ? -4.958  -13.170 4.845   1.00 30.63 ? 567  GLU A C   1 
ATOM   275  O O   . GLU A 1 36 ? -4.773  -14.373 4.703   1.00 32.40 ? 567  GLU A O   1 
ATOM   276  C CB  . GLU A 1 36 ? -6.766  -12.095 6.146   1.00 29.62 ? 567  GLU A CB  1 
ATOM   277  C CG  . GLU A 1 36 ? -7.738  -13.237 6.153   1.00 36.03 ? 567  GLU A CG  1 
ATOM   278  C CD  . GLU A 1 36 ? -9.169  -12.765 6.102   1.00 44.77 ? 567  GLU A CD  1 
ATOM   279  O OE1 . GLU A 1 36 ? -9.400  -11.517 6.100   1.00 50.81 ? 567  GLU A OE1 1 
ATOM   280  O OE2 . GLU A 1 36 ? -10.063 -13.641 6.046   1.00 49.35 ? 567  GLU A OE2 1 
ATOM   281  N N   . VAL A 1 37 ? -4.866  -12.319 3.840   1.00 31.27 ? 568  VAL A N   1 
ATOM   282  C CA  . VAL A 1 37 ? -4.490  -12.769 2.517   1.00 31.78 ? 568  VAL A CA  1 
ATOM   283  C C   . VAL A 1 37 ? -3.108  -13.415 2.482   1.00 32.22 ? 568  VAL A C   1 
ATOM   284  O O   . VAL A 1 37 ? -2.903  -14.429 1.815   1.00 31.34 ? 568  VAL A O   1 
ATOM   285  C CB  . VAL A 1 37 ? -4.586  -11.639 1.497   1.00 32.08 ? 568  VAL A CB  1 
ATOM   286  C CG1 . VAL A 1 37 ? -4.160  -12.161 0.129   1.00 31.32 ? 568  VAL A CG1 1 
ATOM   287  C CG2 . VAL A 1 37 ? -6.025  -11.146 1.418   1.00 31.47 ? 568  VAL A CG2 1 
ATOM   288  N N   . TYR A 1 38 ? -2.145  -12.872 3.202   1.00 33.10 ? 569  TYR A N   1 
ATOM   289  C CA  . TYR A 1 38 ? -0.868  -13.588 3.236   1.00 34.88 ? 569  TYR A CA  1 
ATOM   290  C C   . TYR A 1 38 ? -1.007  -15.017 3.815   1.00 36.33 ? 569  TYR A C   1 
ATOM   291  O O   . TYR A 1 38 ? -0.492  -15.989 3.240   1.00 35.78 ? 569  TYR A O   1 
ATOM   292  C CB  . TYR A 1 38 ? 0.193   -12.822 4.009   1.00 34.84 ? 569  TYR A CB  1 
ATOM   293  C CG  . TYR A 1 38 ? 1.476   -13.616 4.036   1.00 36.98 ? 569  TYR A CG  1 
ATOM   294  C CD1 . TYR A 1 38 ? 2.185   -13.856 2.849   1.00 39.57 ? 569  TYR A CD1 1 
ATOM   295  C CD2 . TYR A 1 38 ? 1.931   -14.203 5.216   1.00 38.53 ? 569  TYR A CD2 1 
ATOM   296  C CE1 . TYR A 1 38 ? 3.345   -14.631 2.850   1.00 43.59 ? 569  TYR A CE1 1 
ATOM   297  C CE2 . TYR A 1 38 ? 3.101   -14.980 5.235   1.00 43.09 ? 569  TYR A CE2 1 
ATOM   298  C CZ  . TYR A 1 38 ? 3.798   -15.192 4.053   1.00 43.95 ? 569  TYR A CZ  1 
ATOM   299  O OH  . TYR A 1 38 ? 4.945   -15.962 4.068   1.00 48.01 ? 569  TYR A OH  1 
ATOM   300  N N   . LEU A 1 39 ? -1.688  -15.125 4.959   1.00 38.26 ? 570  LEU A N   1 
ATOM   301  C CA  . LEU A 1 39 ? -1.929  -16.409 5.593   1.00 41.35 ? 570  LEU A CA  1 
ATOM   302  C C   . LEU A 1 39 ? -2.771  -17.326 4.748   1.00 42.81 ? 570  LEU A C   1 
ATOM   303  O O   . LEU A 1 39 ? -2.384  -18.458 4.478   1.00 43.30 ? 570  LEU A O   1 
ATOM   304  C CB  . LEU A 1 39 ? -2.604  -16.228 6.954   1.00 41.82 ? 570  LEU A CB  1 
ATOM   305  C CG  . LEU A 1 39 ? -1.743  -16.594 8.153   1.00 42.88 ? 570  LEU A CG  1 
ATOM   306  C CD1 . LEU A 1 39 ? -2.610  -16.638 9.354   1.00 45.26 ? 570  LEU A CD1 1 
ATOM   307  C CD2 . LEU A 1 39 ? -1.133  -17.979 7.968   1.00 46.70 ? 570  LEU A CD2 1 
ATOM   308  N N   . GLN A 1 40 ? -3.910  -16.821 4.313   1.00 44.96 ? 571  GLN A N   1 
ATOM   309  C CA  . GLN A 1 40 ? -4.904  -17.652 3.668   1.00 47.90 ? 571  GLN A CA  1 
ATOM   310  C C   . GLN A 1 40 ? -4.526  -18.018 2.249   1.00 49.68 ? 571  GLN A C   1 
ATOM   311  O O   . GLN A 1 40 ? -4.706  -19.182 1.873   1.00 49.99 ? 571  GLN A O   1 
ATOM   312  C CB  . GLN A 1 40 ? -6.313  -17.025 3.730   1.00 47.82 ? 571  GLN A CB  1 
ATOM   313  C CG  . GLN A 1 40 ? -7.024  -17.235 5.094   1.00 51.04 ? 571  GLN A CG  1 
ATOM   314  C CD  . GLN A 1 40 ? -7.254  -18.728 5.464   1.00 57.10 ? 571  GLN A CD  1 
ATOM   315  O OE1 . GLN A 1 40 ? -8.142  -19.412 4.901   1.00 59.92 ? 571  GLN A OE1 1 
ATOM   316  N NE2 . GLN A 1 40 ? -6.467  -19.225 6.426   1.00 54.71 ? 571  GLN A NE2 1 
ATOM   317  N N   . VAL A 1 41 ? -3.994  -17.043 1.490   1.00 51.48 ? 572  VAL A N   1 
ATOM   318  C CA  . VAL A 1 41 ? -3.728  -17.187 0.037   1.00 53.41 ? 572  VAL A CA  1 
ATOM   319  C C   . VAL A 1 41 ? -2.253  -17.454 -0.294  1.00 54.52 ? 572  VAL A C   1 
ATOM   320  O O   . VAL A 1 41 ? -1.925  -18.493 -0.856  1.00 55.16 ? 572  VAL A O   1 
ATOM   321  C CB  . VAL A 1 41 ? -4.268  -15.972 -0.820  1.00 53.22 ? 572  VAL A CB  1 
ATOM   322  C CG1 . VAL A 1 41 ? -3.916  -16.150 -2.330  1.00 53.94 ? 572  VAL A CG1 1 
ATOM   323  C CG2 . VAL A 1 41 ? -5.792  -15.796 -0.653  1.00 53.60 ? 572  VAL A CG2 1 
ATOM   324  N N   . LEU A 1 42 ? -1.362  -16.538 0.072   1.00 55.99 ? 573  LEU A N   1 
ATOM   325  C CA  . LEU A 1 42 ? 0.048   -16.615 -0.356  1.00 57.11 ? 573  LEU A CA  1 
ATOM   326  C C   . LEU A 1 42 ? 0.992   -17.726 0.217   1.00 58.21 ? 573  LEU A C   1 
ATOM   327  O O   . LEU A 1 42 ? 1.892   -18.200 -0.499  1.00 58.71 ? 573  LEU A O   1 
ATOM   328  C CB  . LEU A 1 42 ? 0.713   -15.236 -0.256  1.00 56.90 ? 573  LEU A CB  1 
ATOM   329  C CG  . LEU A 1 42 ? 0.443   -14.257 -1.405  1.00 56.40 ? 573  LEU A CG  1 
ATOM   330  C CD1 . LEU A 1 42 ? -0.619  -13.282 -1.001  1.00 55.08 ? 573  LEU A CD1 1 
ATOM   331  C CD2 . LEU A 1 42 ? 1.711   -13.497 -1.704  1.00 56.65 ? 573  LEU A CD2 1 
ATOM   332  N N   . THR A 1 43 ? 0.821   -18.136 1.472   1.00 58.92 ? 574  THR A N   1 
ATOM   333  C CA  . THR A 1 43 ? 1.681   -19.198 2.048   1.00 59.69 ? 574  THR A CA  1 
ATOM   334  C C   . THR A 1 43 ? 1.503   -20.537 1.322   1.00 59.81 ? 574  THR A C   1 
ATOM   335  O O   . THR A 1 43 ? 0.373   -20.993 1.147   1.00 60.06 ? 574  THR A O   1 
ATOM   336  C CB  . THR A 1 43 ? 1.410   -19.440 3.564   1.00 59.78 ? 574  THR A CB  1 
ATOM   337  O OG1 . THR A 1 43 ? -0.005  -19.533 3.791   1.00 60.32 ? 574  THR A OG1 1 
ATOM   338  C CG2 . THR A 1 43 ? 2.000   -18.324 4.403   1.00 59.63 ? 574  THR A CG2 1 
ATOM   339  N N   . MET B 1 4  ? -10.784 -3.683  13.752  1.00 54.22 ? 535  MET B N   1 
ATOM   340  C CA  . MET B 1 4  ? -9.886  -4.878  13.963  1.00 54.21 ? 535  MET B CA  1 
ATOM   341  C C   . MET B 1 4  ? -8.903  -4.748  15.171  1.00 52.04 ? 535  MET B C   1 
ATOM   342  O O   . MET B 1 4  ? -7.890  -4.066  15.085  1.00 53.31 ? 535  MET B O   1 
ATOM   343  C CB  . MET B 1 4  ? -9.154  -5.203  12.648  1.00 55.02 ? 535  MET B CB  1 
ATOM   344  C CG  . MET B 1 4  ? -10.057 -5.821  11.541  1.00 58.49 ? 535  MET B CG  1 
ATOM   345  S SD  . MET B 1 4  ? -11.328 -4.774  10.712  1.00 68.64 ? 535  MET B SD  1 
ATOM   346  C CE  . MET B 1 4  ? -11.967 -5.930  9.466   1.00 65.35 ? 535  MET B CE  1 
ATOM   347  N N   . ALA B 1 5  ? -9.199  -5.429  16.277  1.00 49.15 ? 536  ALA B N   1 
ATOM   348  C CA  . ALA B 1 5  ? -8.565  -5.139  17.589  1.00 45.88 ? 536  ALA B CA  1 
ATOM   349  C C   . ALA B 1 5  ? -7.014  -5.168  17.754  1.00 43.77 ? 536  ALA B C   1 
ATOM   350  O O   . ALA B 1 5  ? -6.415  -4.182  18.273  1.00 43.87 ? 536  ALA B O   1 
ATOM   351  C CB  . ALA B 1 5  ? -9.218  -5.942  18.692  1.00 45.51 ? 536  ALA B CB  1 
ATOM   352  N N   . ASP B 1 6  ? -6.375  -6.288  17.387  1.00 39.41 ? 537  ASP B N   1 
ATOM   353  C CA  . ASP B 1 6  ? -4.953  -6.460  17.711  1.00 35.19 ? 537  ASP B CA  1 
ATOM   354  C C   . ASP B 1 6  ? -4.169  -7.240  16.666  1.00 33.36 ? 537  ASP B C   1 
ATOM   355  O O   . ASP B 1 6  ? -4.589  -8.316  16.235  1.00 31.75 ? 537  ASP B O   1 
ATOM   356  C CB  . ASP B 1 6  ? -4.768  -7.097  19.090  1.00 35.15 ? 537  ASP B CB  1 
ATOM   357  C CG  . ASP B 1 6  ? -3.338  -7.000  19.593  1.00 32.68 ? 537  ASP B CG  1 
ATOM   358  O OD1 . ASP B 1 6  ? -2.732  -5.920  19.481  1.00 34.32 ? 537  ASP B OD1 1 
ATOM   359  O OD2 . ASP B 1 6  ? -2.804  -7.994  20.107  1.00 29.41 ? 537  ASP B OD2 1 
ATOM   360  N N   . LEU B 1 7  ? -3.018  -6.694  16.280  1.00 30.44 ? 538  LEU B N   1 
ATOM   361  C CA  . LEU B 1 7  ? -2.264  -7.267  15.205  1.00 28.75 ? 538  LEU B CA  1 
ATOM   362  C C   . LEU B 1 7  ? -1.008  -7.866  15.755  1.00 27.17 ? 538  LEU B C   1 
ATOM   363  O O   . LEU B 1 7  ? -0.162  -7.149  16.212  1.00 27.50 ? 538  LEU B O   1 
ATOM   364  C CB  . LEU B 1 7  ? -1.961  -6.175  14.171  1.00 28.54 ? 538  LEU B CB  1 
ATOM   365  C CG  . LEU B 1 7  ? -3.206  -5.509  13.544  1.00 29.25 ? 538  LEU B CG  1 
ATOM   366  C CD1 . LEU B 1 7  ? -2.799  -4.276  12.737  1.00 27.41 ? 538  LEU B CD1 1 
ATOM   367  C CD2 . LEU B 1 7  ? -4.003  -6.495  12.717  1.00 26.70 ? 538  LEU B CD2 1 
ATOM   368  N N   . SER B 1 8  ? -0.902  -9.183  15.732  1.00 25.82 ? 539  SER B N   1 
ATOM   369  C CA  . SER B 1 8  ? 0.300   -9.885  16.171  1.00 25.55 ? 539  SER B CA  1 
ATOM   370  C C   . SER B 1 8  ? 1.217   -10.348 14.989  1.00 24.95 ? 539  SER B C   1 
ATOM   371  O O   . SER B 1 8  ? 2.404   -10.519 15.150  1.00 23.84 ? 539  SER B O   1 
ATOM   372  C CB  . SER B 1 8  ? -0.094  -11.086 16.992  1.00 25.65 ? 539  SER B CB  1 
ATOM   373  O OG  . SER B 1 8  ? -0.776  -12.017 16.144  1.00 31.31 ? 539  SER B OG  1 
ATOM   374  N N   . ILE B 1 9  ? 0.653   -10.559 13.808  1.00 24.38 ? 540  ILE B N   1 
ATOM   375  C CA  . ILE B 1 9  ? 1.468   -11.022 12.687  1.00 25.16 ? 540  ILE B CA  1 
ATOM   376  C C   . ILE B 1 9  ? 2.386   -9.897  12.220  1.00 25.03 ? 540  ILE B C   1 
ATOM   377  O O   . ILE B 1 9  ? 2.019   -8.736  12.269  1.00 24.00 ? 540  ILE B O   1 
ATOM   378  C CB  . ILE B 1 9  ? 0.596   -11.543 11.529  1.00 24.40 ? 540  ILE B CB  1 
ATOM   379  C CG1 . ILE B 1 9  ? -0.057  -12.872 11.945  1.00 25.77 ? 540  ILE B CG1 1 
ATOM   380  C CG2 . ILE B 1 9  ? 1.386   -11.668 10.235  1.00 24.19 ? 540  ILE B CG2 1 
ATOM   381  C CD1 . ILE B 1 9  ? -1.416  -13.132 11.235  1.00 22.91 ? 540  ILE B CD1 1 
ATOM   382  N N   . ILE B 1 10 ? 3.568   -10.245 11.746  1.00 25.59 ? 541  ILE B N   1 
ATOM   383  C CA  . ILE B 1 10 ? 4.460   -9.219  11.308  1.00 26.94 ? 541  ILE B CA  1 
ATOM   384  C C   . ILE B 1 10 ? 5.060   -9.696  10.015  1.00 26.57 ? 541  ILE B C   1 
ATOM   385  O O   . ILE B 1 10 ? 5.841   -10.621 10.006  1.00 26.84 ? 541  ILE B O   1 
ATOM   386  C CB  . ILE B 1 10 ? 5.530   -8.902  12.432  1.00 28.89 ? 541  ILE B CB  1 
ATOM   387  C CG1 . ILE B 1 10 ? 6.567   -7.856  11.958  1.00 30.72 ? 541  ILE B CG1 1 
ATOM   388  C CG2 . ILE B 1 10 ? 6.312   -10.170 12.850  1.00 27.85 ? 541  ILE B CG2 1 
ATOM   389  C CD1 . ILE B 1 10 ? 7.067   -7.005  13.131  1.00 32.18 ? 541  ILE B CD1 1 
ATOM   390  N N   . LEU B 1 11 ? 4.679   -9.111  8.897   1.00 26.04 ? 542  LEU B N   1 
ATOM   391  C CA  . LEU B 1 11 ? 5.200   -9.635  7.663   1.00 26.24 ? 542  LEU B CA  1 
ATOM   392  C C   . LEU B 1 11 ? 6.582   -9.091  7.424   1.00 26.70 ? 542  LEU B C   1 
ATOM   393  O O   . LEU B 1 11 ? 6.894   -7.964  7.846   1.00 26.93 ? 542  LEU B O   1 
ATOM   394  C CB  . LEU B 1 11 ? 4.288   -9.284  6.489   1.00 26.66 ? 542  LEU B CB  1 
ATOM   395  C CG  . LEU B 1 11 ? 2.808   -9.660  6.483   1.00 24.70 ? 542  LEU B CG  1 
ATOM   396  C CD1 . LEU B 1 11 ? 2.046   -8.983  5.326   1.00 21.81 ? 542  LEU B CD1 1 
ATOM   397  C CD2 . LEU B 1 11 ? 2.596   -11.138 6.488   1.00 23.23 ? 542  LEU B CD2 1 
ATOM   398  N N   . SER B 1 12 ? 7.434   -9.881  6.775   1.00 27.78 ? 543  SER B N   1 
ATOM   399  C CA  . SER B 1 12 ? 8.748   -9.379  6.378   1.00 29.52 ? 543  SER B CA  1 
ATOM   400  C C   . SER B 1 12 ? 8.584   -8.458  5.158   1.00 30.47 ? 543  SER B C   1 
ATOM   401  O O   . SER B 1 12 ? 7.517   -8.420  4.528   1.00 31.36 ? 543  SER B O   1 
ATOM   402  C CB  . SER B 1 12 ? 9.633   -10.557 5.991   1.00 30.03 ? 543  SER B CB  1 
ATOM   403  O OG  . SER B 1 12 ? 9.063   -11.207 4.861   1.00 29.57 ? 543  SER B OG  1 
ATOM   404  N N   . LYS B 1 13 ? 9.645   -7.767  4.764   1.00 31.44 ? 544  LYS B N   1 
ATOM   405  C CA  . LYS B 1 13 ? 9.550   -6.882  3.600   1.00 31.77 ? 544  LYS B CA  1 
ATOM   406  C C   . LYS B 1 13 ? 9.018   -7.578  2.346   1.00 31.95 ? 544  LYS B C   1 
ATOM   407  O O   . LYS B 1 13 ? 8.109   -7.049  1.682   1.00 32.89 ? 544  LYS B O   1 
ATOM   408  C CB  . LYS B 1 13 ? 10.880  -6.221  3.328   1.00 32.41 ? 544  LYS B CB  1 
ATOM   409  C CG  . LYS B 1 13 ? 10.775  -4.926  2.551   1.00 35.37 ? 544  LYS B CG  1 
ATOM   410  C CD  . LYS B 1 13 ? 12.139  -4.526  2.066   1.00 38.58 ? 544  LYS B CD  1 
ATOM   411  C CE  . LYS B 1 13 ? 12.935  -3.930  3.184   1.00 44.31 ? 544  LYS B CE  1 
ATOM   412  N NZ  . LYS B 1 13 ? 14.284  -3.506  2.683   1.00 44.12 ? 544  LYS B NZ  1 
ATOM   413  N N   . SER B 1 14 ? 9.534   -8.761  2.032   1.00 30.77 ? 545  SER B N   1 
ATOM   414  C CA  . SER B 1 14 ? 9.104   -9.435  0.829   1.00 31.95 ? 545  SER B CA  1 
ATOM   415  C C   . SER B 1 14 ? 7.755   -10.138 1.001   1.00 30.80 ? 545  SER B C   1 
ATOM   416  O O   . SER B 1 14 ? 7.026   -10.357 0.020   1.00 29.94 ? 545  SER B O   1 
ATOM   417  C CB  . SER B 1 14 ? 10.183  -10.396 0.311   1.00 33.18 ? 545  SER B CB  1 
ATOM   418  O OG  . SER B 1 14 ? 10.439  -11.372 1.283   1.00 37.91 ? 545  SER B OG  1 
ATOM   419  N N   . GLN B 1 15 ? 7.378   -10.460 2.232   1.00 30.23 ? 546  GLN B N   1 
ATOM   420  C CA  . GLN B 1 15 ? 5.975   -10.918 2.427   1.00 29.20 ? 546  GLN B CA  1 
ATOM   421  C C   . GLN B 1 15 ? 4.951   -9.782  2.153   1.00 29.14 ? 546  GLN B C   1 
ATOM   422  O O   . GLN B 1 15 ? 3.939   -9.974  1.460   1.00 29.46 ? 546  GLN B O   1 
ATOM   423  C CB  . GLN B 1 15 ? 5.802   -11.536 3.798   1.00 29.57 ? 546  GLN B CB  1 
ATOM   424  C CG  . GLN B 1 15 ? 6.558   -12.890 4.003   1.00 29.24 ? 546  GLN B CG  1 
ATOM   425  C CD  . GLN B 1 15 ? 6.682   -13.290 5.479   1.00 31.75 ? 546  GLN B CD  1 
ATOM   426  O OE1 . GLN B 1 15 ? 6.249   -12.577 6.373   1.00 32.62 ? 546  GLN B OE1 1 
ATOM   427  N NE2 . GLN B 1 15 ? 7.281   -14.433 5.727   1.00 35.11 ? 546  GLN B NE2 1 
ATOM   428  N N   . LEU B 1 16 ? 5.240   -8.596  2.682   1.00 27.68 ? 547  LEU B N   1 
ATOM   429  C CA  . LEU B 1 16 ? 4.448   -7.408  2.461   1.00 26.25 ? 547  LEU B CA  1 
ATOM   430  C C   . LEU B 1 16 ? 4.333   -7.055  0.952   1.00 25.84 ? 547  LEU B C   1 
ATOM   431  O O   . LEU B 1 16 ? 3.226   -6.869  0.405   1.00 23.98 ? 547  LEU B O   1 
ATOM   432  C CB  . LEU B 1 16 ? 5.096   -6.259  3.215   1.00 25.82 ? 547  LEU B CB  1 
ATOM   433  C CG  . LEU B 1 16 ? 4.349   -4.927  3.124   1.00 26.38 ? 547  LEU B CG  1 
ATOM   434  C CD1 . LEU B 1 16 ? 2.917   -5.084  3.655   1.00 24.53 ? 547  LEU B CD1 1 
ATOM   435  C CD2 . LEU B 1 16 ? 5.084   -3.789  3.834   1.00 22.13 ? 547  LEU B CD2 1 
ATOM   436  N N   . GLN B 1 17 ? 5.484   -7.018  0.281   1.00 26.65 ? 548  GLN B N   1 
ATOM   437  C CA  . GLN B 1 17 ? 5.566   -6.773  -1.165  1.00 26.58 ? 548  GLN B CA  1 
ATOM   438  C C   . GLN B 1 17 ? 4.693   -7.743  -1.947  1.00 26.45 ? 548  GLN B C   1 
ATOM   439  O O   . GLN B 1 17 ? 3.792   -7.356  -2.709  1.00 27.40 ? 548  GLN B O   1 
ATOM   440  C CB  . GLN B 1 17 ? 7.013   -6.916  -1.581  1.00 26.34 ? 548  GLN B CB  1 
ATOM   441  C CG  . GLN B 1 17 ? 7.279   -6.695  -3.042  1.00 27.34 ? 548  GLN B CG  1 
ATOM   442  C CD  . GLN B 1 17 ? 8.712   -7.078  -3.422  1.00 28.72 ? 548  GLN B CD  1 
ATOM   443  O OE1 . GLN B 1 17 ? 9.231   -8.075  -2.940  1.00 31.31 ? 548  GLN B OE1 1 
ATOM   444  N NE2 . GLN B 1 17 ? 9.345   -6.296  -4.269  1.00 23.42 ? 548  GLN B NE2 1 
ATOM   445  N N   . ASP B 1 18 ? 4.925   -9.018  -1.728  1.00 27.25 ? 549  ASP B N   1 
ATOM   446  C CA  . ASP B 1 18 ? 4.160   -10.074 -2.410  1.00 27.53 ? 549  ASP B CA  1 
ATOM   447  C C   . ASP B 1 18 ? 2.649   -9.931  -2.156  1.00 26.19 ? 549  ASP B C   1 
ATOM   448  O O   . ASP B 1 18 ? 1.814   -10.156 -3.049  1.00 26.26 ? 549  ASP B O   1 
ATOM   449  C CB  . ASP B 1 18 ? 4.616   -11.461 -1.922  1.00 27.68 ? 549  ASP B CB  1 
ATOM   450  C CG  . ASP B 1 18 ? 6.015   -11.853 -2.386  1.00 32.80 ? 549  ASP B CG  1 
ATOM   451  O OD1 . ASP B 1 18 ? 6.610   -11.232 -3.307  1.00 34.20 ? 549  ASP B OD1 1 
ATOM   452  O OD2 . ASP B 1 18 ? 6.534   -12.840 -1.794  1.00 40.52 ? 549  ASP B OD2 1 
ATOM   453  N N   . THR B 1 19 ? 2.280   -9.572  -0.940  1.00 25.08 ? 550  THR B N   1 
ATOM   454  C CA  . THR B 1 19 ? 0.847   -9.500  -0.633  1.00 25.07 ? 550  THR B CA  1 
ATOM   455  C C   . THR B 1 19 ? 0.222   -8.245  -1.253  1.00 24.42 ? 550  THR B C   1 
ATOM   456  O O   . THR B 1 19 ? -0.861  -8.287  -1.815  1.00 23.73 ? 550  THR B O   1 
ATOM   457  C CB  . THR B 1 19 ? 0.593   -9.518  0.874   1.00 25.11 ? 550  THR B CB  1 
ATOM   458  O OG1 . THR B 1 19 ? 1.253   -10.649 1.447   1.00 27.79 ? 550  THR B OG1 1 
ATOM   459  C CG2 . THR B 1 19 ? -0.915  -9.655  1.175   1.00 27.16 ? 550  THR B CG2 1 
ATOM   460  N N   . LEU B 1 20 ? 0.912   -7.120  -1.126  1.00 24.79 ? 551  LEU B N   1 
ATOM   461  C CA  . LEU B 1 20 ? 0.428   -5.907  -1.718  1.00 25.07 ? 551  LEU B CA  1 
ATOM   462  C C   . LEU B 1 20 ? 0.203   -6.121  -3.211  1.00 25.13 ? 551  LEU B C   1 
ATOM   463  O O   . LEU B 1 20 ? -0.835  -5.745  -3.747  1.00 25.42 ? 551  LEU B O   1 
ATOM   464  C CB  . LEU B 1 20 ? 1.411   -4.788  -1.470  1.00 24.49 ? 551  LEU B CB  1 
ATOM   465  C CG  . LEU B 1 20 ? 1.310   -4.161  -0.091  1.00 23.98 ? 551  LEU B CG  1 
ATOM   466  C CD1 . LEU B 1 20 ? 2.483   -3.140  0.001   1.00 20.17 ? 551  LEU B CD1 1 
ATOM   467  C CD2 . LEU B 1 20 ? -0.091  -3.520  0.152   1.00 16.72 ? 551  LEU B CD2 1 
ATOM   468  N N   . ILE B 1 21 ? 1.149   -6.760  -3.876  1.00 26.28 ? 552  ILE B N   1 
ATOM   469  C CA  . ILE B 1 21 ? 1.027   -6.941  -5.345  1.00 27.37 ? 552  ILE B CA  1 
ATOM   470  C C   . ILE B 1 21 ? -0.097  -7.897  -5.714  1.00 27.72 ? 552  ILE B C   1 
ATOM   471  O O   . ILE B 1 21 ? -0.816  -7.697  -6.723  1.00 28.71 ? 552  ILE B O   1 
ATOM   472  C CB  . ILE B 1 21 ? 2.364   -7.424  -5.994  1.00 27.67 ? 552  ILE B CB  1 
ATOM   473  C CG1 . ILE B 1 21 ? 3.396   -6.285  -5.963  1.00 27.86 ? 552  ILE B CG1 1 
ATOM   474  C CG2 . ILE B 1 21 ? 2.119   -8.034  -7.425  1.00 26.59 ? 552  ILE B CG2 1 
ATOM   475  C CD1 . ILE B 1 21 ? 4.872   -6.783  -6.145  1.00 29.16 ? 552  ILE B CD1 1 
ATOM   476  N N   . HIS B 1 22 ? -0.261  -8.940  -4.911  1.00 28.25 ? 553  HIS B N   1 
ATOM   477  C CA  . HIS B 1 22 ? -1.373  -9.872  -5.151  1.00 28.24 ? 553  HIS B CA  1 
ATOM   478  C C   . HIS B 1 22 ? -2.724  -9.133  -5.054  1.00 27.49 ? 553  HIS B C   1 
ATOM   479  O O   . HIS B 1 22 ? -3.615  -9.276  -5.892  1.00 26.40 ? 553  HIS B O   1 
ATOM   480  C CB  . HIS B 1 22 ? -1.318  -11.071 -4.205  1.00 28.37 ? 553  HIS B CB  1 
ATOM   481  C CG  . HIS B 1 22 ? -2.530  -11.941 -4.307  1.00 31.20 ? 553  HIS B CG  1 
ATOM   482  N ND1 . HIS B 1 22 ? -2.640  -12.954 -5.243  1.00 34.08 ? 553  HIS B ND1 1 
ATOM   483  C CD2 . HIS B 1 22 ? -3.703  -11.921 -3.625  1.00 33.32 ? 553  HIS B CD2 1 
ATOM   484  C CE1 . HIS B 1 22 ? -3.835  -13.516 -5.136  1.00 36.79 ? 553  HIS B CE1 1 
ATOM   485  N NE2 . HIS B 1 22 ? -4.499  -12.913 -4.158  1.00 37.06 ? 553  HIS B NE2 1 
ATOM   486  N N   . LEU B 1 23 ? -2.866  -8.318  -4.040  1.00 26.65 ? 554  LEU B N   1 
ATOM   487  C CA  . LEU B 1 23 ? -4.126  -7.641  -3.871  1.00 27.43 ? 554  LEU B CA  1 
ATOM   488  C C   . LEU B 1 23 ? -4.358  -6.570  -4.952  1.00 28.45 ? 554  LEU B C   1 
ATOM   489  O O   . LEU B 1 23 ? -5.461  -6.475  -5.539  1.00 27.44 ? 554  LEU B O   1 
ATOM   490  C CB  . LEU B 1 23 ? -4.198  -7.062  -2.475  1.00 26.89 ? 554  LEU B CB  1 
ATOM   491  C CG  . LEU B 1 23 ? -4.472  -8.140  -1.411  1.00 27.44 ? 554  LEU B CG  1 
ATOM   492  C CD1 . LEU B 1 23 ? -3.921  -7.721  -0.065  1.00 25.18 ? 554  LEU B CD1 1 
ATOM   493  C CD2 . LEU B 1 23 ? -5.958  -8.424  -1.278  1.00 28.99 ? 554  LEU B CD2 1 
ATOM   494  N N   . ILE B 1 24 ? -3.321  -5.777  -5.229  1.00 28.75 ? 555  ILE B N   1 
ATOM   495  C CA  . ILE B 1 24 ? -3.431  -4.781  -6.283  1.00 29.89 ? 555  ILE B CA  1 
ATOM   496  C C   . ILE B 1 24 ? -3.740  -5.422  -7.652  1.00 30.72 ? 555  ILE B C   1 
ATOM   497  O O   . ILE B 1 24 ? -4.534  -4.884  -8.420  1.00 31.57 ? 555  ILE B O   1 
ATOM   498  C CB  . ILE B 1 24 ? -2.221  -3.803  -6.281  1.00 28.91 ? 555  ILE B CB  1 
ATOM   499  C CG1 . ILE B 1 24 ? -2.194  -3.055  -4.937  1.00 29.64 ? 555  ILE B CG1 1 
ATOM   500  C CG2 . ILE B 1 24 ? -2.369  -2.736  -7.366  1.00 27.25 ? 555  ILE B CG2 1 
ATOM   501  C CD1 . ILE B 1 24 ? -0.893  -2.352  -4.637  1.00 25.57 ? 555  ILE B CD1 1 
ATOM   502  N N   . LYS B 1 25 ? -3.175  -6.585  -7.930  1.00 31.86 ? 556  LYS B N   1 
ATOM   503  C CA  . LYS B 1 25 ? -3.480  -7.280  -9.172  1.00 34.54 ? 556  LYS B CA  1 
ATOM   504  C C   . LYS B 1 25 ? -4.903  -7.844  -9.215  1.00 35.09 ? 556  LYS B C   1 
ATOM   505  O O   . LYS B 1 25 ? -5.624  -7.663  -10.199 1.00 35.31 ? 556  LYS B O   1 
ATOM   506  C CB  . LYS B 1 25 ? -2.508  -8.444  -9.418  1.00 35.43 ? 556  LYS B CB  1 
ATOM   507  C CG  . LYS B 1 25 ? -1.194  -8.077  -10.053 1.00 38.18 ? 556  LYS B CG  1 
ATOM   508  C CD  . LYS B 1 25 ? -0.579  -9.344  -10.667 1.00 45.50 ? 556  LYS B CD  1 
ATOM   509  C CE  . LYS B 1 25 ? -1.518  -9.884  -11.802 1.00 50.53 ? 556  LYS B CE  1 
ATOM   510  N NZ  . LYS B 1 25 ? -0.935  -10.881 -12.784 1.00 52.40 ? 556  LYS B NZ  1 
ATOM   511  N N   . ASN B 1 26 ? -5.302  -8.515  -8.137  1.00 35.99 ? 557  ASN B N   1 
ATOM   512  C CA  . ASN B 1 26 ? -6.445  -9.421  -8.177  1.00 36.77 ? 557  ASN B CA  1 
ATOM   513  C C   . ASN B 1 26 ? -7.651  -9.024  -7.327  1.00 37.29 ? 557  ASN B C   1 
ATOM   514  O O   . ASN B 1 26 ? -8.732  -9.473  -7.593  1.00 38.10 ? 557  ASN B O   1 
ATOM   515  C CB  . ASN B 1 26 ? -5.996  -10.847 -7.870  1.00 36.13 ? 557  ASN B CB  1 
ATOM   516  C CG  . ASN B 1 26 ? -4.843  -11.315 -8.777  1.00 38.49 ? 557  ASN B CG  1 
ATOM   517  O OD1 . ASN B 1 26 ? -3.760  -11.654 -8.287  1.00 38.04 ? 557  ASN B OD1 1 
ATOM   518  N ND2 . ASN B 1 26 ? -5.060  -11.303 -10.107 1.00 40.13 ? 557  ASN B ND2 1 
ATOM   519  N N   . ASP B 1 27 ? -7.505  -8.143  -6.347  1.00 37.98 ? 558  ASP B N   1 
ATOM   520  C CA  . ASP B 1 27 ? -8.638  -7.853  -5.488  1.00 37.90 ? 558  ASP B CA  1 
ATOM   521  C C   . ASP B 1 27 ? -9.298  -6.495  -5.781  1.00 38.58 ? 558  ASP B C   1 
ATOM   522  O O   . ASP B 1 27 ? -8.777  -5.391  -5.492  1.00 37.97 ? 558  ASP B O   1 
ATOM   523  C CB  . ASP B 1 27 ? -8.259  -8.063  -4.023  1.00 38.06 ? 558  ASP B CB  1 
ATOM   524  C CG  . ASP B 1 27 ? -9.396  -7.737  -3.047  1.00 41.38 ? 558  ASP B CG  1 
ATOM   525  O OD1 . ASP B 1 27 ? -10.502 -7.348  -3.469  1.00 45.00 ? 558  ASP B OD1 1 
ATOM   526  O OD2 . ASP B 1 27 ? -9.171  -7.843  -1.812  1.00 47.71 ? 558  ASP B OD2 1 
ATOM   527  N N   . SER B 1 28 ? -10.511 -6.637  -6.290  1.00 38.68 ? 559  SER B N   1 
ATOM   528  C CA  . SER B 1 28 ? -11.238 -5.583  -6.936  1.00 38.81 ? 559  SER B CA  1 
ATOM   529  C C   . SER B 1 28 ? -11.647 -4.442  -6.010  1.00 37.43 ? 559  SER B C   1 
ATOM   530  O O   . SER B 1 28 ? -11.474 -3.289  -6.368  1.00 36.65 ? 559  SER B O   1 
ATOM   531  C CB  . SER B 1 28 ? -12.424 -6.197  -7.702  1.00 39.13 ? 559  SER B CB  1 
ATOM   532  O OG  . SER B 1 28 ? -13.182 -5.195  -8.352  1.00 42.99 ? 559  SER B OG  1 
ATOM   533  N N   . SER B 1 29 ? -12.157 -4.752  -4.821  1.00 36.98 ? 560  SER B N   1 
ATOM   534  C CA  . SER B 1 29 ? -12.477 -3.716  -3.825  1.00 36.64 ? 560  SER B CA  1 
ATOM   535  C C   . SER B 1 29 ? -11.254 -3.090  -3.125  1.00 35.68 ? 560  SER B C   1 
ATOM   536  O O   . SER B 1 29 ? -11.312 -1.965  -2.620  1.00 35.84 ? 560  SER B O   1 
ATOM   537  C CB  . SER B 1 29 ? -13.367 -4.309  -2.753  1.00 38.01 ? 560  SER B CB  1 
ATOM   538  O OG  . SER B 1 29 ? -12.709 -5.423  -2.172  1.00 40.78 ? 560  SER B OG  1 
ATOM   539  N N   . PHE B 1 30 ? -10.176 -3.858  -3.031  1.00 34.70 ? 561  PHE B N   1 
ATOM   540  C CA  . PHE B 1 30 ? -8.947  -3.393  -2.437  1.00 34.11 ? 561  PHE B CA  1 
ATOM   541  C C   . PHE B 1 30 ? -8.417  -2.234  -3.281  1.00 33.65 ? 561  PHE B C   1 
ATOM   542  O O   . PHE B 1 30 ? -8.042  -1.195  -2.746  1.00 33.89 ? 561  PHE B O   1 
ATOM   543  C CB  . PHE B 1 30 ? -7.926  -4.515  -2.426  1.00 33.69 ? 561  PHE B CB  1 
ATOM   544  C CG  . PHE B 1 30 ? -6.671  -4.168  -1.725  1.00 33.84 ? 561  PHE B CG  1 
ATOM   545  C CD1 . PHE B 1 30 ? -6.590  -4.244  -0.336  1.00 34.95 ? 561  PHE B CD1 1 
ATOM   546  C CD2 . PHE B 1 30 ? -5.554  -3.760  -2.440  1.00 34.75 ? 561  PHE B CD2 1 
ATOM   547  C CE1 . PHE B 1 30 ? -5.398  -3.939  0.334   1.00 35.00 ? 561  PHE B CE1 1 
ATOM   548  C CE2 . PHE B 1 30 ? -4.362  -3.433  -1.777  1.00 34.04 ? 561  PHE B CE2 1 
ATOM   549  C CZ  . PHE B 1 30 ? -4.279  -3.534  -0.399  1.00 34.08 ? 561  PHE B CZ  1 
ATOM   550  N N   . LEU B 1 31 ? -8.404  -2.437  -4.588  1.00 32.65 ? 562  LEU B N   1 
ATOM   551  C CA  . LEU B 1 31 ? -8.054  -1.388  -5.549  1.00 33.57 ? 562  LEU B CA  1 
ATOM   552  C C   . LEU B 1 31 ? -8.963  -0.161  -5.445  1.00 34.03 ? 562  LEU B C   1 
ATOM   553  O O   . LEU B 1 31 ? -8.454  0.960   -5.503  1.00 33.95 ? 562  LEU B O   1 
ATOM   554  C CB  . LEU B 1 31 ? -8.020  -1.943  -6.987  1.00 31.96 ? 562  LEU B CB  1 
ATOM   555  C CG  . LEU B 1 31 ? -7.634  -1.027  -8.140  1.00 33.75 ? 562  LEU B CG  1 
ATOM   556  C CD1 . LEU B 1 31 ? -6.252  -0.265  -7.889  1.00 32.75 ? 562  LEU B CD1 1 
ATOM   557  C CD2 . LEU B 1 31 ? -7.635  -1.835  -9.480  1.00 28.71 ? 562  LEU B CD2 1 
ATOM   558  N N   . SER B 1 32 ? -10.285 -0.367  -5.273  1.00 34.81 ? 563  SER B N   1 
ATOM   559  C CA  . SER B 1 32 ? -11.250 0.755   -5.139  1.00 35.40 ? 563  SER B CA  1 
ATOM   560  C C   . SER B 1 32 ? -10.916 1.556   -3.943  1.00 35.61 ? 563  SER B C   1 
ATOM   561  O O   . SER B 1 32 ? -10.862 2.781   -4.014  1.00 37.01 ? 563  SER B O   1 
ATOM   562  C CB  . SER B 1 32 ? -12.700 0.288   -5.012  1.00 35.52 ? 563  SER B CB  1 
ATOM   563  O OG  . SER B 1 32 ? -13.089 -0.403  -6.191  1.00 37.75 ? 563  SER B OG  1 
ATOM   564  N N   . THR B 1 33 ? -10.647 0.866   -2.842  1.00 35.46 ? 564  THR B N   1 
ATOM   565  C CA  . THR B 1 33 ? -10.191 1.509   -1.620  1.00 35.16 ? 564  THR B CA  1 
ATOM   566  C C   . THR B 1 33 ? -8.885  2.307   -1.779  1.00 34.16 ? 564  THR B C   1 
ATOM   567  O O   . THR B 1 33 ? -8.749  3.393   -1.226  1.00 34.67 ? 564  THR B O   1 
ATOM   568  C CB  . THR B 1 33 ? -10.000 0.475   -0.513  1.00 35.48 ? 564  THR B CB  1 
ATOM   569  O OG1 . THR B 1 33 ? -11.240 -0.214  -0.277  1.00 38.77 ? 564  THR B OG1 1 
ATOM   570  C CG2 . THR B 1 33 ? -9.551  1.157   0.795   1.00 35.62 ? 564  THR B CG2 1 
ATOM   571  N N   . LEU B 1 34 ? -7.904  1.765   -2.494  1.00 32.89 ? 565  LEU B N   1 
ATOM   572  C CA  . LEU B 1 34 ? -6.681  2.522   -2.747  1.00 31.73 ? 565  LEU B CA  1 
ATOM   573  C C   . LEU B 1 34 ? -6.994  3.762   -3.564  1.00 30.86 ? 565  LEU B C   1 
ATOM   574  O O   . LEU B 1 34 ? -6.540  4.846   -3.242  1.00 29.24 ? 565  LEU B O   1 
ATOM   575  C CB  . LEU B 1 34 ? -5.701  1.677   -3.526  1.00 31.73 ? 565  LEU B CB  1 
ATOM   576  C CG  . LEU B 1 34 ? -4.977  0.681   -2.659  1.00 33.76 ? 565  LEU B CG  1 
ATOM   577  C CD1 . LEU B 1 34 ? -4.200  -0.310  -3.581  1.00 32.86 ? 565  LEU B CD1 1 
ATOM   578  C CD2 . LEU B 1 34 ? -4.063  1.484   -1.762  1.00 30.23 ? 565  LEU B CD2 1 
ATOM   579  N N   . HIS B 1 35 ? -7.811  3.578   -4.600  1.00 30.91 ? 566  HIS B N   1 
ATOM   580  C CA  . HIS B 1 35 ? -8.163  4.658   -5.512  1.00 32.80 ? 566  HIS B CA  1 
ATOM   581  C C   . HIS B 1 35 ? -8.860  5.812   -4.828  1.00 32.87 ? 566  HIS B C   1 
ATOM   582  O O   . HIS B 1 35 ? -8.407  6.960   -4.967  1.00 33.90 ? 566  HIS B O   1 
ATOM   583  C CB  . HIS B 1 35 ? -8.985  4.162   -6.684  1.00 32.71 ? 566  HIS B CB  1 
ATOM   584  C CG  . HIS B 1 35 ? -9.233  5.219   -7.715  1.00 36.74 ? 566  HIS B CG  1 
ATOM   585  N ND1 . HIS B 1 35 ? -10.506 5.557   -8.147  1.00 36.91 ? 566  HIS B ND1 1 
ATOM   586  C CD2 . HIS B 1 35 ? -8.371  6.019   -8.391  1.00 32.88 ? 566  HIS B CD2 1 
ATOM   587  C CE1 . HIS B 1 35 ? -10.408 6.506   -9.060  1.00 37.10 ? 566  HIS B CE1 1 
ATOM   588  N NE2 . HIS B 1 35 ? -9.128  6.815   -9.212  1.00 38.61 ? 566  HIS B NE2 1 
ATOM   589  N N   . GLU B 1 36 ? -9.901  5.501   -4.055  1.00 32.84 ? 567  GLU B N   1 
ATOM   590  C CA  . GLU B 1 36 ? -10.567 6.477   -3.189  1.00 33.61 ? 567  GLU B CA  1 
ATOM   591  C C   . GLU B 1 36 ? -9.627  7.248   -2.267  1.00 32.07 ? 567  GLU B C   1 
ATOM   592  O O   . GLU B 1 36 ? -9.765  8.451   -2.127  1.00 32.36 ? 567  GLU B O   1 
ATOM   593  C CB  . GLU B 1 36 ? -11.677 5.821   -2.341  1.00 35.06 ? 567  GLU B CB  1 
ATOM   594  C CG  . GLU B 1 36 ? -12.902 5.272   -3.179  1.00 43.79 ? 567  GLU B CG  1 
ATOM   595  C CD  . GLU B 1 36 ? -13.922 4.421   -2.349  1.00 52.97 ? 567  GLU B CD  1 
ATOM   596  O OE1 . GLU B 1 36 ? -13.929 4.507   -1.080  1.00 55.66 ? 567  GLU B OE1 1 
ATOM   597  O OE2 . GLU B 1 36 ? -14.719 3.672   -2.979  1.00 56.47 ? 567  GLU B OE2 1 
ATOM   598  N N   . VAL B 1 37 ? -8.679  6.580   -1.616  1.00 30.53 ? 568  VAL B N   1 
ATOM   599  C CA  . VAL B 1 37 ? -7.830  7.310   -0.680  1.00 28.25 ? 568  VAL B CA  1 
ATOM   600  C C   . VAL B 1 37 ? -6.822  8.172   -1.452  1.00 27.74 ? 568  VAL B C   1 
ATOM   601  O O   . VAL B 1 37 ? -6.465  9.304   -1.045  1.00 26.33 ? 568  VAL B O   1 
ATOM   602  C CB  . VAL B 1 37 ? -7.099  6.343   0.311   1.00 28.40 ? 568  VAL B CB  1 
ATOM   603  C CG1 . VAL B 1 37 ? -5.877  7.019   0.950   1.00 23.87 ? 568  VAL B CG1 1 
ATOM   604  C CG2 . VAL B 1 37 ? -8.059  5.866   1.345   1.00 27.47 ? 568  VAL B CG2 1 
ATOM   605  N N   . TYR B 1 38 ? -6.364  7.612   -2.562  1.00 27.40 ? 569  TYR B N   1 
ATOM   606  C CA  . TYR B 1 38 ? -5.501  8.344   -3.479  1.00 27.79 ? 569  TYR B CA  1 
ATOM   607  C C   . TYR B 1 38 ? -6.148  9.660   -3.976  1.00 27.66 ? 569  TYR B C   1 
ATOM   608  O O   . TYR B 1 38 ? -5.511  10.706  -4.020  1.00 26.78 ? 569  TYR B O   1 
ATOM   609  C CB  . TYR B 1 38 ? -5.091  7.432   -4.654  1.00 27.00 ? 569  TYR B CB  1 
ATOM   610  C CG  . TYR B 1 38 ? -4.517  8.181   -5.850  1.00 26.58 ? 569  TYR B CG  1 
ATOM   611  C CD1 . TYR B 1 38 ? -3.246  8.766   -5.786  1.00 24.99 ? 569  TYR B CD1 1 
ATOM   612  C CD2 . TYR B 1 38 ? -5.263  8.344   -7.009  1.00 24.53 ? 569  TYR B CD2 1 
ATOM   613  C CE1 . TYR B 1 38 ? -2.723  9.437   -6.853  1.00 28.65 ? 569  TYR B CE1 1 
ATOM   614  C CE2 . TYR B 1 38 ? -4.725  9.012   -8.129  1.00 28.17 ? 569  TYR B CE2 1 
ATOM   615  C CZ  . TYR B 1 38 ? -3.463  9.558   -8.039  1.00 26.41 ? 569  TYR B CZ  1 
ATOM   616  O OH  . TYR B 1 38 ? -2.925  10.229  -9.104  1.00 26.19 ? 569  TYR B OH  1 
ATOM   617  N N   . LEU B 1 39 ? -7.401  9.603   -4.371  1.00 29.45 ? 570  LEU B N   1 
ATOM   618  C CA  . LEU B 1 39 ? -8.029  10.828  -4.853  1.00 32.12 ? 570  LEU B CA  1 
ATOM   619  C C   . LEU B 1 39 ? -8.148  11.793  -3.707  1.00 33.59 ? 570  LEU B C   1 
ATOM   620  O O   . LEU B 1 39 ? -7.943  12.985  -3.888  1.00 34.49 ? 570  LEU B O   1 
ATOM   621  C CB  . LEU B 1 39 ? -9.393  10.564  -5.518  1.00 31.72 ? 570  LEU B CB  1 
ATOM   622  C CG  . LEU B 1 39 ? -9.231  9.925   -6.915  1.00 32.83 ? 570  LEU B CG  1 
ATOM   623  C CD1 . LEU B 1 39 ? -10.574 9.698   -7.651  1.00 32.95 ? 570  LEU B CD1 1 
ATOM   624  C CD2 . LEU B 1 39 ? -8.203  10.657  -7.823  1.00 32.23 ? 570  LEU B CD2 1 
ATOM   625  N N   . GLN B 1 40 ? -8.451  11.278  -2.514  1.00 34.88 ? 571  GLN B N   1 
ATOM   626  C CA  . GLN B 1 40 ? -8.459  12.121  -1.331  1.00 36.00 ? 571  GLN B CA  1 
ATOM   627  C C   . GLN B 1 40 ? -7.070  12.716  -1.072  1.00 36.09 ? 571  GLN B C   1 
ATOM   628  O O   . GLN B 1 40 ? -6.980  13.885  -0.725  1.00 36.06 ? 571  GLN B O   1 
ATOM   629  C CB  . GLN B 1 40 ? -8.991  11.374  -0.078  1.00 36.51 ? 571  GLN B CB  1 
ATOM   630  C CG  . GLN B 1 40 ? -10.477 11.022  -0.085  1.00 39.58 ? 571  GLN B CG  1 
ATOM   631  C CD  . GLN B 1 40 ? -10.920 10.258  1.186   1.00 48.30 ? 571  GLN B CD  1 
ATOM   632  O OE1 . GLN B 1 40 ? -10.204 9.381   1.695   1.00 47.27 ? 571  GLN B OE1 1 
ATOM   633  N NE2 . GLN B 1 40 ? -12.113 10.603  1.706   1.00 51.74 ? 571  GLN B NE2 1 
ATOM   634  N N   . VAL B 1 41 ? -5.997  11.937  -1.215  1.00 36.56 ? 572  VAL B N   1 
ATOM   635  C CA  . VAL B 1 41 ? -4.629  12.496  -1.000  1.00 37.71 ? 572  VAL B CA  1 
ATOM   636  C C   . VAL B 1 41 ? -4.272  13.580  -2.018  1.00 39.38 ? 572  VAL B C   1 
ATOM   637  O O   . VAL B 1 41 ? -3.720  14.647  -1.679  1.00 40.03 ? 572  VAL B O   1 
ATOM   638  C CB  . VAL B 1 41 ? -3.509  11.413  -1.024  1.00 37.56 ? 572  VAL B CB  1 
ATOM   639  C CG1 . VAL B 1 41 ? -2.135  12.049  -1.310  1.00 35.63 ? 572  VAL B CG1 1 
ATOM   640  C CG2 . VAL B 1 41 ? -3.493  10.621  0.297   1.00 34.18 ? 572  VAL B CG2 1 
ATOM   641  N N   . LEU B 1 42 ? -4.620  13.295  -3.259  1.00 41.58 ? 573  LEU B N   1 
ATOM   642  C CA  . LEU B 1 42 ? -4.268  14.111  -4.426  1.00 43.66 ? 573  LEU B CA  1 
ATOM   643  C C   . LEU B 1 42 ? -4.925  15.489  -4.366  1.00 45.12 ? 573  LEU B C   1 
ATOM   644  O O   . LEU B 1 42 ? -4.259  16.534  -4.460  1.00 46.22 ? 573  LEU B O   1 
ATOM   645  C CB  . LEU B 1 42 ? -4.701  13.343  -5.680  1.00 42.60 ? 573  LEU B CB  1 
ATOM   646  C CG  . LEU B 1 42 ? -4.398  13.888  -7.061  1.00 43.24 ? 573  LEU B CG  1 
ATOM   647  C CD1 . LEU B 1 42 ? -2.906  13.762  -7.408  1.00 42.41 ? 573  LEU B CD1 1 
ATOM   648  C CD2 . LEU B 1 42 ? -5.277  13.159  -8.054  1.00 40.10 ? 573  LEU B CD2 1 
ATOM   649  N N   . THR B 1 43 ? -6.234  15.482  -4.185  1.00 46.95 ? 574  THR B N   1 
ATOM   650  C CA  . THR B 1 43 ? -7.003  16.701  -4.053  1.00 49.07 ? 574  THR B CA  1 
ATOM   651  C C   . THR B 1 43 ? -6.868  17.409  -2.681  1.00 51.70 ? 574  THR B C   1 
ATOM   652  O O   . THR B 1 43 ? -7.651  18.312  -2.388  1.00 52.46 ? 574  THR B O   1 
ATOM   653  C CB  . THR B 1 43 ? -8.498  16.426  -4.318  1.00 47.89 ? 574  THR B CB  1 
ATOM   654  O OG1 . THR B 1 43 ? -9.037  15.670  -3.241  1.00 47.97 ? 574  THR B OG1 1 
ATOM   655  C CG2 . THR B 1 43 ? -8.691  15.643  -5.575  1.00 47.05 ? 574  THR B CG2 1 
ATOM   656  N N   . LYS B 1 44 ? -5.893  17.017  -1.853  1.00 54.43 ? 575  LYS B N   1 
ATOM   657  C CA  . LYS B 1 44 ? -5.710  17.596  -0.501  1.00 57.17 ? 575  LYS B CA  1 
ATOM   658  C C   . LYS B 1 44 ? -7.027  17.813  0.236   1.00 58.72 ? 575  LYS B C   1 
ATOM   659  O O   . LYS B 1 44 ? -7.211  18.848  0.876   1.00 58.90 ? 575  LYS B O   1 
ATOM   660  C CB  . LYS B 1 44 ? -4.918  18.908  -0.556  1.00 56.90 ? 575  LYS B CB  1 
ATOM   661  C CG  . LYS B 1 44 ? -3.419  18.687  -0.659  1.00 59.38 ? 575  LYS B CG  1 
ATOM   662  C CD  . LYS B 1 44 ? -2.699  19.795  -1.447  1.00 61.06 ? 575  LYS B CD  1 
ATOM   663  C CE  . LYS B 1 44 ? -1.555  19.187  -2.281  1.00 63.48 ? 575  LYS B CE  1 
ATOM   664  N NZ  . LYS B 1 44 ? -0.804  20.182  -3.142  1.00 63.75 ? 575  LYS B NZ  1 
ATOM   665  N N   . ASN B 1 45 ? -7.951  16.855  0.103   1.00 61.02 ? 576  ASN B N   1 
ATOM   666  C CA  . ASN B 1 45 ? -9.232  16.850  0.844   1.00 63.13 ? 576  ASN B CA  1 
ATOM   667  C C   . ASN B 1 45 ? -9.338  15.530  1.598   1.00 63.48 ? 576  ASN B C   1 
ATOM   668  O O   . ASN B 1 45 ? -9.312  14.464  0.984   1.00 64.13 ? 576  ASN B O   1 
ATOM   669  C CB  . ASN B 1 45 ? -10.475 17.069  -0.082  1.00 63.54 ? 576  ASN B CB  1 
ATOM   670  C CG  . ASN B 1 45 ? -11.801 17.370  0.717   1.00 66.77 ? 576  ASN B CG  1 
ATOM   671  O OD1 . ASN B 1 45 ? -12.045 16.827  1.819   1.00 68.42 ? 576  ASN B OD1 1 
ATOM   672  N ND2 . ASN B 1 45 ? -12.651 18.241  0.147   1.00 66.72 ? 576  ASN B ND2 1 
ATOM   673  N N   . ALA C 1 5  ? 8.601   24.583  -9.185  1.00 53.85 ? 536  ALA C N   1 
ATOM   674  C CA  . ALA C 1 5  ? 8.300   23.575  -10.272 1.00 54.10 ? 536  ALA C CA  1 
ATOM   675  C C   . ALA C 1 5  ? 7.499   22.315  -9.828  1.00 53.43 ? 536  ALA C C   1 
ATOM   676  O O   . ALA C 1 5  ? 7.756   21.218  -10.365 1.00 54.01 ? 536  ALA C O   1 
ATOM   677  C CB  . ALA C 1 5  ? 9.622   23.164  -11.033 1.00 54.16 ? 536  ALA C CB  1 
ATOM   678  N N   . ASP C 1 6  ? 6.512   22.487  -8.920  1.00 52.21 ? 537  ASP C N   1 
ATOM   679  C CA  . ASP C 1 6  ? 5.906   21.378  -8.127  1.00 51.16 ? 537  ASP C CA  1 
ATOM   680  C C   . ASP C 1 6  ? 4.639   20.675  -8.713  1.00 48.72 ? 537  ASP C C   1 
ATOM   681  O O   . ASP C 1 6  ? 3.541   20.740  -8.136  1.00 49.06 ? 537  ASP C O   1 
ATOM   682  C CB  . ASP C 1 6  ? 5.649   21.859  -6.671  1.00 53.14 ? 537  ASP C CB  1 
ATOM   683  C CG  . ASP C 1 6  ? 5.345   20.696  -5.700  1.00 57.81 ? 537  ASP C CG  1 
ATOM   684  O OD1 . ASP C 1 6  ? 5.638   19.519  -6.065  1.00 63.12 ? 537  ASP C OD1 1 
ATOM   685  O OD2 . ASP C 1 6  ? 4.814   20.961  -4.581  1.00 60.83 ? 537  ASP C OD2 1 
ATOM   686  N N   . LEU C 1 7  ? 4.831   19.933  -9.805  1.00 44.99 ? 538  LEU C N   1 
ATOM   687  C CA  . LEU C 1 7  ? 3.741   19.415  -10.621 1.00 40.82 ? 538  LEU C CA  1 
ATOM   688  C C   . LEU C 1 7  ? 3.123   18.126  -10.123 1.00 37.67 ? 538  LEU C C   1 
ATOM   689  O O   . LEU C 1 7  ? 3.836   17.187  -9.798  1.00 37.55 ? 538  LEU C O   1 
ATOM   690  C CB  . LEU C 1 7  ? 4.239   19.218  -12.056 1.00 40.60 ? 538  LEU C CB  1 
ATOM   691  C CG  . LEU C 1 7  ? 3.131   19.303  -13.109 1.00 39.17 ? 538  LEU C CG  1 
ATOM   692  C CD1 . LEU C 1 7  ? 2.783   20.755  -13.372 1.00 32.70 ? 538  LEU C CD1 1 
ATOM   693  C CD2 . LEU C 1 7  ? 3.571   18.620  -14.382 1.00 38.50 ? 538  LEU C CD2 1 
ATOM   694  N N   . SER C 1 8  ? 1.793   18.089  -10.074 1.00 34.49 ? 539  SER C N   1 
ATOM   695  C CA  . SER C 1 8  ? 1.026   16.855  -9.821  1.00 31.26 ? 539  SER C CA  1 
ATOM   696  C C   . SER C 1 8  ? 0.229   16.447  -11.023 1.00 28.78 ? 539  SER C C   1 
ATOM   697  O O   . SER C 1 8  ? -0.211  17.289  -11.808 1.00 27.51 ? 539  SER C O   1 
ATOM   698  C CB  . SER C 1 8  ? 0.039   17.039  -8.661  1.00 31.59 ? 539  SER C CB  1 
ATOM   699  O OG  . SER C 1 8  ? 0.748   17.446  -7.502  1.00 33.09 ? 539  SER C OG  1 
ATOM   700  N N   . ILE C 1 9  ? 0.015   15.150  -11.153 1.00 26.89 ? 540  ILE C N   1 
ATOM   701  C CA  . ILE C 1 9  ? -0.850  14.638  -12.193 1.00 25.87 ? 540  ILE C CA  1 
ATOM   702  C C   . ILE C 1 9  ? -1.895  13.702  -11.587 1.00 26.64 ? 540  ILE C C   1 
ATOM   703  O O   . ILE C 1 9  ? -1.740  13.263  -10.419 1.00 25.57 ? 540  ILE C O   1 
ATOM   704  C CB  . ILE C 1 9  ? -0.056  13.909  -13.293 1.00 26.42 ? 540  ILE C CB  1 
ATOM   705  C CG1 . ILE C 1 9  ? 0.741   12.719  -12.715 1.00 24.57 ? 540  ILE C CG1 1 
ATOM   706  C CG2 . ILE C 1 9  ? 0.859   14.902  -14.070 1.00 22.12 ? 540  ILE C CG2 1 
ATOM   707  C CD1 . ILE C 1 9  ? 0.993   11.701  -13.710 1.00 23.22 ? 540  ILE C CD1 1 
ATOM   708  N N   . ILE C 1 10 ? -2.966  13.437  -12.337 1.00 25.14 ? 541  ILE C N   1 
ATOM   709  C CA  . ILE C 1 10 ? -3.975  12.531  -11.853 1.00 25.37 ? 541  ILE C CA  1 
ATOM   710  C C   . ILE C 1 10 ? -3.918  11.207  -12.641 1.00 24.13 ? 541  ILE C C   1 
ATOM   711  O O   . ILE C 1 10 ? -3.949  11.215  -13.871 1.00 22.67 ? 541  ILE C O   1 
ATOM   712  C CB  . ILE C 1 10 ? -5.402  13.149  -11.885 1.00 26.57 ? 541  ILE C CB  1 
ATOM   713  C CG1 . ILE C 1 10 ? -6.447  12.060  -11.544 1.00 28.09 ? 541  ILE C CG1 1 
ATOM   714  C CG2 . ILE C 1 10 ? -5.757  13.699  -13.271 1.00 28.54 ? 541  ILE C CG2 1 
ATOM   715  C CD1 . ILE C 1 10 ? -7.820  12.579  -11.084 1.00 31.65 ? 541  ILE C CD1 1 
ATOM   716  N N   . LEU C 1 11 ? -3.807  10.090  -11.925 1.00 23.00 ? 542  LEU C N   1 
ATOM   717  C CA  . LEU C 1 11 ? -3.825  8.786   -12.537 1.00 23.72 ? 542  LEU C CA  1 
ATOM   718  C C   . LEU C 1 11 ? -5.267  8.292   -12.564 1.00 24.08 ? 542  LEU C C   1 
ATOM   719  O O   . LEU C 1 11 ? -6.006  8.546   -11.634 1.00 24.09 ? 542  LEU C O   1 
ATOM   720  C CB  . LEU C 1 11 ? -2.968  7.791   -11.746 1.00 22.05 ? 542  LEU C CB  1 
ATOM   721  C CG  . LEU C 1 11 ? -1.481  8.168   -11.705 1.00 24.42 ? 542  LEU C CG  1 
ATOM   722  C CD1 . LEU C 1 11 ? -0.743  7.422   -10.604 1.00 24.66 ? 542  LEU C CD1 1 
ATOM   723  C CD2 . LEU C 1 11 ? -0.772  7.969   -13.059 1.00 24.02 ? 542  LEU C CD2 1 
ATOM   724  N N   . SER C 1 12 ? -5.679  7.600   -13.616 1.00 24.33 ? 543  SER C N   1 
ATOM   725  C CA  . SER C 1 12 ? -6.925  6.859   -13.499 1.00 26.57 ? 543  SER C CA  1 
ATOM   726  C C   . SER C 1 12 ? -6.715  5.666   -12.546 1.00 28.23 ? 543  SER C C   1 
ATOM   727  O O   . SER C 1 12 ? -5.594  5.420   -12.072 1.00 30.01 ? 543  SER C O   1 
ATOM   728  C CB  . SER C 1 12 ? -7.411  6.386   -14.833 1.00 26.18 ? 543  SER C CB  1 
ATOM   729  O OG  . SER C 1 12 ? -6.495  5.464   -15.334 1.00 26.75 ? 543  SER C OG  1 
ATOM   730  N N   . LYS C 1 13 ? -7.778  4.934   -12.247 1.00 29.01 ? 544  LYS C N   1 
ATOM   731  C CA  . LYS C 1 13 ? -7.674  3.737   -11.419 1.00 30.03 ? 544  LYS C CA  1 
ATOM   732  C C   . LYS C 1 13 ? -6.801  2.633   -12.032 1.00 29.47 ? 544  LYS C C   1 
ATOM   733  O O   . LYS C 1 13 ? -5.969  2.029   -11.318 1.00 29.79 ? 544  LYS C O   1 
ATOM   734  C CB  . LYS C 1 13 ? -9.090  3.246   -11.076 1.00 32.04 ? 544  LYS C CB  1 
ATOM   735  C CG  . LYS C 1 13 ? -9.229  2.097   -10.068 1.00 36.37 ? 544  LYS C CG  1 
ATOM   736  C CD  . LYS C 1 13 ? -10.711 1.716   -10.009 1.00 43.52 ? 544  LYS C CD  1 
ATOM   737  C CE  . LYS C 1 13 ? -10.933 0.608   -9.041  1.00 50.78 ? 544  LYS C CE  1 
ATOM   738  N NZ  . LYS C 1 13 ? -12.377 0.219   -8.988  1.00 53.50 ? 544  LYS C NZ  1 
ATOM   739  N N   . SER C 1 14 ? -6.960  2.357   -13.330 1.00 28.23 ? 545  SER C N   1 
ATOM   740  C CA  . SER C 1 14 ? -6.031  1.428   -14.028 1.00 28.18 ? 545  SER C CA  1 
ATOM   741  C C   . SER C 1 14 ? -4.576  1.873   -14.052 1.00 27.15 ? 545  SER C C   1 
ATOM   742  O O   . SER C 1 14 ? -3.668  1.013   -13.965 1.00 26.92 ? 545  SER C O   1 
ATOM   743  C CB  . SER C 1 14 ? -6.458  1.160   -15.489 1.00 28.34 ? 545  SER C CB  1 
ATOM   744  O OG  . SER C 1 14 ? -7.846  0.846   -15.509 1.00 33.62 ? 545  SER C OG  1 
ATOM   745  N N   . GLN C 1 15 ? -4.350  3.177   -14.220 1.00 25.11 ? 546  GLN C N   1 
ATOM   746  C CA  . GLN C 1 15 ? -2.980  3.681   -14.252 1.00 25.45 ? 546  GLN C CA  1 
ATOM   747  C C   . GLN C 1 15 ? -2.403  3.666   -12.836 1.00 25.36 ? 546  GLN C C   1 
ATOM   748  O O   . GLN C 1 15 ? -1.167  3.506   -12.664 1.00 24.93 ? 546  GLN C O   1 
ATOM   749  C CB  . GLN C 1 15 ? -2.878  5.094   -14.879 1.00 24.45 ? 546  GLN C CB  1 
ATOM   750  C CG  . GLN C 1 15 ? -3.348  5.174   -16.331 1.00 26.26 ? 546  GLN C CG  1 
ATOM   751  C CD  . GLN C 1 15 ? -3.486  6.638   -16.851 1.00 31.84 ? 546  GLN C CD  1 
ATOM   752  O OE1 . GLN C 1 15 ? -3.792  7.599   -16.090 1.00 29.45 ? 546  GLN C OE1 1 
ATOM   753  N NE2 . GLN C 1 15 ? -3.276  6.797   -18.152 1.00 31.33 ? 546  GLN C NE2 1 
ATOM   754  N N   . LEU C 1 16 ? -3.273  3.846   -11.828 1.00 24.71 ? 547  LEU C N   1 
ATOM   755  C CA  . LEU C 1 16 ? -2.826  3.724   -10.410 1.00 24.46 ? 547  LEU C CA  1 
ATOM   756  C C   . LEU C 1 16 ? -2.417  2.274   -10.135 1.00 23.98 ? 547  LEU C C   1 
ATOM   757  O O   . LEU C 1 16 ? -1.362  2.044   -9.583  1.00 23.87 ? 547  LEU C O   1 
ATOM   758  C CB  . LEU C 1 16 ? -3.906  4.200   -9.433  1.00 24.05 ? 547  LEU C CB  1 
ATOM   759  C CG  . LEU C 1 16 ? -3.741  4.058   -7.907  1.00 27.10 ? 547  LEU C CG  1 
ATOM   760  C CD1 . LEU C 1 16 ? -2.660  5.004   -7.394  1.00 24.72 ? 547  LEU C CD1 1 
ATOM   761  C CD2 . LEU C 1 16 ? -5.041  4.384   -7.150  1.00 25.94 ? 547  LEU C CD2 1 
ATOM   762  N N   . GLN C 1 17 ? -3.249  1.301   -10.551 1.00 23.71 ? 548  GLN C N   1 
ATOM   763  C CA  . GLN C 1 17 ? -2.934  -0.115  -10.392 1.00 23.70 ? 548  GLN C CA  1 
ATOM   764  C C   . GLN C 1 17 ? -1.532  -0.450  -10.981 1.00 24.07 ? 548  GLN C C   1 
ATOM   765  O O   . GLN C 1 17 ? -0.694  -1.030  -10.314 1.00 23.67 ? 548  GLN C O   1 
ATOM   766  C CB  . GLN C 1 17 ? -4.053  -0.973  -11.035 1.00 23.74 ? 548  GLN C CB  1 
ATOM   767  C CG  . GLN C 1 17 ? -3.753  -2.416  -11.120 1.00 24.42 ? 548  GLN C CG  1 
ATOM   768  C CD  . GLN C 1 17 ? -4.915  -3.237  -11.743 1.00 33.07 ? 548  GLN C CD  1 
ATOM   769  O OE1 . GLN C 1 17 ? -5.423  -2.901  -12.835 1.00 33.47 ? 548  GLN C OE1 1 
ATOM   770  N NE2 . GLN C 1 17 ? -5.340  -4.316  -11.038 1.00 28.04 ? 548  GLN C NE2 1 
ATOM   771  N N   . ASP C 1 18 ? -1.288  -0.063  -12.231 1.00 24.83 ? 549  ASP C N   1 
ATOM   772  C CA  . ASP C 1 18 ? -0.002  -0.292  -12.917 1.00 25.33 ? 549  ASP C CA  1 
ATOM   773  C C   . ASP C 1 18 ? 1.183   0.383   -12.207 1.00 24.05 ? 549  ASP C C   1 
ATOM   774  O O   . ASP C 1 18 ? 2.195   -0.223  -11.954 1.00 25.10 ? 549  ASP C O   1 
ATOM   775  C CB  . ASP C 1 18 ? -0.104  0.203   -14.362 1.00 25.63 ? 549  ASP C CB  1 
ATOM   776  C CG  . ASP C 1 18 ? 1.064   -0.243  -15.224 1.00 31.21 ? 549  ASP C CG  1 
ATOM   777  O OD1 . ASP C 1 18 ? 1.052   -1.413  -15.712 1.00 33.54 ? 549  ASP C OD1 1 
ATOM   778  O OD2 . ASP C 1 18 ? 1.995   0.586   -15.429 1.00 34.04 ? 549  ASP C OD2 1 
ATOM   779  N N   . THR C 1 19 ? 1.043   1.645   -11.875 1.00 24.20 ? 550  THR C N   1 
ATOM   780  C CA  . THR C 1 19 ? 2.079   2.399   -11.228 1.00 23.63 ? 550  THR C CA  1 
ATOM   781  C C   . THR C 1 19 ? 2.474   1.838   -9.861  1.00 23.31 ? 550  THR C C   1 
ATOM   782  O O   . THR C 1 19 ? 3.676   1.630   -9.584  1.00 23.16 ? 550  THR C O   1 
ATOM   783  C CB  . THR C 1 19 ? 1.625   3.892   -11.077 1.00 24.37 ? 550  THR C CB  1 
ATOM   784  O OG1 . THR C 1 19 ? 1.244   4.381   -12.360 1.00 23.22 ? 550  THR C OG1 1 
ATOM   785  C CG2 . THR C 1 19 ? 2.748   4.735   -10.563 1.00 23.56 ? 550  THR C CG2 1 
ATOM   786  N N   . LEU C 1 20 ? 1.486   1.619   -8.994  1.00 23.01 ? 551  LEU C N   1 
ATOM   787  C CA  . LEU C 1 20 ? 1.731   0.973   -7.685  1.00 23.33 ? 551  LEU C CA  1 
ATOM   788  C C   . LEU C 1 20 ? 2.407   -0.383  -7.848  1.00 23.67 ? 551  LEU C C   1 
ATOM   789  O O   . LEU C 1 20 ? 3.317   -0.727  -7.100  1.00 24.61 ? 551  LEU C O   1 
ATOM   790  C CB  . LEU C 1 20 ? 0.419   0.748   -6.929  1.00 23.83 ? 551  LEU C CB  1 
ATOM   791  C CG  . LEU C 1 20 ? -0.222  1.914   -6.187  1.00 24.20 ? 551  LEU C CG  1 
ATOM   792  C CD1 . LEU C 1 20 ? -1.631  1.527   -5.714  1.00 22.39 ? 551  LEU C CD1 1 
ATOM   793  C CD2 . LEU C 1 20 ? 0.667   2.363   -5.012  1.00 24.57 ? 551  LEU C CD2 1 
ATOM   794  N N   . ILE C 1 21 ? 1.994   -1.185  -8.821  1.00 24.36 ? 552  ILE C N   1 
ATOM   795  C CA  . ILE C 1 21 ? 2.707   -2.454  -8.987  1.00 25.31 ? 552  ILE C CA  1 
ATOM   796  C C   . ILE C 1 21 ? 4.151   -2.242  -9.381  1.00 25.88 ? 552  ILE C C   1 
ATOM   797  O O   . ILE C 1 21 ? 5.059   -2.940  -8.887  1.00 25.74 ? 552  ILE C O   1 
ATOM   798  C CB  . ILE C 1 21 ? 2.037   -3.351  -9.969  1.00 26.06 ? 552  ILE C CB  1 
ATOM   799  C CG1 . ILE C 1 21 ? 0.753   -3.917  -9.341  1.00 24.62 ? 552  ILE C CG1 1 
ATOM   800  C CG2 . ILE C 1 21 ? 3.005   -4.493  -10.439 1.00 27.12 ? 552  ILE C CG2 1 
ATOM   801  C CD1 . ILE C 1 21 ? -0.259  -4.376  -10.459 1.00 26.02 ? 552  ILE C CD1 1 
ATOM   802  N N   . HIS C 1 22 ? 4.389   -1.268  -10.258 1.00 26.09 ? 553  HIS C N   1 
ATOM   803  C CA  . HIS C 1 22 ? 5.763   -0.992  -10.643 1.00 26.00 ? 553  HIS C CA  1 
ATOM   804  C C   . HIS C 1 22 ? 6.540   -0.612  -9.390  1.00 25.79 ? 553  HIS C C   1 
ATOM   805  O O   . HIS C 1 22 ? 7.660   -1.063  -9.178  1.00 25.56 ? 553  HIS C O   1 
ATOM   806  C CB  . HIS C 1 22 ? 5.860   0.154   -11.664 1.00 26.72 ? 553  HIS C CB  1 
ATOM   807  C CG  . HIS C 1 22 ? 7.263   0.606   -11.880 1.00 27.85 ? 553  HIS C CG  1 
ATOM   808  N ND1 . HIS C 1 22 ? 7.885   1.537   -11.068 1.00 31.94 ? 553  HIS C ND1 1 
ATOM   809  C CD2 . HIS C 1 22 ? 8.208   0.157   -12.729 1.00 28.98 ? 553  HIS C CD2 1 
ATOM   810  C CE1 . HIS C 1 22 ? 9.138   1.684   -11.446 1.00 30.04 ? 553  HIS C CE1 1 
ATOM   811  N NE2 . HIS C 1 22 ? 9.361   0.843   -12.439 1.00 33.70 ? 553  HIS C NE2 1 
ATOM   812  N N   . LEU C 1 23 ? 5.964   0.246   -8.557  1.00 25.76 ? 554  LEU C N   1 
ATOM   813  C CA  . LEU C 1 23 ? 6.761   0.824   -7.479  1.00 24.82 ? 554  LEU C CA  1 
ATOM   814  C C   . LEU C 1 23 ? 7.071   -0.178  -6.406  1.00 25.17 ? 554  LEU C C   1 
ATOM   815  O O   . LEU C 1 23 ? 8.171   -0.176  -5.842  1.00 23.81 ? 554  LEU C O   1 
ATOM   816  C CB  . LEU C 1 23 ? 6.094   2.067   -6.898  1.00 25.02 ? 554  LEU C CB  1 
ATOM   817  C CG  . LEU C 1 23 ? 6.090   3.339   -7.789  1.00 24.33 ? 554  LEU C CG  1 
ATOM   818  C CD1 . LEU C 1 23 ? 5.040   4.308   -7.339  1.00 19.52 ? 554  LEU C CD1 1 
ATOM   819  C CD2 . LEU C 1 23 ? 7.473   4.018   -7.754  1.00 22.37 ? 554  LEU C CD2 1 
ATOM   820  N N   . ILE C 1 24 ? 6.097   -1.055  -6.126  1.00 25.69 ? 555  ILE C N   1 
ATOM   821  C CA  . ILE C 1 24 ? 6.289   -2.054  -5.083  1.00 25.61 ? 555  ILE C CA  1 
ATOM   822  C C   . ILE C 1 24 ? 7.243   -3.175  -5.537  1.00 26.62 ? 555  ILE C C   1 
ATOM   823  O O   . ILE C 1 24 ? 8.114   -3.664  -4.770  1.00 25.33 ? 555  ILE C O   1 
ATOM   824  C CB  . ILE C 1 24 ? 4.927   -2.609  -4.615  1.00 26.40 ? 555  ILE C CB  1 
ATOM   825  C CG1 . ILE C 1 24 ? 4.142   -1.512  -3.881  1.00 25.27 ? 555  ILE C CG1 1 
ATOM   826  C CG2 . ILE C 1 24 ? 5.138   -3.831  -3.678  1.00 26.14 ? 555  ILE C CG2 1 
ATOM   827  C CD1 . ILE C 1 24 ? 2.611   -1.741  -3.907  1.00 26.14 ? 555  ILE C CD1 1 
ATOM   828  N N   . LYS C 1 25 ? 7.045   -3.591  -6.785  1.00 27.30 ? 556  LYS C N   1 
ATOM   829  C CA  . LYS C 1 25 ? 7.909   -4.563  -7.409  1.00 30.53 ? 556  LYS C CA  1 
ATOM   830  C C   . LYS C 1 25 ? 9.385   -4.069  -7.583  1.00 31.01 ? 556  LYS C C   1 
ATOM   831  O O   . LYS C 1 25 ? 10.306  -4.827  -7.281  1.00 31.59 ? 556  LYS C O   1 
ATOM   832  C CB  . LYS C 1 25 ? 7.269   -5.021  -8.739  1.00 30.12 ? 556  LYS C CB  1 
ATOM   833  C CG  . LYS C 1 25 ? 7.876   -6.225  -9.314  1.00 36.24 ? 556  LYS C CG  1 
ATOM   834  C CD  . LYS C 1 25 ? 6.997   -6.832  -10.433 1.00 42.95 ? 556  LYS C CD  1 
ATOM   835  C CE  . LYS C 1 25 ? 7.904   -7.748  -11.314 1.00 49.73 ? 556  LYS C CE  1 
ATOM   836  N NZ  . LYS C 1 25 ? 7.219   -8.531  -12.389 1.00 49.49 ? 556  LYS C NZ  1 
ATOM   837  N N   . ASN C 1 26 ? 9.589   -2.813  -8.033  1.00 32.09 ? 557  ASN C N   1 
ATOM   838  C CA  . ASN C 1 26 ? 10.916  -2.321  -8.516  1.00 33.43 ? 557  ASN C CA  1 
ATOM   839  C C   . ASN C 1 26 ? 11.600  -1.214  -7.727  1.00 34.40 ? 557  ASN C C   1 
ATOM   840  O O   . ASN C 1 26 ? 12.835  -1.119  -7.769  1.00 36.70 ? 557  ASN C O   1 
ATOM   841  C CB  . ASN C 1 26 ? 10.874  -1.911  -10.019 1.00 32.49 ? 557  ASN C CB  1 
ATOM   842  C CG  . ASN C 1 26 ? 10.327  -3.027  -10.917 1.00 33.74 ? 557  ASN C CG  1 
ATOM   843  O OD1 . ASN C 1 26 ? 9.270   -2.883  -11.542 1.00 35.68 ? 557  ASN C OD1 1 
ATOM   844  N ND2 . ASN C 1 26 ? 11.019  -4.148  -10.952 1.00 33.06 ? 557  ASN C ND2 1 
ATOM   845  N N   . ASP C 1 27 ? 10.845  -0.367  -7.028  1.00 34.48 ? 558  ASP C N   1 
ATOM   846  C CA  . ASP C 1 27 ? 11.462  0.698   -6.258  1.00 34.45 ? 558  ASP C CA  1 
ATOM   847  C C   . ASP C 1 27 ? 11.697  0.271   -4.791  1.00 35.62 ? 558  ASP C C   1 
ATOM   848  O O   . ASP C 1 27 ? 10.796  0.367   -3.905  1.00 34.90 ? 558  ASP C O   1 
ATOM   849  C CB  . ASP C 1 27 ? 10.638  1.970   -6.365  1.00 34.25 ? 558  ASP C CB  1 
ATOM   850  C CG  . ASP C 1 27 ? 11.368  3.204   -5.816  1.00 35.95 ? 558  ASP C CG  1 
ATOM   851  O OD1 . ASP C 1 27 ? 12.102  3.101   -4.813  1.00 37.17 ? 558  ASP C OD1 1 
ATOM   852  O OD2 . ASP C 1 27 ? 11.190  4.313   -6.375  1.00 41.07 ? 558  ASP C OD2 1 
ATOM   853  N N   . SER C 1 28 ? 12.921  -0.179  -4.516  1.00 35.87 ? 559  SER C N   1 
ATOM   854  C CA  . SER C 1 28 ? 13.202  -0.790  -3.236  1.00 36.61 ? 559  SER C CA  1 
ATOM   855  C C   . SER C 1 28 ? 13.186  0.251   -2.148  1.00 35.68 ? 559  SER C C   1 
ATOM   856  O O   . SER C 1 28 ? 12.833  -0.052  -1.010  1.00 36.14 ? 559  SER C O   1 
ATOM   857  C CB  . SER C 1 28 ? 14.536  -1.513  -3.260  1.00 37.97 ? 559  SER C CB  1 
ATOM   858  O OG  . SER C 1 28 ? 15.517  -0.596  -3.615  1.00 40.37 ? 559  SER C OG  1 
ATOM   859  N N   . SER C 1 29 ? 13.511  1.488   -2.502  1.00 34.71 ? 560  SER C N   1 
ATOM   860  C CA  . SER C 1 29 ? 13.408  2.608   -1.544  1.00 33.62 ? 560  SER C CA  1 
ATOM   861  C C   . SER C 1 29 ? 11.948  2.987   -1.186  1.00 33.15 ? 560  SER C C   1 
ATOM   862  O O   . SER C 1 29 ? 11.658  3.426   -0.053  1.00 34.91 ? 560  SER C O   1 
ATOM   863  C CB  . SER C 1 29 ? 14.236  3.834   -2.027  1.00 34.92 ? 560  SER C CB  1 
ATOM   864  O OG  . SER C 1 29 ? 13.869  4.999   -1.287  1.00 34.44 ? 560  SER C OG  1 
ATOM   865  N N   . PHE C 1 30 ? 11.033  2.804   -2.132  1.00 30.80 ? 561  PHE C N   1 
ATOM   866  C CA  . PHE C 1 30 ? 9.626   3.026   -1.923  1.00 29.99 ? 561  PHE C CA  1 
ATOM   867  C C   . PHE C 1 30 ? 9.018   1.971   -0.963  1.00 30.12 ? 561  PHE C C   1 
ATOM   868  O O   . PHE C 1 30 ? 8.284   2.319   -0.032  1.00 30.31 ? 561  PHE C O   1 
ATOM   869  C CB  . PHE C 1 30 ? 8.912   2.935   -3.274  1.00 28.87 ? 561  PHE C CB  1 
ATOM   870  C CG  . PHE C 1 30 ? 7.408   3.174   -3.216  1.00 25.64 ? 561  PHE C CG  1 
ATOM   871  C CD1 . PHE C 1 30 ? 6.540   2.127   -3.070  1.00 23.02 ? 561  PHE C CD1 1 
ATOM   872  C CD2 . PHE C 1 30 ? 6.873   4.452   -3.419  1.00 26.03 ? 561  PHE C CD2 1 
ATOM   873  C CE1 . PHE C 1 30 ? 5.167   2.331   -3.048  1.00 20.63 ? 561  PHE C CE1 1 
ATOM   874  C CE2 . PHE C 1 30 ? 5.475   4.676   -3.438  1.00 23.89 ? 561  PHE C CE2 1 
ATOM   875  C CZ  . PHE C 1 30 ? 4.623   3.599   -3.247  1.00 21.60 ? 561  PHE C CZ  1 
ATOM   876  N N   . LEU C 1 31 ? 9.315   0.707   -1.258  1.00 29.18 ? 562  LEU C N   1 
ATOM   877  C CA  . LEU C 1 31 ? 9.068   -0.461  -0.427  1.00 28.92 ? 562  LEU C CA  1 
ATOM   878  C C   . LEU C 1 31 ? 9.734   -0.442  0.979   1.00 29.48 ? 562  LEU C C   1 
ATOM   879  O O   . LEU C 1 31 ? 9.096   -0.819  1.915   1.00 29.90 ? 562  LEU C O   1 
ATOM   880  C CB  . LEU C 1 31 ? 9.441   -1.744  -1.207  1.00 27.41 ? 562  LEU C CB  1 
ATOM   881  C CG  . LEU C 1 31 ? 9.286   -3.076  -0.454  1.00 28.73 ? 562  LEU C CG  1 
ATOM   882  C CD1 . LEU C 1 31 ? 7.813   -3.377  -0.067  1.00 25.97 ? 562  LEU C CD1 1 
ATOM   883  C CD2 . LEU C 1 31 ? 9.903   -4.233  -1.230  1.00 25.36 ? 562  LEU C CD2 1 
ATOM   884  N N   . SER C 1 32 ? 10.985  0.008   1.146   1.00 30.69 ? 563  SER C N   1 
ATOM   885  C CA  . SER C 1 32 ? 11.576  0.147   2.495   1.00 30.91 ? 563  SER C CA  1 
ATOM   886  C C   . SER C 1 32 ? 10.835  1.129   3.364   1.00 31.40 ? 563  SER C C   1 
ATOM   887  O O   . SER C 1 32 ? 10.617  0.892   4.569   1.00 32.08 ? 563  SER C O   1 
ATOM   888  C CB  . SER C 1 32 ? 13.039  0.570   2.423   1.00 31.34 ? 563  SER C CB  1 
ATOM   889  O OG  . SER C 1 32 ? 13.719  -0.394  1.634   1.00 36.61 ? 563  SER C OG  1 
ATOM   890  N N   . THR C 1 33 ? 10.431  2.236   2.761   1.00 32.07 ? 564  THR C N   1 
ATOM   891  C CA  . THR C 1 33 ? 9.651   3.242   3.458   1.00 32.40 ? 564  THR C CA  1 
ATOM   892  C C   . THR C 1 33 ? 8.293   2.660   3.945   1.00 32.29 ? 564  THR C C   1 
ATOM   893  O O   . THR C 1 33 ? 7.964   2.800   5.108   1.00 32.74 ? 564  THR C O   1 
ATOM   894  C CB  . THR C 1 33 ? 9.478   4.489   2.570   1.00 33.16 ? 564  THR C CB  1 
ATOM   895  O OG1 . THR C 1 33 ? 10.766  5.082   2.311   1.00 32.80 ? 564  THR C OG1 1 
ATOM   896  C CG2 . THR C 1 33 ? 8.552   5.530   3.213   1.00 32.68 ? 564  THR C CG2 1 
ATOM   897  N N   . LEU C 1 34 ? 7.523   2.000   3.069   1.00 31.27 ? 565  LEU C N   1 
ATOM   898  C CA  . LEU C 1 34 ? 6.298   1.314   3.513   1.00 29.54 ? 565  LEU C CA  1 
ATOM   899  C C   . LEU C 1 34 ? 6.593   0.351   4.675   1.00 29.54 ? 565  LEU C C   1 
ATOM   900  O O   . LEU C 1 34 ? 5.904   0.386   5.710   1.00 28.51 ? 565  LEU C O   1 
ATOM   901  C CB  . LEU C 1 34 ? 5.602   0.542   2.369   1.00 28.79 ? 565  LEU C CB  1 
ATOM   902  C CG  . LEU C 1 34 ? 5.187   1.314   1.114   1.00 27.97 ? 565  LEU C CG  1 
ATOM   903  C CD1 . LEU C 1 34 ? 4.445   0.365   0.133   1.00 29.22 ? 565  LEU C CD1 1 
ATOM   904  C CD2 . LEU C 1 34 ? 4.313   2.528   1.436   1.00 27.30 ? 565  LEU C CD2 1 
ATOM   905  N N   . HIS C 1 35 ? 7.616   -0.487  4.525   1.00 29.22 ? 566  HIS C N   1 
ATOM   906  C CA  . HIS C 1 35 ? 7.823   -1.549  5.515   1.00 30.10 ? 566  HIS C CA  1 
ATOM   907  C C   . HIS C 1 35 ? 8.289   -0.989  6.864   1.00 30.56 ? 566  HIS C C   1 
ATOM   908  O O   . HIS C 1 35 ? 7.852   -1.451  7.922   1.00 31.11 ? 566  HIS C O   1 
ATOM   909  C CB  . HIS C 1 35 ? 8.787   -2.607  4.981   1.00 30.23 ? 566  HIS C CB  1 
ATOM   910  C CG  . HIS C 1 35 ? 8.833   -3.842  5.824   1.00 31.33 ? 566  HIS C CG  1 
ATOM   911  N ND1 . HIS C 1 35 ? 9.913   -4.158  6.613   1.00 30.70 ? 566  HIS C ND1 1 
ATOM   912  C CD2 . HIS C 1 35 ? 7.908   -4.815  6.036   1.00 28.37 ? 566  HIS C CD2 1 
ATOM   913  C CE1 . HIS C 1 35 ? 9.669   -5.285  7.257   1.00 30.61 ? 566  HIS C CE1 1 
ATOM   914  N NE2 . HIS C 1 35 ? 8.456   -5.699  6.932   1.00 29.02 ? 566  HIS C NE2 1 
ATOM   915  N N   . GLU C 1 36 ? 9.143   0.031   6.825   1.00 29.87 ? 567  GLU C N   1 
ATOM   916  C CA  . GLU C 1 36 ? 9.599   0.682   8.040   1.00 31.01 ? 567  GLU C CA  1 
ATOM   917  C C   . GLU C 1 36 ? 8.434   1.287   8.817   1.00 29.35 ? 567  GLU C C   1 
ATOM   918  O O   . GLU C 1 36 ? 8.383   1.183   10.040  1.00 28.79 ? 567  GLU C O   1 
ATOM   919  C CB  . GLU C 1 36 ? 10.622  1.803   7.750   1.00 31.96 ? 567  GLU C CB  1 
ATOM   920  C CG  . GLU C 1 36 ? 12.046  1.344   7.340   1.00 42.09 ? 567  GLU C CG  1 
ATOM   921  C CD  . GLU C 1 36 ? 12.627  0.260   8.261   1.00 55.06 ? 567  GLU C CD  1 
ATOM   922  O OE1 . GLU C 1 36 ? 12.662  0.486   9.506   1.00 57.57 ? 567  GLU C OE1 1 
ATOM   923  O OE2 . GLU C 1 36 ? 13.043  -0.828  7.740   1.00 61.51 ? 567  GLU C OE2 1 
ATOM   924  N N   . VAL C 1 37 ? 7.529   1.952   8.106   1.00 28.05 ? 568  VAL C N   1 
ATOM   925  C CA  . VAL C 1 37 ? 6.305   2.473   8.702   1.00 27.15 ? 568  VAL C CA  1 
ATOM   926  C C   . VAL C 1 37 ? 5.357   1.343   9.173   1.00 25.63 ? 568  VAL C C   1 
ATOM   927  O O   . VAL C 1 37 ? 4.784   1.405   10.237  1.00 25.86 ? 568  VAL C O   1 
ATOM   928  C CB  . VAL C 1 37 ? 5.570   3.383   7.676   1.00 28.16 ? 568  VAL C CB  1 
ATOM   929  C CG1 . VAL C 1 37 ? 4.192   3.866   8.223   1.00 23.43 ? 568  VAL C CG1 1 
ATOM   930  C CG2 . VAL C 1 37 ? 6.463   4.582   7.310   1.00 28.83 ? 568  VAL C CG2 1 
ATOM   931  N N   . TYR C 1 38 ? 5.200   0.305   8.382   1.00 24.67 ? 569  TYR C N   1 
ATOM   932  C CA  . TYR C 1 38 ? 4.430   -0.850  8.830   1.00 25.41 ? 569  TYR C CA  1 
ATOM   933  C C   . TYR C 1 38 ? 4.969   -1.421  10.174  1.00 26.03 ? 569  TYR C C   1 
ATOM   934  O O   . TYR C 1 38 ? 4.228   -1.635  11.131  1.00 25.86 ? 569  TYR C O   1 
ATOM   935  C CB  . TYR C 1 38 ? 4.480   -1.871  7.737   1.00 24.25 ? 569  TYR C CB  1 
ATOM   936  C CG  . TYR C 1 38 ? 3.990   -3.259  8.086   1.00 27.09 ? 569  TYR C CG  1 
ATOM   937  C CD1 . TYR C 1 38 ? 2.631   -3.572  8.040   1.00 24.99 ? 569  TYR C CD1 1 
ATOM   938  C CD2 . TYR C 1 38 ? 4.899   -4.288  8.392   1.00 25.75 ? 569  TYR C CD2 1 
ATOM   939  C CE1 . TYR C 1 38 ? 2.189   -4.883  8.303   1.00 27.14 ? 569  TYR C CE1 1 
ATOM   940  C CE2 . TYR C 1 38 ? 4.463   -5.569  8.675   1.00 25.58 ? 569  TYR C CE2 1 
ATOM   941  C CZ  . TYR C 1 38 ? 3.119   -5.859  8.622   1.00 26.58 ? 569  TYR C CZ  1 
ATOM   942  O OH  . TYR C 1 38 ? 2.706   -7.123  8.920   1.00 27.46 ? 569  TYR C OH  1 
ATOM   943  N N   . LEU C 1 39 ? 6.274   -1.623  10.244  1.00 27.49 ? 570  LEU C N   1 
ATOM   944  C CA  . LEU C 1 39 ? 6.912   -2.101  11.461  1.00 29.62 ? 570  LEU C CA  1 
ATOM   945  C C   . LEU C 1 39 ? 6.606   -1.210  12.638  1.00 31.04 ? 570  LEU C C   1 
ATOM   946  O O   . LEU C 1 39 ? 6.254   -1.697  13.733  1.00 31.63 ? 570  LEU C O   1 
ATOM   947  C CB  . LEU C 1 39 ? 8.422   -2.208  11.269  1.00 28.72 ? 570  LEU C CB  1 
ATOM   948  C CG  . LEU C 1 39 ? 8.872   -3.364  10.388  1.00 28.96 ? 570  LEU C CG  1 
ATOM   949  C CD1 . LEU C 1 39 ? 10.423  -3.379  10.223  1.00 29.54 ? 570  LEU C CD1 1 
ATOM   950  C CD2 . LEU C 1 39 ? 8.334   -4.721  10.941  1.00 23.37 ? 570  LEU C CD2 1 
ATOM   951  N N   . GLN C 1 40 ? 6.715   0.094   12.402  1.00 31.31 ? 571  GLN C N   1 
ATOM   952  C CA  . GLN C 1 40 ? 6.500   1.068   13.448  1.00 32.61 ? 571  GLN C CA  1 
ATOM   953  C C   . GLN C 1 40 ? 5.104   0.970   14.037  1.00 30.55 ? 571  GLN C C   1 
ATOM   954  O O   . GLN C 1 40 ? 4.921   0.981   15.239  1.00 30.66 ? 571  GLN C O   1 
ATOM   955  C CB  . GLN C 1 40 ? 6.729   2.472   12.873  1.00 34.44 ? 571  GLN C CB  1 
ATOM   956  C CG  . GLN C 1 40 ? 6.609   3.567   13.903  1.00 42.48 ? 571  GLN C CG  1 
ATOM   957  C CD  . GLN C 1 40 ? 7.732   3.504   14.923  1.00 55.65 ? 571  GLN C CD  1 
ATOM   958  O OE1 . GLN C 1 40 ? 8.925   3.486   14.548  1.00 63.69 ? 571  GLN C OE1 1 
ATOM   959  N NE2 . GLN C 1 40 ? 7.375   3.446   16.222  1.00 57.23 ? 571  GLN C NE2 1 
ATOM   960  N N   . VAL C 1 41 ? 4.120   0.902   13.162  1.00 29.36 ? 572  VAL C N   1 
ATOM   961  C CA  . VAL C 1 41 ? 2.725   0.793   13.522  1.00 28.92 ? 572  VAL C CA  1 
ATOM   962  C C   . VAL C 1 41 ? 2.416   -0.487  14.332  1.00 28.88 ? 572  VAL C C   1 
ATOM   963  O O   . VAL C 1 41 ? 1.725   -0.440  15.371  1.00 28.60 ? 572  VAL C O   1 
ATOM   964  C CB  . VAL C 1 41 ? 1.907   0.904   12.231  1.00 28.38 ? 572  VAL C CB  1 
ATOM   965  C CG1 . VAL C 1 41 ? 0.589   0.156   12.305  1.00 30.16 ? 572  VAL C CG1 1 
ATOM   966  C CG2 . VAL C 1 41 ? 1.703   2.348   11.853  1.00 27.49 ? 572  VAL C CG2 1 
ATOM   967  N N   . LEU C 1 42 ? 2.944   -1.620  13.883  1.00 28.50 ? 573  LEU C N   1 
ATOM   968  C CA  . LEU C 1 42 ? 2.709   -2.917  14.583  1.00 28.45 ? 573  LEU C CA  1 
ATOM   969  C C   . LEU C 1 42 ? 3.334   -2.986  15.979  1.00 28.23 ? 573  LEU C C   1 
ATOM   970  O O   . LEU C 1 42 ? 2.675   -3.345  16.927  1.00 27.37 ? 573  LEU C O   1 
ATOM   971  C CB  . LEU C 1 42 ? 3.223   -4.072  13.721  1.00 28.74 ? 573  LEU C CB  1 
ATOM   972  C CG  . LEU C 1 42 ? 2.146   -4.610  12.810  1.00 29.90 ? 573  LEU C CG  1 
ATOM   973  C CD1 . LEU C 1 42 ? 2.875   -5.174  11.675  1.00 33.47 ? 573  LEU C CD1 1 
ATOM   974  C CD2 . LEU C 1 42 ? 1.450   -5.749  13.563  1.00 34.47 ? 573  LEU C CD2 1 
ATOM   975  N N   . THR C 1 43 ? 4.600   -2.603  16.105  1.00 29.25 ? 574  THR C N   1 
ATOM   976  C CA  . THR C 1 43 ? 5.256   -2.563  17.420  1.00 30.73 ? 574  THR C CA  1 
ATOM   977  C C   . THR C 1 43 ? 4.647   -1.554  18.379  1.00 31.24 ? 574  THR C C   1 
ATOM   978  O O   . THR C 1 43 ? 4.585   -1.817  19.576  1.00 31.61 ? 574  THR C O   1 
ATOM   979  C CB  . THR C 1 43 ? 6.807   -2.272  17.360  1.00 30.86 ? 574  THR C CB  1 
ATOM   980  O OG1 . THR C 1 43 ? 7.026   -0.905  17.002  1.00 32.63 ? 574  THR C OG1 1 
ATOM   981  C CG2 . THR C 1 43 ? 7.529   -3.194  16.394  1.00 29.20 ? 574  THR C CG2 1 
ATOM   982  N N   . LYS C 1 44 ? 4.184   -0.419  17.865  1.00 31.60 ? 575  LYS C N   1 
ATOM   983  C CA  . LYS C 1 44 ? 3.605   0.613   18.717  1.00 32.99 ? 575  LYS C CA  1 
ATOM   984  C C   . LYS C 1 44 ? 2.219   0.190   19.223  1.00 33.30 ? 575  LYS C C   1 
ATOM   985  O O   . LYS C 1 44 ? 1.854   0.450   20.401  1.00 32.95 ? 575  LYS C O   1 
ATOM   986  C CB  . LYS C 1 44 ? 3.506   1.921   17.937  1.00 34.07 ? 575  LYS C CB  1 
ATOM   987  C CG  . LYS C 1 44 ? 2.666   3.043   18.578  1.00 40.24 ? 575  LYS C CG  1 
ATOM   988  C CD  . LYS C 1 44 ? 2.423   4.195   17.567  1.00 47.67 ? 575  LYS C CD  1 
ATOM   989  C CE  . LYS C 1 44 ? 2.666   5.554   18.211  1.00 53.19 ? 575  LYS C CE  1 
ATOM   990  N NZ  . LYS C 1 44 ? 1.948   5.655   19.517  1.00 55.65 ? 575  LYS C NZ  1 
ATOM   991  N N   . ASN C 1 45 ? 1.457   -0.472  18.345  1.00 31.83 ? 576  ASN C N   1 
ATOM   992  C CA  . ASN C 1 45 ? 0.042   -0.791  18.645  1.00 31.12 ? 576  ASN C CA  1 
ATOM   993  C C   . ASN C 1 45 ? -0.216  -2.157  19.342  1.00 30.09 ? 576  ASN C C   1 
ATOM   994  O O   . ASN C 1 45 ? -1.335  -2.433  19.752  1.00 30.96 ? 576  ASN C O   1 
ATOM   995  C CB  . ASN C 1 45 ? -0.835  -0.604  17.374  1.00 30.85 ? 576  ASN C CB  1 
ATOM   996  C CG  . ASN C 1 45 ? -1.088  0.916   17.011  1.00 33.22 ? 576  ASN C CG  1 
ATOM   997  O OD1 . ASN C 1 45 ? -2.219  1.329   16.925  1.00 39.14 ? 576  ASN C OD1 1 
ATOM   998  N ND2 . ASN C 1 45 ? -0.043  1.702   16.807  1.00 35.21 ? 576  ASN C ND2 1 
ATOM   999  N N   . LYS C 1 46 ? 0.807   -2.990  19.464  1.00 28.91 ? 577  LYS C N   1 
ATOM   1000 C CA  . LYS C 1 46 ? 0.684   -4.313  20.066  1.00 29.42 ? 577  LYS C CA  1 
ATOM   1001 C C   . LYS C 1 46 ? 0.128   -4.157  21.479  1.00 29.37 ? 577  LYS C C   1 
ATOM   1002 O O   . LYS C 1 46 ? 0.710   -3.463  22.309  1.00 29.97 ? 577  LYS C O   1 
ATOM   1003 C CB  . LYS C 1 46 ? 2.041   -5.105  20.036  1.00 28.48 ? 577  LYS C CB  1 
ATOM   1004 C CG  . LYS C 1 46 ? 1.959   -6.583  20.537  1.00 28.25 ? 577  LYS C CG  1 
ATOM   1005 C CD  . LYS C 1 46 ? 1.131   -7.479  19.621  1.00 26.81 ? 577  LYS C CD  1 
ATOM   1006 C CE  . LYS C 1 46 ? 0.605   -8.682  20.410  1.00 30.83 ? 577  LYS C CE  1 
ATOM   1007 N NZ  . LYS C 1 46 ? -0.424  -8.359  21.489  1.00 27.49 ? 577  LYS C NZ  1 
ATOM   1008 N N   . ASP C 1 47 ? -1.051  -4.728  21.713  1.00 29.27 ? 578  ASP C N   1 
ATOM   1009 C CA  . ASP C 1 47 ? -1.607  -4.797  23.047  1.00 29.21 ? 578  ASP C CA  1 
ATOM   1010 C C   . ASP C 1 47 ? -0.701  -5.594  23.960  1.00 28.51 ? 578  ASP C C   1 
ATOM   1011 O O   . ASP C 1 47 ? -0.117  -6.586  23.547  1.00 27.70 ? 578  ASP C O   1 
ATOM   1012 C CB  . ASP C 1 47 ? -2.984  -5.452  23.021  1.00 29.60 ? 578  ASP C CB  1 
ATOM   1013 C CG  . ASP C 1 47 ? -4.002  -4.644  22.238  1.00 31.82 ? 578  ASP C CG  1 
ATOM   1014 O OD1 . ASP C 1 47 ? -3.680  -3.498  21.785  1.00 35.50 ? 578  ASP C OD1 1 
ATOM   1015 O OD2 . ASP C 1 47 ? -5.116  -5.180  22.083  1.00 28.74 ? 578  ASP C OD2 1 
ATOM   1016 N N   . ASN C 1 48 ? -0.596  -5.150  25.201  1.00 29.10 ? 579  ASN C N   1 
ATOM   1017 C CA  . ASN C 1 48 ? 0.116   -5.894  26.234  1.00 30.81 ? 579  ASN C CA  1 
ATOM   1018 C C   . ASN C 1 48 ? -0.445  -7.303  26.474  1.00 30.16 ? 579  ASN C C   1 
ATOM   1019 O O   . ASN C 1 48 ? 0.294   -8.258  26.671  1.00 29.52 ? 579  ASN C O   1 
ATOM   1020 C CB  . ASN C 1 48 ? 0.153   -5.069  27.534  1.00 31.70 ? 579  ASN C CB  1 
ATOM   1021 C CG  . ASN C 1 48 ? 0.840   -3.680  27.340  1.00 37.09 ? 579  ASN C CG  1 
ATOM   1022 O OD1 . ASN C 1 48 ? 1.538   -3.460  26.334  1.00 42.83 ? 579  ASN C OD1 1 
ATOM   1023 N ND2 . ASN C 1 48 ? 0.644   -2.750  28.306  1.00 38.98 ? 579  ASN C ND2 1 
ATOM   1024 N N   . HIS C 1 49 ? -1.758  -7.442  26.434  1.00 30.48 ? 580  HIS C N   1 
ATOM   1025 C CA  . HIS C 1 49 ? -2.351  -8.749  26.684  1.00 30.70 ? 580  HIS C CA  1 
ATOM   1026 C C   . HIS C 1 49 ? -3.343  -9.118  25.600  1.00 29.10 ? 580  HIS C C   1 
ATOM   1027 O O   . HIS C 1 49 ? -3.980  -8.238  25.028  1.00 29.67 ? 580  HIS C O   1 
ATOM   1028 C CB  . HIS C 1 49 ? -3.045  -8.750  28.047  1.00 31.39 ? 580  HIS C CB  1 
ATOM   1029 C CG  . HIS C 1 49 ? -2.091  -8.733  29.202  1.00 37.12 ? 580  HIS C CG  1 
ATOM   1030 N ND1 . HIS C 1 49 ? -1.766  -9.878  29.903  1.00 43.76 ? 580  HIS C ND1 1 
ATOM   1031 C CD2 . HIS C 1 49 ? -1.368  -7.723  29.760  1.00 40.01 ? 580  HIS C CD2 1 
ATOM   1032 C CE1 . HIS C 1 49 ? -0.893  -9.574  30.856  1.00 43.30 ? 580  HIS C CE1 1 
ATOM   1033 N NE2 . HIS C 1 49 ? -0.631  -8.274  30.786  1.00 40.57 ? 580  HIS C NE2 1 
ATOM   1034 N N   . ASN C 1 50 ? -3.482  -10.413 25.320  1.00 27.50 ? 581  ASN C N   1 
ATOM   1035 C CA  . ASN C 1 50 ? -4.605  -10.886 24.526  1.00 27.56 ? 581  ASN C CA  1 
ATOM   1036 C C   . ASN C 1 50 ? -5.514  -11.729 25.398  1.00 28.38 ? 581  ASN C C   1 
ATOM   1037 O O   . ASN C 1 50 ? -5.220  -11.940 26.560  1.00 29.81 ? 581  ASN C O   1 
ATOM   1038 C CB  . ASN C 1 50 ? -4.105  -11.652 23.309  1.00 26.30 ? 581  ASN C CB  1 
ATOM   1039 C CG  . ASN C 1 50 ? -3.328  -10.775 22.382  1.00 25.69 ? 581  ASN C CG  1 
ATOM   1040 O OD1 . ASN C 1 50 ? -2.089  -10.759 22.410  1.00 26.28 ? 581  ASN C OD1 1 
ATOM   1041 N ND2 . ASN C 1 50 ? -4.033  -9.979  21.601  1.00 21.56 ? 581  ASN C ND2 1 
ATOM   1042 N N   . LEU C 1 51 ? -6.629  -12.182 24.846  1.00 29.78 ? 582  LEU C N   1 
ATOM   1043 C CA  . LEU C 1 51 ? -7.611  -12.962 25.583  1.00 30.94 ? 582  LEU C CA  1 
ATOM   1044 C C   . LEU C 1 51 ? -7.209  -14.440 25.829  1.00 31.30 ? 582  LEU C C   1 
ATOM   1045 O O   . LEU C 1 51 ? -7.497  -14.958 26.931  1.00 31.77 ? 582  LEU C O   1 
ATOM   1046 C CB  . LEU C 1 51 ? -8.953  -12.901 24.851  1.00 31.06 ? 582  LEU C CB  1 
ATOM   1047 C CG  . LEU C 1 51 ? -10.181 -13.233 25.709  1.00 34.82 ? 582  LEU C CG  1 
ATOM   1048 C CD1 . LEU C 1 51 ? -10.360 -12.216 26.901  1.00 34.78 ? 582  LEU C CD1 1 
ATOM   1049 C CD2 . LEU C 1 51 ? -11.428 -13.304 24.820  1.00 36.36 ? 582  LEU C CD2 1 
ATOM   1050 O OXT . LEU C 1 51 ? -6.625  -15.154 24.988  1.00 30.39 ? 582  LEU C OXT 1 
HETATM 1051 O O   . HOH D 2 .  ? 0.915   -5.789  -19.129 1.00 58.61 ? 2001 HOH A O   1 
HETATM 1052 O O   . HOH D 2 .  ? 2.667   6.940   -19.412 1.00 28.97 ? 2002 HOH A O   1 
HETATM 1053 O O   . HOH D 2 .  ? 6.508   12.334  -6.789  1.00 24.88 ? 2003 HOH A O   1 
HETATM 1054 O O   . HOH D 2 .  ? 1.377   13.818  -8.991  1.00 31.32 ? 2004 HOH A O   1 
HETATM 1055 O O   . HOH D 2 .  ? 3.903   13.136  -6.119  1.00 42.67 ? 2005 HOH A O   1 
HETATM 1056 O O   . HOH D 2 .  ? 10.774  6.598   -0.499  1.00 42.70 ? 2006 HOH A O   1 
HETATM 1057 O O   . HOH D 2 .  ? -0.104  9.946   4.120   1.00 36.95 ? 2007 HOH A O   1 
HETATM 1058 O O   . HOH D 2 .  ? -1.436  9.829   10.585  1.00 51.59 ? 2008 HOH A O   1 
HETATM 1059 O O   . HOH D 2 .  ? -7.393  1.590   13.017  1.00 51.88 ? 2009 HOH A O   1 
HETATM 1060 O O   . HOH D 2 .  ? -8.029  -8.953  12.465  1.00 44.71 ? 2010 HOH A O   1 
HETATM 1061 O O   . HOH D 2 .  ? -1.089  -22.508 -0.699  1.00 49.46 ? 2011 HOH A O   1 
HETATM 1062 O O   . HOH E 2 .  ? 12.754  -4.012  -4.541  1.00 63.70 ? 2001 HOH B O   1 
HETATM 1063 O O   . HOH E 2 .  ? -12.293 -3.292  16.940  1.00 49.62 ? 2002 HOH B O   1 
HETATM 1064 O O   . HOH E 2 .  ? -6.349  -1.240  20.546  1.00 50.96 ? 2003 HOH B O   1 
HETATM 1065 O O   . HOH E 2 .  ? -3.526  -3.593  19.069  1.00 29.80 ? 2004 HOH B O   1 
HETATM 1066 O O   . HOH E 2 .  ? -2.513  -3.966  16.911  1.00 24.15 ? 2005 HOH B O   1 
HETATM 1067 O O   . HOH E 2 .  ? 9.255   -10.512 9.798   1.00 34.68 ? 2006 HOH B O   1 
HETATM 1068 O O   . HOH E 2 .  ? 10.914  -13.094 4.057   1.00 45.52 ? 2007 HOH B O   1 
HETATM 1069 O O   . HOH E 2 .  ? 12.021  -8.037  6.456   1.00 34.57 ? 2008 HOH B O   1 
HETATM 1070 O O   . HOH E 2 .  ? 12.394  -9.819  3.560   1.00 36.62 ? 2009 HOH B O   1 
HETATM 1071 O O   . HOH E 2 .  ? 5.891   -13.133 8.966   1.00 27.04 ? 2010 HOH B O   1 
HETATM 1072 O O   . HOH E 2 .  ? 12.071  -6.770  -4.808  1.00 46.52 ? 2011 HOH B O   1 
HETATM 1073 O O   . HOH E 2 .  ? 4.905   -10.750 -6.360  1.00 37.07 ? 2012 HOH B O   1 
HETATM 1074 O O   . HOH E 2 .  ? 2.654   -11.293 -5.156  1.00 31.88 ? 2013 HOH B O   1 
HETATM 1075 O O   . HOH E 2 .  ? 8.909   -10.587 -2.567  1.00 37.13 ? 2014 HOH B O   1 
HETATM 1076 O O   . HOH E 2 .  ? -7.373  -5.221  -8.149  1.00 32.93 ? 2015 HOH B O   1 
HETATM 1077 O O   . HOH E 2 .  ? -13.021 -8.126  -4.275  1.00 47.75 ? 2016 HOH B O   1 
HETATM 1078 O O   . HOH E 2 .  ? -10.088 -4.530  0.469   1.00 50.20 ? 2017 HOH B O   1 
HETATM 1079 O O   . HOH E 2 .  ? -12.045 9.544   -3.048  1.00 36.39 ? 2018 HOH B O   1 
HETATM 1080 O O   . HOH E 2 .  ? -0.507  11.264  -9.058  1.00 25.57 ? 2019 HOH B O   1 
HETATM 1081 O O   . HOH E 2 .  ? -4.863  20.010  -5.003  1.00 44.62 ? 2020 HOH B O   1 
HETATM 1082 O O   . HOH F 2 .  ? 11.490  24.335  -8.299  1.00 48.93 ? 2001 HOH C O   1 
HETATM 1083 O O   . HOH F 2 .  ? 8.619   18.690  -9.269  1.00 55.51 ? 2002 HOH C O   1 
HETATM 1084 O O   . HOH F 2 .  ? -10.106 6.249   -12.965 1.00 39.30 ? 2003 HOH C O   1 
HETATM 1085 O O   . HOH F 2 .  ? -11.394 -2.428  -9.512  1.00 42.50 ? 2004 HOH C O   1 
HETATM 1086 O O   . HOH F 2 .  ? -3.905  -1.589  -14.712 1.00 30.62 ? 2005 HOH C O   1 
HETATM 1087 O O   . HOH F 2 .  ? -9.462  3.496   -15.042 1.00 37.76 ? 2006 HOH C O   1 
HETATM 1088 O O   . HOH F 2 .  ? -2.606  10.015  -15.896 1.00 22.01 ? 2007 HOH C O   1 
HETATM 1089 O O   . HOH F 2 .  ? -7.482  -5.572  -12.993 1.00 40.31 ? 2008 HOH C O   1 
HETATM 1090 O O   . HOH F 2 .  ? 4.546   1.082   -15.078 1.00 49.83 ? 2009 HOH C O   1 
HETATM 1091 O O   . HOH F 2 .  ? 3.252   -2.524  -13.643 1.00 37.69 ? 2010 HOH C O   1 
HETATM 1092 O O   . HOH F 2 .  ? 10.400  -2.513  -4.475  1.00 29.71 ? 2011 HOH C O   1 
HETATM 1093 O O   . HOH F 2 .  ? 15.221  0.788   -6.565  1.00 48.69 ? 2012 HOH C O   1 
HETATM 1094 O O   . HOH F 2 .  ? 13.613  -2.614  -0.225  1.00 43.59 ? 2013 HOH C O   1 
HETATM 1095 O O   . HOH F 2 .  ? 12.130  -3.335  7.005   1.00 38.04 ? 2014 HOH C O   1 
HETATM 1096 O O   . HOH F 2 .  ? 13.353  -1.459  5.048   1.00 46.63 ? 2015 HOH C O   1 
HETATM 1097 O O   . HOH F 2 .  ? 0.001   -4.217  16.807  1.00 36.68 ? 2016 HOH C O   1 
HETATM 1098 O O   . HOH F 2 .  ? 5.442   -3.766  21.247  1.00 40.39 ? 2017 HOH C O   1 
HETATM 1099 O O   . HOH F 2 .  ? -2.197  -1.151  22.036  1.00 40.16 ? 2018 HOH C O   1 
HETATM 1100 O O   . HOH F 2 .  ? -5.869  -7.246  23.438  1.00 24.73 ? 2019 HOH C O   1 
HETATM 1101 O O   . HOH F 2 .  ? -2.412  -2.620  25.955  1.00 35.90 ? 2020 HOH C O   1 
HETATM 1102 O O   . HOH F 2 .  ? -0.861  -3.929  30.577  1.00 50.55 ? 2021 HOH C O   1 
HETATM 1103 O O   . HOH F 2 .  ? -3.935  -5.209  26.559  1.00 44.38 ? 2022 HOH C O   1 
HETATM 1104 O O   . HOH F 2 .  ? -4.893  -15.181 23.065  1.00 25.37 ? 2023 HOH C O   1 
# 
